data_2C7W
# 
_entry.id   2C7W 
# 
_audit_conform.dict_name       mmcif_pdbx.dic 
_audit_conform.dict_version    5.397 
_audit_conform.dict_location   http://mmcif.pdb.org/dictionaries/ascii/mmcif_pdbx.dic 
# 
loop_
_database_2.database_id 
_database_2.database_code 
_database_2.pdbx_database_accession 
_database_2.pdbx_DOI 
PDB   2C7W         pdb_00002c7w 10.2210/pdb2c7w/pdb 
PDBE  EBI-26588    ?            ?                   
WWPDB D_1290026588 ?            ?                   
# 
loop_
_pdbx_audit_revision_history.ordinal 
_pdbx_audit_revision_history.data_content_type 
_pdbx_audit_revision_history.major_revision 
_pdbx_audit_revision_history.minor_revision 
_pdbx_audit_revision_history.revision_date 
1 'Structure model' 1 0 2007-01-30 
2 'Structure model' 1 1 2011-05-08 
3 'Structure model' 1 2 2011-07-13 
4 'Structure model' 1 3 2023-12-13 
5 'Structure model' 1 4 2024-10-23 
# 
_pdbx_audit_revision_details.ordinal             1 
_pdbx_audit_revision_details.revision_ordinal    1 
_pdbx_audit_revision_details.data_content_type   'Structure model' 
_pdbx_audit_revision_details.provider            repository 
_pdbx_audit_revision_details.type                'Initial release' 
_pdbx_audit_revision_details.description         ? 
_pdbx_audit_revision_details.details             ? 
# 
loop_
_pdbx_audit_revision_group.ordinal 
_pdbx_audit_revision_group.revision_ordinal 
_pdbx_audit_revision_group.data_content_type 
_pdbx_audit_revision_group.group 
1 2 'Structure model' 'Version format compliance' 
2 3 'Structure model' 'Version format compliance' 
3 4 'Structure model' 'Data collection'           
4 4 'Structure model' 'Database references'       
5 4 'Structure model' Other                       
6 4 'Structure model' 'Refinement description'    
7 5 'Structure model' 'Structure summary'         
# 
loop_
_pdbx_audit_revision_category.ordinal 
_pdbx_audit_revision_category.revision_ordinal 
_pdbx_audit_revision_category.data_content_type 
_pdbx_audit_revision_category.category 
1 4 'Structure model' chem_comp_atom                
2 4 'Structure model' chem_comp_bond                
3 4 'Structure model' database_2                    
4 4 'Structure model' pdbx_database_status          
5 4 'Structure model' pdbx_initial_refinement_model 
6 5 'Structure model' pdbx_entry_details            
7 5 'Structure model' pdbx_modification_feature     
# 
loop_
_pdbx_audit_revision_item.ordinal 
_pdbx_audit_revision_item.revision_ordinal 
_pdbx_audit_revision_item.data_content_type 
_pdbx_audit_revision_item.item 
1 4 'Structure model' '_database_2.pdbx_DOI'                         
2 4 'Structure model' '_database_2.pdbx_database_accession'          
3 4 'Structure model' '_pdbx_database_status.status_code_sf'         
4 5 'Structure model' '_pdbx_entry_details.has_protein_modification' 
# 
_pdbx_database_status.status_code                     REL 
_pdbx_database_status.entry_id                        2C7W 
_pdbx_database_status.deposit_site                    PDBE 
_pdbx_database_status.process_site                    PDBE 
_pdbx_database_status.SG_entry                        . 
_pdbx_database_status.recvd_initial_deposition_date   2005-11-29 
_pdbx_database_status.pdb_format_compatible           Y 
_pdbx_database_status.status_code_sf                  REL 
_pdbx_database_status.status_code_mr                  ? 
_pdbx_database_status.status_code_cs                  ? 
_pdbx_database_status.methods_development_category    ? 
_pdbx_database_status.status_code_nmr_data            ? 
# 
loop_
_audit_author.name 
_audit_author.pdbx_ordinal 
'Iyer, S.'      1 
'Scotney, P.D.' 2 
'Nash, A.D.'    3 
'Acharya, K.R.' 4 
# 
_citation.id                        primary 
_citation.title                     
'Crystal Structure of Human Vascular Endothelial Growth Factor-B: Identification of Amino Acids Important for Receptor Binding' 
_citation.journal_abbrev            J.Mol.Biol. 
_citation.journal_volume            359 
_citation.page_first                76 
_citation.page_last                 ? 
_citation.year                      2006 
_citation.journal_id_ASTM           JMOBAK 
_citation.country                   UK 
_citation.journal_id_ISSN           0022-2836 
_citation.journal_id_CSD            0070 
_citation.book_publisher            ? 
_citation.pdbx_database_id_PubMed   16616187 
_citation.pdbx_database_id_DOI      10.1016/J.JMB.2006.03.002 
# 
loop_
_citation_author.citation_id 
_citation_author.name 
_citation_author.ordinal 
_citation_author.identifier_ORCID 
primary 'Iyer, S.'      1 ? 
primary 'Scotney, P.D.' 2 ? 
primary 'Nash, A.D.'    3 ? 
primary 'Acharya, K.R.' 4 ? 
# 
loop_
_entity.id 
_entity.type 
_entity.src_method 
_entity.pdbx_description 
_entity.formula_weight 
_entity.pdbx_number_of_molecules 
_entity.pdbx_ec 
_entity.pdbx_mutation 
_entity.pdbx_fragment 
_entity.details 
1 polymer     man 'VASCULAR ENDOTHELIAL GROWTH FACTOR B PRECURSOR' 11157.050 2  ? ? ? ? 
2 non-polymer syn '(4S)-2-METHYL-2,4-PENTANEDIOL'                  118.174   1  ? ? ? ? 
3 water       nat water                                            18.015    74 ? ? ? ? 
# 
_entity_name_com.entity_id   1 
_entity_name_com.name        'VASCULAR ENDOTHELIAL GROWTH FACTOR-B, VEGF-B, VEGF RELATED FACTOR' 
# 
_entity_poly.entity_id                      1 
_entity_poly.type                           'polypeptide(L)' 
_entity_poly.nstd_linkage                   no 
_entity_poly.nstd_monomer                   no 
_entity_poly.pdbx_seq_one_letter_code       
;HQRKVVSWIDVYTRATCQPREVVVPLTVELMGTVAKQLVPSCVTVQRCGGCCPDDGLECVPTGQHQVRMQILMIRYPSSQ
LGEMSLEEHSQCECRPKKK
;
_entity_poly.pdbx_seq_one_letter_code_can   
;HQRKVVSWIDVYTRATCQPREVVVPLTVELMGTVAKQLVPSCVTVQRCGGCCPDDGLECVPTGQHQVRMQILMIRYPSSQ
LGEMSLEEHSQCECRPKKK
;
_entity_poly.pdbx_strand_id                 A,B 
_entity_poly.pdbx_target_identifier         ? 
# 
loop_
_pdbx_entity_nonpoly.entity_id 
_pdbx_entity_nonpoly.name 
_pdbx_entity_nonpoly.comp_id 
2 '(4S)-2-METHYL-2,4-PENTANEDIOL' MPD 
3 water                           HOH 
# 
loop_
_entity_poly_seq.entity_id 
_entity_poly_seq.num 
_entity_poly_seq.mon_id 
_entity_poly_seq.hetero 
1 1  HIS n 
1 2  GLN n 
1 3  ARG n 
1 4  LYS n 
1 5  VAL n 
1 6  VAL n 
1 7  SER n 
1 8  TRP n 
1 9  ILE n 
1 10 ASP n 
1 11 VAL n 
1 12 TYR n 
1 13 THR n 
1 14 ARG n 
1 15 ALA n 
1 16 THR n 
1 17 CYS n 
1 18 GLN n 
1 19 PRO n 
1 20 ARG n 
1 21 GLU n 
1 22 VAL n 
1 23 VAL n 
1 24 VAL n 
1 25 PRO n 
1 26 LEU n 
1 27 THR n 
1 28 VAL n 
1 29 GLU n 
1 30 LEU n 
1 31 MET n 
1 32 GLY n 
1 33 THR n 
1 34 VAL n 
1 35 ALA n 
1 36 LYS n 
1 37 GLN n 
1 38 LEU n 
1 39 VAL n 
1 40 PRO n 
1 41 SER n 
1 42 CYS n 
1 43 VAL n 
1 44 THR n 
1 45 VAL n 
1 46 GLN n 
1 47 ARG n 
1 48 CYS n 
1 49 GLY n 
1 50 GLY n 
1 51 CYS n 
1 52 CYS n 
1 53 PRO n 
1 54 ASP n 
1 55 ASP n 
1 56 GLY n 
1 57 LEU n 
1 58 GLU n 
1 59 CYS n 
1 60 VAL n 
1 61 PRO n 
1 62 THR n 
1 63 GLY n 
1 64 GLN n 
1 65 HIS n 
1 66 GLN n 
1 67 VAL n 
1 68 ARG n 
1 69 MET n 
1 70 GLN n 
1 71 ILE n 
1 72 LEU n 
1 73 MET n 
1 74 ILE n 
1 75 ARG n 
1 76 TYR n 
1 77 PRO n 
1 78 SER n 
1 79 SER n 
1 80 GLN n 
1 81 LEU n 
1 82 GLY n 
1 83 GLU n 
1 84 MET n 
1 85 SER n 
1 86 LEU n 
1 87 GLU n 
1 88 GLU n 
1 89 HIS n 
1 90 SER n 
1 91 GLN n 
1 92 CYS n 
1 93 GLU n 
1 94 CYS n 
1 95 ARG n 
1 96 PRO n 
1 97 LYS n 
1 98 LYS n 
1 99 LYS n 
# 
_entity_src_gen.entity_id                          1 
_entity_src_gen.pdbx_src_id                        1 
_entity_src_gen.pdbx_alt_source_flag               sample 
_entity_src_gen.pdbx_seq_type                      ? 
_entity_src_gen.pdbx_beg_seq_num                   ? 
_entity_src_gen.pdbx_end_seq_num                   ? 
_entity_src_gen.gene_src_common_name               HUMAN 
_entity_src_gen.gene_src_genus                     ? 
_entity_src_gen.pdbx_gene_src_gene                 ? 
_entity_src_gen.gene_src_species                   ? 
_entity_src_gen.gene_src_strain                    ? 
_entity_src_gen.gene_src_tissue                    ? 
_entity_src_gen.gene_src_tissue_fraction           ? 
_entity_src_gen.gene_src_details                   ? 
_entity_src_gen.pdbx_gene_src_fragment             ? 
_entity_src_gen.pdbx_gene_src_scientific_name      'HOMO SAPIENS' 
_entity_src_gen.pdbx_gene_src_ncbi_taxonomy_id     9606 
_entity_src_gen.pdbx_gene_src_variant              ? 
_entity_src_gen.pdbx_gene_src_cell_line            ? 
_entity_src_gen.pdbx_gene_src_atcc                 ? 
_entity_src_gen.pdbx_gene_src_organ                ? 
_entity_src_gen.pdbx_gene_src_organelle            ? 
_entity_src_gen.pdbx_gene_src_cell                 ? 
_entity_src_gen.pdbx_gene_src_cellular_location    ? 
_entity_src_gen.host_org_common_name               ? 
_entity_src_gen.pdbx_host_org_scientific_name      'ESCHERICHIA COLI' 
_entity_src_gen.pdbx_host_org_ncbi_taxonomy_id     562 
_entity_src_gen.host_org_genus                     ? 
_entity_src_gen.pdbx_host_org_gene                 ? 
_entity_src_gen.pdbx_host_org_organ                ? 
_entity_src_gen.host_org_species                   ? 
_entity_src_gen.pdbx_host_org_tissue               ? 
_entity_src_gen.pdbx_host_org_tissue_fraction      ? 
_entity_src_gen.pdbx_host_org_strain               ? 
_entity_src_gen.pdbx_host_org_variant              ? 
_entity_src_gen.pdbx_host_org_cell_line            ? 
_entity_src_gen.pdbx_host_org_atcc                 ? 
_entity_src_gen.pdbx_host_org_culture_collection   ? 
_entity_src_gen.pdbx_host_org_cell                 ? 
_entity_src_gen.pdbx_host_org_organelle            ? 
_entity_src_gen.pdbx_host_org_cellular_location    ? 
_entity_src_gen.pdbx_host_org_vector_type          ? 
_entity_src_gen.pdbx_host_org_vector               ? 
_entity_src_gen.host_org_details                   ? 
_entity_src_gen.expression_system_id               ? 
_entity_src_gen.plasmid_name                       PET15B 
_entity_src_gen.plasmid_details                    ? 
_entity_src_gen.pdbx_description                   ? 
# 
loop_
_chem_comp.id 
_chem_comp.type 
_chem_comp.mon_nstd_flag 
_chem_comp.name 
_chem_comp.pdbx_synonyms 
_chem_comp.formula 
_chem_comp.formula_weight 
ALA 'L-peptide linking' y ALANINE                         ? 'C3 H7 N O2'     89.093  
ARG 'L-peptide linking' y ARGININE                        ? 'C6 H15 N4 O2 1' 175.209 
ASP 'L-peptide linking' y 'ASPARTIC ACID'                 ? 'C4 H7 N O4'     133.103 
CYS 'L-peptide linking' y CYSTEINE                        ? 'C3 H7 N O2 S'   121.158 
GLN 'L-peptide linking' y GLUTAMINE                       ? 'C5 H10 N2 O3'   146.144 
GLU 'L-peptide linking' y 'GLUTAMIC ACID'                 ? 'C5 H9 N O4'     147.129 
GLY 'peptide linking'   y GLYCINE                         ? 'C2 H5 N O2'     75.067  
HIS 'L-peptide linking' y HISTIDINE                       ? 'C6 H10 N3 O2 1' 156.162 
HOH non-polymer         . WATER                           ? 'H2 O'           18.015  
ILE 'L-peptide linking' y ISOLEUCINE                      ? 'C6 H13 N O2'    131.173 
LEU 'L-peptide linking' y LEUCINE                         ? 'C6 H13 N O2'    131.173 
LYS 'L-peptide linking' y LYSINE                          ? 'C6 H15 N2 O2 1' 147.195 
MET 'L-peptide linking' y METHIONINE                      ? 'C5 H11 N O2 S'  149.211 
MPD non-polymer         . '(4S)-2-METHYL-2,4-PENTANEDIOL' ? 'C6 H14 O2'      118.174 
PRO 'L-peptide linking' y PROLINE                         ? 'C5 H9 N O2'     115.130 
SER 'L-peptide linking' y SERINE                          ? 'C3 H7 N O3'     105.093 
THR 'L-peptide linking' y THREONINE                       ? 'C4 H9 N O3'     119.119 
TRP 'L-peptide linking' y TRYPTOPHAN                      ? 'C11 H12 N2 O2'  204.225 
TYR 'L-peptide linking' y TYROSINE                        ? 'C9 H11 N O3'    181.189 
VAL 'L-peptide linking' y VALINE                          ? 'C5 H11 N O2'    117.146 
# 
loop_
_pdbx_poly_seq_scheme.asym_id 
_pdbx_poly_seq_scheme.entity_id 
_pdbx_poly_seq_scheme.seq_id 
_pdbx_poly_seq_scheme.mon_id 
_pdbx_poly_seq_scheme.ndb_seq_num 
_pdbx_poly_seq_scheme.pdb_seq_num 
_pdbx_poly_seq_scheme.auth_seq_num 
_pdbx_poly_seq_scheme.pdb_mon_id 
_pdbx_poly_seq_scheme.auth_mon_id 
_pdbx_poly_seq_scheme.pdb_strand_id 
_pdbx_poly_seq_scheme.pdb_ins_code 
_pdbx_poly_seq_scheme.hetero 
A 1 1  HIS 1  10  ?   ?   ?   A . n 
A 1 2  GLN 2  11  ?   ?   ?   A . n 
A 1 3  ARG 3  12  ?   ?   ?   A . n 
A 1 4  LYS 4  13  13  LYS LYS A . n 
A 1 5  VAL 5  14  14  VAL VAL A . n 
A 1 6  VAL 6  15  15  VAL VAL A . n 
A 1 7  SER 7  16  16  SER SER A . n 
A 1 8  TRP 8  17  17  TRP TRP A . n 
A 1 9  ILE 9  18  18  ILE ILE A . n 
A 1 10 ASP 10 19  19  ASP ASP A . n 
A 1 11 VAL 11 20  20  VAL VAL A . n 
A 1 12 TYR 12 21  21  TYR TYR A . n 
A 1 13 THR 13 22  22  THR THR A . n 
A 1 14 ARG 14 23  23  ARG ARG A . n 
A 1 15 ALA 15 24  24  ALA ALA A . n 
A 1 16 THR 16 25  25  THR THR A . n 
A 1 17 CYS 17 26  26  CYS CYS A . n 
A 1 18 GLN 18 27  27  GLN GLN A . n 
A 1 19 PRO 19 28  28  PRO PRO A . n 
A 1 20 ARG 20 29  29  ARG ARG A . n 
A 1 21 GLU 21 30  30  GLU GLU A . n 
A 1 22 VAL 22 31  31  VAL VAL A . n 
A 1 23 VAL 23 32  32  VAL VAL A . n 
A 1 24 VAL 24 33  33  VAL VAL A . n 
A 1 25 PRO 25 34  34  PRO PRO A . n 
A 1 26 LEU 26 35  35  LEU LEU A . n 
A 1 27 THR 27 36  36  THR THR A . n 
A 1 28 VAL 28 37  37  VAL VAL A . n 
A 1 29 GLU 29 38  38  GLU GLU A . n 
A 1 30 LEU 30 39  39  LEU LEU A . n 
A 1 31 MET 31 40  40  MET MET A . n 
A 1 32 GLY 32 41  41  GLY GLY A . n 
A 1 33 THR 33 42  42  THR THR A . n 
A 1 34 VAL 34 43  43  VAL VAL A . n 
A 1 35 ALA 35 44  44  ALA ALA A . n 
A 1 36 LYS 36 45  45  LYS LYS A . n 
A 1 37 GLN 37 46  46  GLN GLN A . n 
A 1 38 LEU 38 47  47  LEU LEU A . n 
A 1 39 VAL 39 48  48  VAL VAL A . n 
A 1 40 PRO 40 49  49  PRO PRO A . n 
A 1 41 SER 41 50  50  SER SER A . n 
A 1 42 CYS 42 51  51  CYS CYS A . n 
A 1 43 VAL 43 52  52  VAL VAL A . n 
A 1 44 THR 44 53  53  THR THR A . n 
A 1 45 VAL 45 54  54  VAL VAL A . n 
A 1 46 GLN 46 55  55  GLN GLN A . n 
A 1 47 ARG 47 56  56  ARG ARG A . n 
A 1 48 CYS 48 57  57  CYS CYS A . n 
A 1 49 GLY 49 58  58  GLY GLY A . n 
A 1 50 GLY 50 59  59  GLY GLY A . n 
A 1 51 CYS 51 60  60  CYS CYS A . n 
A 1 52 CYS 52 61  61  CYS CYS A . n 
A 1 53 PRO 53 62  62  PRO PRO A . n 
A 1 54 ASP 54 63  63  ASP ASP A . n 
A 1 55 ASP 55 64  64  ASP ASP A . n 
A 1 56 GLY 56 65  65  GLY GLY A . n 
A 1 57 LEU 57 66  66  LEU LEU A . n 
A 1 58 GLU 58 67  67  GLU GLU A . n 
A 1 59 CYS 59 68  68  CYS CYS A . n 
A 1 60 VAL 60 69  69  VAL VAL A . n 
A 1 61 PRO 61 70  70  PRO PRO A . n 
A 1 62 THR 62 71  71  THR THR A . n 
A 1 63 GLY 63 72  72  GLY GLY A . n 
A 1 64 GLN 64 73  73  GLN GLN A . n 
A 1 65 HIS 65 74  74  HIS HIS A . n 
A 1 66 GLN 66 75  75  GLN GLN A . n 
A 1 67 VAL 67 76  76  VAL VAL A . n 
A 1 68 ARG 68 77  77  ARG ARG A . n 
A 1 69 MET 69 78  78  MET MET A . n 
A 1 70 GLN 70 79  79  GLN GLN A . n 
A 1 71 ILE 71 80  80  ILE ILE A . n 
A 1 72 LEU 72 81  81  LEU LEU A . n 
A 1 73 MET 73 82  82  MET MET A . n 
A 1 74 ILE 74 83  83  ILE ILE A . n 
A 1 75 ARG 75 84  84  ARG ARG A . n 
A 1 76 TYR 76 85  85  TYR TYR A . n 
A 1 77 PRO 77 86  86  PRO PRO A . n 
A 1 78 SER 78 87  87  SER SER A . n 
A 1 79 SER 79 88  88  SER SER A . n 
A 1 80 GLN 80 89  89  GLN GLN A . n 
A 1 81 LEU 81 90  90  LEU LEU A . n 
A 1 82 GLY 82 91  91  GLY GLY A . n 
A 1 83 GLU 83 92  92  GLU GLU A . n 
A 1 84 MET 84 93  93  MET MET A . n 
A 1 85 SER 85 94  94  SER SER A . n 
A 1 86 LEU 86 95  95  LEU LEU A . n 
A 1 87 GLU 87 96  96  GLU GLU A . n 
A 1 88 GLU 88 97  97  GLU GLU A . n 
A 1 89 HIS 89 98  98  HIS HIS A . n 
A 1 90 SER 90 99  99  SER SER A . n 
A 1 91 GLN 91 100 100 GLN GLN A . n 
A 1 92 CYS 92 101 101 CYS CYS A . n 
A 1 93 GLU 93 102 102 GLU GLU A . n 
A 1 94 CYS 94 103 103 CYS CYS A . n 
A 1 95 ARG 95 104 104 ARG ARG A . n 
A 1 96 PRO 96 105 105 PRO PRO A . n 
A 1 97 LYS 97 106 106 LYS LYS A . n 
A 1 98 LYS 98 107 107 LYS LYS A . n 
A 1 99 LYS 99 108 108 LYS LYS A . n 
B 1 1  HIS 1  10  ?   ?   ?   B . n 
B 1 2  GLN 2  11  ?   ?   ?   B . n 
B 1 3  ARG 3  12  ?   ?   ?   B . n 
B 1 4  LYS 4  13  13  LYS LYS B . n 
B 1 5  VAL 5  14  14  VAL VAL B . n 
B 1 6  VAL 6  15  15  VAL VAL B . n 
B 1 7  SER 7  16  16  SER SER B . n 
B 1 8  TRP 8  17  17  TRP TRP B . n 
B 1 9  ILE 9  18  18  ILE ILE B . n 
B 1 10 ASP 10 19  19  ASP ASP B . n 
B 1 11 VAL 11 20  20  VAL VAL B . n 
B 1 12 TYR 12 21  21  TYR TYR B . n 
B 1 13 THR 13 22  22  THR THR B . n 
B 1 14 ARG 14 23  23  ARG ARG B . n 
B 1 15 ALA 15 24  24  ALA ALA B . n 
B 1 16 THR 16 25  25  THR THR B . n 
B 1 17 CYS 17 26  26  CYS CYS B . n 
B 1 18 GLN 18 27  27  GLN GLN B . n 
B 1 19 PRO 19 28  28  PRO PRO B . n 
B 1 20 ARG 20 29  29  ARG ARG B . n 
B 1 21 GLU 21 30  30  GLU GLU B . n 
B 1 22 VAL 22 31  31  VAL VAL B . n 
B 1 23 VAL 23 32  32  VAL VAL B . n 
B 1 24 VAL 24 33  33  VAL VAL B . n 
B 1 25 PRO 25 34  34  PRO PRO B . n 
B 1 26 LEU 26 35  35  LEU LEU B . n 
B 1 27 THR 27 36  36  THR THR B . n 
B 1 28 VAL 28 37  37  VAL VAL B . n 
B 1 29 GLU 29 38  38  GLU GLU B . n 
B 1 30 LEU 30 39  39  LEU LEU B . n 
B 1 31 MET 31 40  40  MET MET B . n 
B 1 32 GLY 32 41  41  GLY GLY B . n 
B 1 33 THR 33 42  42  THR THR B . n 
B 1 34 VAL 34 43  43  VAL VAL B . n 
B 1 35 ALA 35 44  44  ALA ALA B . n 
B 1 36 LYS 36 45  45  LYS LYS B . n 
B 1 37 GLN 37 46  46  GLN GLN B . n 
B 1 38 LEU 38 47  47  LEU LEU B . n 
B 1 39 VAL 39 48  48  VAL VAL B . n 
B 1 40 PRO 40 49  49  PRO PRO B . n 
B 1 41 SER 41 50  50  SER SER B . n 
B 1 42 CYS 42 51  51  CYS CYS B . n 
B 1 43 VAL 43 52  52  VAL VAL B . n 
B 1 44 THR 44 53  53  THR THR B . n 
B 1 45 VAL 45 54  54  VAL VAL B . n 
B 1 46 GLN 46 55  55  GLN GLN B . n 
B 1 47 ARG 47 56  56  ARG ARG B . n 
B 1 48 CYS 48 57  57  CYS CYS B . n 
B 1 49 GLY 49 58  58  GLY GLY B . n 
B 1 50 GLY 50 59  59  GLY GLY B . n 
B 1 51 CYS 51 60  60  CYS CYS B . n 
B 1 52 CYS 52 61  61  CYS CYS B . n 
B 1 53 PRO 53 62  62  PRO PRO B . n 
B 1 54 ASP 54 63  63  ASP ASP B . n 
B 1 55 ASP 55 64  64  ASP ASP B . n 
B 1 56 GLY 56 65  65  GLY GLY B . n 
B 1 57 LEU 57 66  66  LEU LEU B . n 
B 1 58 GLU 58 67  67  GLU GLU B . n 
B 1 59 CYS 59 68  68  CYS CYS B . n 
B 1 60 VAL 60 69  69  VAL VAL B . n 
B 1 61 PRO 61 70  70  PRO PRO B . n 
B 1 62 THR 62 71  71  THR THR B . n 
B 1 63 GLY 63 72  72  GLY GLY B . n 
B 1 64 GLN 64 73  73  GLN GLN B . n 
B 1 65 HIS 65 74  74  HIS HIS B . n 
B 1 66 GLN 66 75  75  GLN GLN B . n 
B 1 67 VAL 67 76  76  VAL VAL B . n 
B 1 68 ARG 68 77  77  ARG ARG B . n 
B 1 69 MET 69 78  78  MET MET B . n 
B 1 70 GLN 70 79  79  GLN GLN B . n 
B 1 71 ILE 71 80  80  ILE ILE B . n 
B 1 72 LEU 72 81  81  LEU LEU B . n 
B 1 73 MET 73 82  82  MET MET B . n 
B 1 74 ILE 74 83  83  ILE ILE B . n 
B 1 75 ARG 75 84  84  ARG ARG B . n 
B 1 76 TYR 76 85  85  TYR TYR B . n 
B 1 77 PRO 77 86  86  PRO PRO B . n 
B 1 78 SER 78 87  87  SER SER B . n 
B 1 79 SER 79 88  88  SER SER B . n 
B 1 80 GLN 80 89  89  GLN GLN B . n 
B 1 81 LEU 81 90  90  LEU LEU B . n 
B 1 82 GLY 82 91  91  GLY GLY B . n 
B 1 83 GLU 83 92  92  GLU GLU B . n 
B 1 84 MET 84 93  93  MET MET B . n 
B 1 85 SER 85 94  94  SER SER B . n 
B 1 86 LEU 86 95  95  LEU LEU B . n 
B 1 87 GLU 87 96  96  GLU GLU B . n 
B 1 88 GLU 88 97  97  GLU GLU B . n 
B 1 89 HIS 89 98  98  HIS HIS B . n 
B 1 90 SER 90 99  99  SER SER B . n 
B 1 91 GLN 91 100 100 GLN GLN B . n 
B 1 92 CYS 92 101 101 CYS CYS B . n 
B 1 93 GLU 93 102 102 GLU GLU B . n 
B 1 94 CYS 94 103 103 CYS CYS B . n 
B 1 95 ARG 95 104 104 ARG ARG B . n 
B 1 96 PRO 96 105 105 PRO PRO B . n 
B 1 97 LYS 97 106 106 LYS LYS B . n 
B 1 98 LYS 98 107 107 LYS LYS B . n 
B 1 99 LYS 99 108 108 LYS LYS B . n 
# 
loop_
_pdbx_nonpoly_scheme.asym_id 
_pdbx_nonpoly_scheme.entity_id 
_pdbx_nonpoly_scheme.mon_id 
_pdbx_nonpoly_scheme.ndb_seq_num 
_pdbx_nonpoly_scheme.pdb_seq_num 
_pdbx_nonpoly_scheme.auth_seq_num 
_pdbx_nonpoly_scheme.pdb_mon_id 
_pdbx_nonpoly_scheme.auth_mon_id 
_pdbx_nonpoly_scheme.pdb_strand_id 
_pdbx_nonpoly_scheme.pdb_ins_code 
C 2 MPD 1  1108 1108 MPD MPD B . 
D 3 HOH 1  2001 2001 HOH HOH A . 
D 3 HOH 2  2002 2002 HOH HOH A . 
D 3 HOH 3  2003 2003 HOH HOH A . 
D 3 HOH 4  2004 2004 HOH HOH A . 
D 3 HOH 5  2005 2005 HOH HOH A . 
D 3 HOH 6  2006 2006 HOH HOH A . 
D 3 HOH 7  2007 2007 HOH HOH A . 
D 3 HOH 8  2008 2008 HOH HOH A . 
D 3 HOH 9  2009 2009 HOH HOH A . 
D 3 HOH 10 2010 2010 HOH HOH A . 
D 3 HOH 11 2011 2011 HOH HOH A . 
D 3 HOH 12 2012 2012 HOH HOH A . 
D 3 HOH 13 2013 2013 HOH HOH A . 
D 3 HOH 14 2014 2014 HOH HOH A . 
D 3 HOH 15 2015 2015 HOH HOH A . 
D 3 HOH 16 2016 2016 HOH HOH A . 
D 3 HOH 17 2017 2017 HOH HOH A . 
D 3 HOH 18 2018 2018 HOH HOH A . 
D 3 HOH 19 2019 2019 HOH HOH A . 
D 3 HOH 20 2020 2020 HOH HOH A . 
D 3 HOH 21 2021 2021 HOH HOH A . 
D 3 HOH 22 2022 2022 HOH HOH A . 
D 3 HOH 23 2023 2023 HOH HOH A . 
D 3 HOH 24 2024 2024 HOH HOH A . 
D 3 HOH 25 2025 2025 HOH HOH A . 
D 3 HOH 26 2026 2026 HOH HOH A . 
D 3 HOH 27 2027 2027 HOH HOH A . 
D 3 HOH 28 2028 2028 HOH HOH A . 
D 3 HOH 29 2029 2029 HOH HOH A . 
D 3 HOH 30 2030 2030 HOH HOH A . 
D 3 HOH 31 2031 2031 HOH HOH A . 
D 3 HOH 32 2032 2032 HOH HOH A . 
D 3 HOH 33 2033 2033 HOH HOH A . 
D 3 HOH 34 2034 2034 HOH HOH A . 
D 3 HOH 35 2035 2035 HOH HOH A . 
D 3 HOH 36 2036 2036 HOH HOH A . 
D 3 HOH 37 2037 2037 HOH HOH A . 
D 3 HOH 38 2038 2038 HOH HOH A . 
D 3 HOH 39 2039 2039 HOH HOH A . 
D 3 HOH 40 2040 2040 HOH HOH A . 
E 3 HOH 1  2001 2001 HOH HOH B . 
E 3 HOH 2  2002 2002 HOH HOH B . 
E 3 HOH 3  2003 2003 HOH HOH B . 
E 3 HOH 4  2004 2004 HOH HOH B . 
E 3 HOH 5  2005 2005 HOH HOH B . 
E 3 HOH 6  2006 2006 HOH HOH B . 
E 3 HOH 7  2007 2007 HOH HOH B . 
E 3 HOH 8  2008 2008 HOH HOH B . 
E 3 HOH 9  2009 2009 HOH HOH B . 
E 3 HOH 10 2010 2010 HOH HOH B . 
E 3 HOH 11 2011 2011 HOH HOH B . 
E 3 HOH 12 2012 2012 HOH HOH B . 
E 3 HOH 13 2013 2013 HOH HOH B . 
E 3 HOH 14 2014 2014 HOH HOH B . 
E 3 HOH 15 2015 2015 HOH HOH B . 
E 3 HOH 16 2016 2016 HOH HOH B . 
E 3 HOH 17 2017 2017 HOH HOH B . 
E 3 HOH 18 2018 2018 HOH HOH B . 
E 3 HOH 19 2019 2019 HOH HOH B . 
E 3 HOH 20 2020 2020 HOH HOH B . 
E 3 HOH 21 2021 2021 HOH HOH B . 
E 3 HOH 22 2022 2022 HOH HOH B . 
E 3 HOH 23 2023 2023 HOH HOH B . 
E 3 HOH 24 2024 2024 HOH HOH B . 
E 3 HOH 25 2025 2025 HOH HOH B . 
E 3 HOH 26 2026 2026 HOH HOH B . 
E 3 HOH 27 2027 2027 HOH HOH B . 
E 3 HOH 28 2028 2028 HOH HOH B . 
E 3 HOH 29 2029 2029 HOH HOH B . 
E 3 HOH 30 2030 2030 HOH HOH B . 
E 3 HOH 31 2031 2031 HOH HOH B . 
E 3 HOH 32 2032 2032 HOH HOH B . 
E 3 HOH 33 2033 2033 HOH HOH B . 
E 3 HOH 34 2034 2034 HOH HOH B . 
# 
loop_
_pdbx_unobs_or_zero_occ_atoms.id 
_pdbx_unobs_or_zero_occ_atoms.PDB_model_num 
_pdbx_unobs_or_zero_occ_atoms.polymer_flag 
_pdbx_unobs_or_zero_occ_atoms.occupancy_flag 
_pdbx_unobs_or_zero_occ_atoms.auth_asym_id 
_pdbx_unobs_or_zero_occ_atoms.auth_comp_id 
_pdbx_unobs_or_zero_occ_atoms.auth_seq_id 
_pdbx_unobs_or_zero_occ_atoms.PDB_ins_code 
_pdbx_unobs_or_zero_occ_atoms.auth_atom_id 
_pdbx_unobs_or_zero_occ_atoms.label_alt_id 
_pdbx_unobs_or_zero_occ_atoms.label_asym_id 
_pdbx_unobs_or_zero_occ_atoms.label_comp_id 
_pdbx_unobs_or_zero_occ_atoms.label_seq_id 
_pdbx_unobs_or_zero_occ_atoms.label_atom_id 
1  1 Y 1 A GLU 38  ? CB  ? A GLU 29 CB  
2  1 Y 1 A GLU 38  ? CG  ? A GLU 29 CG  
3  1 Y 1 A GLU 38  ? CD  ? A GLU 29 CD  
4  1 Y 1 A GLU 38  ? OE1 ? A GLU 29 OE1 
5  1 Y 1 A GLU 38  ? OE2 ? A GLU 29 OE2 
6  1 Y 1 A LEU 39  ? CB  ? A LEU 30 CB  
7  1 Y 1 A LEU 39  ? CG  ? A LEU 30 CG  
8  1 Y 1 A LEU 39  ? CD1 ? A LEU 30 CD1 
9  1 Y 1 A LEU 39  ? CD2 ? A LEU 30 CD2 
10 1 Y 1 A THR 42  ? CB  ? A THR 33 CB  
11 1 Y 1 A THR 42  ? OG1 ? A THR 33 OG1 
12 1 Y 1 A THR 42  ? CG2 ? A THR 33 CG2 
13 1 Y 1 A LYS 45  ? CG  ? A LYS 36 CG  
14 1 Y 1 A LYS 45  ? CD  ? A LYS 36 CD  
15 1 Y 1 A LYS 45  ? CE  ? A LYS 36 CE  
16 1 Y 1 A LYS 45  ? NZ  ? A LYS 36 NZ  
17 1 Y 1 A SER 88  ? CB  ? A SER 79 CB  
18 1 Y 1 A SER 88  ? OG  ? A SER 79 OG  
19 1 Y 1 A LYS 106 ? CB  ? A LYS 97 CB  
20 1 Y 1 A LYS 106 ? CG  ? A LYS 97 CG  
21 1 Y 1 A LYS 106 ? CD  ? A LYS 97 CD  
22 1 Y 1 A LYS 106 ? CE  ? A LYS 97 CE  
23 1 Y 1 A LYS 106 ? NZ  ? A LYS 97 NZ  
24 1 Y 1 A LYS 107 ? CG  ? A LYS 98 CG  
25 1 Y 1 A LYS 107 ? CD  ? A LYS 98 CD  
26 1 Y 1 A LYS 107 ? CE  ? A LYS 98 CE  
27 1 Y 1 A LYS 107 ? NZ  ? A LYS 98 NZ  
28 1 Y 1 A LYS 108 ? CA  ? A LYS 99 CA  
29 1 Y 1 A LYS 108 ? C   ? A LYS 99 C   
30 1 Y 1 A LYS 108 ? O   ? A LYS 99 O   
31 1 Y 1 A LYS 108 ? CB  ? A LYS 99 CB  
32 1 Y 1 A LYS 108 ? CG  ? A LYS 99 CG  
33 1 Y 1 A LYS 108 ? CD  ? A LYS 99 CD  
34 1 Y 1 A LYS 108 ? CE  ? A LYS 99 CE  
35 1 Y 1 A LYS 108 ? NZ  ? A LYS 99 NZ  
36 1 Y 1 B GLU 30  ? CG  ? B GLU 21 CG  
37 1 Y 1 B GLU 30  ? CD  ? B GLU 21 CD  
38 1 Y 1 B GLU 30  ? OE1 ? B GLU 21 OE1 
39 1 Y 1 B GLU 30  ? OE2 ? B GLU 21 OE2 
40 1 Y 1 B VAL 37  ? CB  ? B VAL 28 CB  
41 1 Y 1 B VAL 37  ? CG1 ? B VAL 28 CG1 
42 1 Y 1 B VAL 37  ? CG2 ? B VAL 28 CG2 
43 1 Y 1 B GLU 38  ? CB  ? B GLU 29 CB  
44 1 Y 1 B GLU 38  ? CG  ? B GLU 29 CG  
45 1 Y 1 B GLU 38  ? CD  ? B GLU 29 CD  
46 1 Y 1 B GLU 38  ? OE1 ? B GLU 29 OE1 
47 1 Y 1 B GLU 38  ? OE2 ? B GLU 29 OE2 
48 1 Y 1 B LEU 39  ? CB  ? B LEU 30 CB  
49 1 Y 1 B LEU 39  ? CG  ? B LEU 30 CG  
50 1 Y 1 B LEU 39  ? CD1 ? B LEU 30 CD1 
51 1 Y 1 B LEU 39  ? CD2 ? B LEU 30 CD2 
52 1 Y 1 B MET 40  ? CB  ? B MET 31 CB  
53 1 Y 1 B MET 40  ? CG  ? B MET 31 CG  
54 1 Y 1 B MET 40  ? SD  ? B MET 31 SD  
55 1 Y 1 B MET 40  ? CE  ? B MET 31 CE  
56 1 Y 1 B LYS 45  ? CB  ? B LYS 36 CB  
57 1 Y 1 B LYS 45  ? CG  ? B LYS 36 CG  
58 1 Y 1 B LYS 45  ? CD  ? B LYS 36 CD  
59 1 Y 1 B LYS 45  ? CE  ? B LYS 36 CE  
60 1 Y 1 B LYS 45  ? NZ  ? B LYS 36 NZ  
61 1 Y 1 B GLN 46  ? CB  ? B GLN 37 CB  
62 1 Y 1 B GLN 46  ? CG  ? B GLN 37 CG  
63 1 Y 1 B GLN 46  ? CD  ? B GLN 37 CD  
64 1 Y 1 B GLN 46  ? OE1 ? B GLN 37 OE1 
65 1 Y 1 B GLN 46  ? NE2 ? B GLN 37 NE2 
66 1 Y 1 B ARG 84  ? CG  ? B ARG 75 CG  
67 1 Y 1 B ARG 84  ? CD  ? B ARG 75 CD  
68 1 Y 1 B ARG 84  ? NE  ? B ARG 75 NE  
69 1 Y 1 B ARG 84  ? CZ  ? B ARG 75 CZ  
70 1 Y 1 B ARG 84  ? NH1 ? B ARG 75 NH1 
71 1 Y 1 B ARG 84  ? NH2 ? B ARG 75 NH2 
72 1 Y 1 B LYS 106 ? CB  ? B LYS 97 CB  
73 1 Y 1 B LYS 106 ? CG  ? B LYS 97 CG  
74 1 Y 1 B LYS 106 ? CD  ? B LYS 97 CD  
75 1 Y 1 B LYS 106 ? CE  ? B LYS 97 CE  
76 1 Y 1 B LYS 106 ? NZ  ? B LYS 97 NZ  
77 1 Y 1 B LYS 107 ? CG  ? B LYS 98 CG  
78 1 Y 1 B LYS 107 ? CD  ? B LYS 98 CD  
79 1 Y 1 B LYS 107 ? CE  ? B LYS 98 CE  
80 1 Y 1 B LYS 107 ? NZ  ? B LYS 98 NZ  
81 1 Y 1 B LYS 108 ? CA  ? B LYS 99 CA  
82 1 Y 1 B LYS 108 ? C   ? B LYS 99 C   
83 1 Y 1 B LYS 108 ? O   ? B LYS 99 O   
84 1 Y 1 B LYS 108 ? CB  ? B LYS 99 CB  
85 1 Y 1 B LYS 108 ? CG  ? B LYS 99 CG  
86 1 Y 1 B LYS 108 ? CD  ? B LYS 99 CD  
87 1 Y 1 B LYS 108 ? CE  ? B LYS 99 CE  
88 1 Y 1 B LYS 108 ? NZ  ? B LYS 99 NZ  
# 
loop_
_software.name 
_software.classification 
_software.version 
_software.citation_id 
_software.pdbx_ordinal 
CNS      refinement       1.1 ? 1 
HKL-2000 'data reduction' .   ? 2 
HKL-2000 'data scaling'   .   ? 3 
AMoRE    phasing          .   ? 4 
# 
_cell.entry_id           2C7W 
_cell.length_a           120.806 
_cell.length_b           120.806 
_cell.length_c           39.826 
_cell.angle_alpha        90.00 
_cell.angle_beta         90.00 
_cell.angle_gamma        120.00 
_cell.Z_PDB              12 
_cell.pdbx_unique_axis   ? 
# 
_symmetry.entry_id                         2C7W 
_symmetry.space_group_name_H-M             'P 64' 
_symmetry.pdbx_full_space_group_name_H-M   ? 
_symmetry.cell_setting                     ? 
_symmetry.Int_Tables_number                172 
# 
_exptl.entry_id          2C7W 
_exptl.method            'X-RAY DIFFRACTION' 
_exptl.crystals_number   1 
# 
_exptl_crystal.id                    1 
_exptl_crystal.density_meas          ? 
_exptl_crystal.density_Matthews      3.4 
_exptl_crystal.density_percent_sol   63.1 
_exptl_crystal.description           ? 
# 
_exptl_crystal_grow.crystal_id      1 
_exptl_crystal_grow.method          ? 
_exptl_crystal_grow.temp            ? 
_exptl_crystal_grow.temp_details    ? 
_exptl_crystal_grow.pH              6.80 
_exptl_crystal_grow.pdbx_pH_range   ? 
_exptl_crystal_grow.pdbx_details    '0.1M HEPES (PH 6.8), 0.5M AMMONIUM SULPHATE 50%, MPD' 
# 
_diffrn.id                     1 
_diffrn.ambient_temp           100.0 
_diffrn.ambient_temp_details   ? 
_diffrn.crystal_id             1 
# 
_diffrn_detector.diffrn_id              1 
_diffrn_detector.detector               CCD 
_diffrn_detector.type                   'ADSC CCD' 
_diffrn_detector.pdbx_collection_date   2003-09-18 
_diffrn_detector.details                MIRRORS 
# 
_diffrn_radiation.diffrn_id                        1 
_diffrn_radiation.wavelength_id                    1 
_diffrn_radiation.pdbx_monochromatic_or_laue_m_l   M 
_diffrn_radiation.monochromator                    'SI 111' 
_diffrn_radiation.pdbx_diffrn_protocol             'SINGLE WAVELENGTH' 
_diffrn_radiation.pdbx_scattering_type             x-ray 
# 
_diffrn_radiation_wavelength.id           1 
_diffrn_radiation_wavelength.wavelength   0.9795 
_diffrn_radiation_wavelength.wt           1.0 
# 
_diffrn_source.diffrn_id                   1 
_diffrn_source.source                      SYNCHROTRON 
_diffrn_source.type                        'SRS BEAMLINE PX14.2' 
_diffrn_source.pdbx_synchrotron_site       SRS 
_diffrn_source.pdbx_synchrotron_beamline   PX14.2 
_diffrn_source.pdbx_wavelength             0.9795 
_diffrn_source.pdbx_wavelength_list        ? 
# 
_reflns.pdbx_diffrn_id               1 
_reflns.pdbx_ordinal                 1 
_reflns.entry_id                     2C7W 
_reflns.observed_criterion_sigma_I   0.000 
_reflns.observed_criterion_sigma_F   ? 
_reflns.d_resolution_low             40.000 
_reflns.d_resolution_high            2.480 
_reflns.number_obs                   12054 
_reflns.number_all                   ? 
_reflns.percent_possible_obs         97.4 
_reflns.pdbx_Rmerge_I_obs            0.09600 
_reflns.pdbx_Rsym_value              ? 
_reflns.pdbx_netI_over_sigmaI        12.9000 
_reflns.B_iso_Wilson_estimate        43.1 
_reflns.pdbx_redundancy              9.100 
# 
_reflns_shell.pdbx_diffrn_id         1 
_reflns_shell.pdbx_ordinal           1 
_reflns_shell.d_res_high             2.48 
_reflns_shell.d_res_low              2.57 
_reflns_shell.percent_possible_all   99.3 
_reflns_shell.Rmerge_I_obs           0.63000 
_reflns_shell.pdbx_Rsym_value        ? 
_reflns_shell.meanI_over_sigI_obs    2.400 
_reflns_shell.pdbx_redundancy        10.10 
# 
_refine.pdbx_refine_id                           'X-RAY DIFFRACTION' 
_refine.entry_id                                 2C7W 
_refine.pdbx_diffrn_id                           1 
_refine.pdbx_TLS_residual_ADP_flag               ? 
_refine.ls_number_reflns_obs                     10937 
_refine.ls_number_reflns_all                     ? 
_refine.pdbx_ls_sigma_I                          ? 
_refine.pdbx_ls_sigma_F                          0.0 
_refine.pdbx_data_cutoff_high_absF               441769.31 
_refine.pdbx_data_cutoff_low_absF                ? 
_refine.pdbx_data_cutoff_high_rms_absF           ? 
_refine.ls_d_res_low                             40.00 
_refine.ls_d_res_high                            2.48 
_refine.ls_percent_reflns_obs                    90.7 
_refine.ls_R_factor_obs                          0.286 
_refine.ls_R_factor_all                          ? 
_refine.ls_R_factor_R_work                       0.286 
_refine.ls_R_factor_R_free                       0.310 
_refine.ls_R_factor_R_free_error                 0.012 
_refine.ls_R_factor_R_free_error_details         ? 
_refine.ls_percent_reflns_R_free                 5.9 
_refine.ls_number_reflns_R_free                  712 
_refine.ls_number_parameters                     ? 
_refine.ls_number_restraints                     ? 
_refine.occupancy_min                            ? 
_refine.occupancy_max                            ? 
_refine.correlation_coeff_Fo_to_Fc               ? 
_refine.correlation_coeff_Fo_to_Fc_free          ? 
_refine.B_iso_mean                               40.2 
_refine.aniso_B[1][1]                            ? 
_refine.aniso_B[2][2]                            ? 
_refine.aniso_B[3][3]                            ? 
_refine.aniso_B[1][2]                            ? 
_refine.aniso_B[1][3]                            ? 
_refine.aniso_B[2][3]                            ? 
_refine.solvent_model_details                    'FLAT MODEL' 
_refine.solvent_model_param_ksol                 0.379841 
_refine.solvent_model_param_bsol                 72.1563 
_refine.pdbx_solvent_vdw_probe_radii             ? 
_refine.pdbx_solvent_ion_probe_radii             ? 
_refine.pdbx_solvent_shrinkage_radii             ? 
_refine.pdbx_ls_cross_valid_method               THROUGHOUT 
_refine.details                                  ? 
_refine.pdbx_starting_model                      'PDB ENTRY 2VPF' 
_refine.pdbx_method_to_determine_struct          'MOLECULAR REPLACEMENT' 
_refine.pdbx_isotropic_thermal_model             RESTRAINED 
_refine.pdbx_stereochemistry_target_values       'MAXIMUM LIKELIHOOD' 
_refine.pdbx_stereochem_target_val_spec_case     ? 
_refine.pdbx_R_Free_selection_details            RANDOM 
_refine.pdbx_overall_ESU_R                       ? 
_refine.pdbx_overall_ESU_R_Free                  ? 
_refine.overall_SU_ML                            ? 
_refine.pdbx_overall_phase_error                 ? 
_refine.overall_SU_B                             ? 
_refine.overall_SU_R_Cruickshank_DPI             ? 
_refine.pdbx_overall_SU_R_free_Cruickshank_DPI   ? 
_refine.pdbx_overall_SU_R_Blow_DPI               ? 
_refine.pdbx_overall_SU_R_free_Blow_DPI          ? 
# 
_refine_analyze.pdbx_refine_id                  'X-RAY DIFFRACTION' 
_refine_analyze.entry_id                        2C7W 
_refine_analyze.Luzzati_coordinate_error_obs    0.41 
_refine_analyze.Luzzati_sigma_a_obs             0.44 
_refine_analyze.Luzzati_d_res_low_obs           5.00 
_refine_analyze.Luzzati_coordinate_error_free   0.43 
_refine_analyze.Luzzati_sigma_a_free            0.56 
_refine_analyze.Luzzati_d_res_low_free          ? 
_refine_analyze.number_disordered_residues      ? 
_refine_analyze.occupancy_sum_hydrogen          ? 
_refine_analyze.occupancy_sum_non_hydrogen      ? 
# 
_refine_hist.pdbx_refine_id                   'X-RAY DIFFRACTION' 
_refine_hist.cycle_id                         LAST 
_refine_hist.pdbx_number_atoms_protein        1392 
_refine_hist.pdbx_number_atoms_nucleic_acid   0 
_refine_hist.pdbx_number_atoms_ligand         8 
_refine_hist.number_atoms_solvent             74 
_refine_hist.number_atoms_total               1474 
_refine_hist.d_res_high                       2.48 
_refine_hist.d_res_low                        40.00 
# 
loop_
_refine_ls_restr.type 
_refine_ls_restr.dev_ideal 
_refine_ls_restr.dev_ideal_target 
_refine_ls_restr.weight 
_refine_ls_restr.number 
_refine_ls_restr.pdbx_refine_id 
_refine_ls_restr.pdbx_restraint_function 
c_bond_d                0.009 ? ? ? 'X-RAY DIFFRACTION' ? 
c_bond_d_na             ?     ? ? ? 'X-RAY DIFFRACTION' ? 
c_bond_d_prot           ?     ? ? ? 'X-RAY DIFFRACTION' ? 
c_angle_d               ?     ? ? ? 'X-RAY DIFFRACTION' ? 
c_angle_d_na            ?     ? ? ? 'X-RAY DIFFRACTION' ? 
c_angle_d_prot          ?     ? ? ? 'X-RAY DIFFRACTION' ? 
c_angle_deg             1.6   ? ? ? 'X-RAY DIFFRACTION' ? 
c_angle_deg_na          ?     ? ? ? 'X-RAY DIFFRACTION' ? 
c_angle_deg_prot        ?     ? ? ? 'X-RAY DIFFRACTION' ? 
c_dihedral_angle_d      25.8  ? ? ? 'X-RAY DIFFRACTION' ? 
c_dihedral_angle_d_na   ?     ? ? ? 'X-RAY DIFFRACTION' ? 
c_dihedral_angle_d_prot ?     ? ? ? 'X-RAY DIFFRACTION' ? 
c_improper_angle_d      1.11  ? ? ? 'X-RAY DIFFRACTION' ? 
c_improper_angle_d_na   ?     ? ? ? 'X-RAY DIFFRACTION' ? 
c_improper_angle_d_prot ?     ? ? ? 'X-RAY DIFFRACTION' ? 
c_mcbond_it             ?     ? ? ? 'X-RAY DIFFRACTION' ? 
c_mcangle_it            ?     ? ? ? 'X-RAY DIFFRACTION' ? 
c_scbond_it             ?     ? ? ? 'X-RAY DIFFRACTION' ? 
c_scangle_it            ?     ? ? ? 'X-RAY DIFFRACTION' ? 
# 
_refine_ls_shell.pdbx_refine_id                   'X-RAY DIFFRACTION' 
_refine_ls_shell.pdbx_total_number_of_bins_used   6 
_refine_ls_shell.d_res_high                       2.48 
_refine_ls_shell.d_res_low                        2.57 
_refine_ls_shell.number_reflns_R_work             ? 
_refine_ls_shell.R_factor_R_work                  0.312 
_refine_ls_shell.percent_reflns_obs               ? 
_refine_ls_shell.R_factor_R_free                  ? 
_refine_ls_shell.R_factor_R_free_error            ? 
_refine_ls_shell.percent_reflns_R_free            ? 
_refine_ls_shell.number_reflns_R_free             ? 
_refine_ls_shell.number_reflns_all                ? 
_refine_ls_shell.R_factor_all                     ? 
# 
loop_
_pdbx_xplor_file.pdbx_refine_id 
_pdbx_xplor_file.serial_no 
_pdbx_xplor_file.param_file 
_pdbx_xplor_file.topol_file 
'X-RAY DIFFRACTION' 1 PROTEIN_REP.PARAM PROTEIN.TOP 
'X-RAY DIFFRACTION' 2 WATER_REP.PARAM   WATER.TOP   
'X-RAY DIFFRACTION' 3 MPD.PARAM         MPD.TOP     
# 
_struct.entry_id                  2C7W 
_struct.title                     
'Crystal Structure of human vascular endothelial growth factor-B: Identification of amino acids important for angiogeninc activity' 
_struct.pdbx_model_details        ? 
_struct.pdbx_CASP_flag            ? 
_struct.pdbx_model_type_details   ? 
# 
_struct_keywords.entry_id        2C7W 
_struct_keywords.pdbx_keywords   'GROWTH FACTOR' 
_struct_keywords.text            
;VASCULAR ENDOTHELIAL GROWTH FACTOR-B, ANGIOGENESIS, CYSTEINE-KNOT MOTIF, TYROSINE KINASE, ISCHEMIA, MITOGEN, GLYCOPROTEIN, GROWTH FACTOR, HEPARIN-BINDING
;
# 
loop_
_struct_asym.id 
_struct_asym.pdbx_blank_PDB_chainid_flag 
_struct_asym.pdbx_modified 
_struct_asym.entity_id 
_struct_asym.details 
A N N 1 ? 
B N N 1 ? 
C N N 2 ? 
D N N 3 ? 
E N N 3 ? 
# 
_struct_ref.id                         1 
_struct_ref.db_name                    UNP 
_struct_ref.db_code                    VEGFB_HUMAN 
_struct_ref.entity_id                  1 
_struct_ref.pdbx_seq_one_letter_code   ? 
_struct_ref.pdbx_align_begin           ? 
_struct_ref.pdbx_db_accession          P49765 
_struct_ref.pdbx_db_isoform            ? 
# 
loop_
_struct_ref_seq.align_id 
_struct_ref_seq.ref_id 
_struct_ref_seq.pdbx_PDB_id_code 
_struct_ref_seq.pdbx_strand_id 
_struct_ref_seq.seq_align_beg 
_struct_ref_seq.pdbx_seq_align_beg_ins_code 
_struct_ref_seq.seq_align_end 
_struct_ref_seq.pdbx_seq_align_end_ins_code 
_struct_ref_seq.pdbx_db_accession 
_struct_ref_seq.db_align_beg 
_struct_ref_seq.pdbx_db_align_beg_ins_code 
_struct_ref_seq.db_align_end 
_struct_ref_seq.pdbx_db_align_end_ins_code 
_struct_ref_seq.pdbx_auth_seq_align_beg 
_struct_ref_seq.pdbx_auth_seq_align_end 
1 1 2C7W A 1 ? 99 ? P49765 31 ? 129 ? 10 108 
2 1 2C7W B 1 ? 99 ? P49765 31 ? 129 ? 10 108 
# 
_pdbx_struct_assembly.id                   1 
_pdbx_struct_assembly.details              author_and_software_defined_assembly 
_pdbx_struct_assembly.method_details       PQS 
_pdbx_struct_assembly.oligomeric_details   dimeric 
_pdbx_struct_assembly.oligomeric_count     2 
# 
_pdbx_struct_assembly_gen.assembly_id       1 
_pdbx_struct_assembly_gen.oper_expression   1 
_pdbx_struct_assembly_gen.asym_id_list      A,B,C,D,E 
# 
_pdbx_struct_oper_list.id                   1 
_pdbx_struct_oper_list.type                 'identity operation' 
_pdbx_struct_oper_list.name                 1_555 
_pdbx_struct_oper_list.symmetry_operation   x,y,z 
_pdbx_struct_oper_list.matrix[1][1]         1.0000000000 
_pdbx_struct_oper_list.matrix[1][2]         0.0000000000 
_pdbx_struct_oper_list.matrix[1][3]         0.0000000000 
_pdbx_struct_oper_list.vector[1]            0.0000000000 
_pdbx_struct_oper_list.matrix[2][1]         0.0000000000 
_pdbx_struct_oper_list.matrix[2][2]         1.0000000000 
_pdbx_struct_oper_list.matrix[2][3]         0.0000000000 
_pdbx_struct_oper_list.vector[2]            0.0000000000 
_pdbx_struct_oper_list.matrix[3][1]         0.0000000000 
_pdbx_struct_oper_list.matrix[3][2]         0.0000000000 
_pdbx_struct_oper_list.matrix[3][3]         1.0000000000 
_pdbx_struct_oper_list.vector[3]            0.0000000000 
# 
_struct_biol.id   1 
# 
loop_
_struct_conf.conf_type_id 
_struct_conf.id 
_struct_conf.pdbx_PDB_helix_id 
_struct_conf.beg_label_comp_id 
_struct_conf.beg_label_asym_id 
_struct_conf.beg_label_seq_id 
_struct_conf.pdbx_beg_PDB_ins_code 
_struct_conf.end_label_comp_id 
_struct_conf.end_label_asym_id 
_struct_conf.end_label_seq_id 
_struct_conf.pdbx_end_PDB_ins_code 
_struct_conf.beg_auth_comp_id 
_struct_conf.beg_auth_asym_id 
_struct_conf.beg_auth_seq_id 
_struct_conf.end_auth_comp_id 
_struct_conf.end_auth_asym_id 
_struct_conf.end_auth_seq_id 
_struct_conf.pdbx_PDB_helix_class 
_struct_conf.details 
_struct_conf.pdbx_PDB_helix_length 
HELX_P HELX_P1 1 SER A 7  ? THR A 16 ? SER A 16 THR A 25 1 ? 10 
HELX_P HELX_P2 1 LEU A 26 ? VAL A 39 ? LEU A 35 VAL A 48 1 ? 14 
HELX_P HELX_P3 2 SER B 7  ? THR B 16 ? SER B 16 THR B 25 1 ? 10 
HELX_P HELX_P4 2 LEU B 26 ? VAL B 39 ? LEU B 35 VAL B 48 1 ? 14 
# 
_struct_conf_type.id          HELX_P 
_struct_conf_type.criteria    ? 
_struct_conf_type.reference   ? 
# 
loop_
_struct_conn.id 
_struct_conn.conn_type_id 
_struct_conn.pdbx_leaving_atom_flag 
_struct_conn.pdbx_PDB_id 
_struct_conn.ptnr1_label_asym_id 
_struct_conn.ptnr1_label_comp_id 
_struct_conn.ptnr1_label_seq_id 
_struct_conn.ptnr1_label_atom_id 
_struct_conn.pdbx_ptnr1_label_alt_id 
_struct_conn.pdbx_ptnr1_PDB_ins_code 
_struct_conn.pdbx_ptnr1_standard_comp_id 
_struct_conn.ptnr1_symmetry 
_struct_conn.ptnr2_label_asym_id 
_struct_conn.ptnr2_label_comp_id 
_struct_conn.ptnr2_label_seq_id 
_struct_conn.ptnr2_label_atom_id 
_struct_conn.pdbx_ptnr2_label_alt_id 
_struct_conn.pdbx_ptnr2_PDB_ins_code 
_struct_conn.ptnr1_auth_asym_id 
_struct_conn.ptnr1_auth_comp_id 
_struct_conn.ptnr1_auth_seq_id 
_struct_conn.ptnr2_auth_asym_id 
_struct_conn.ptnr2_auth_comp_id 
_struct_conn.ptnr2_auth_seq_id 
_struct_conn.ptnr2_symmetry 
_struct_conn.pdbx_ptnr3_label_atom_id 
_struct_conn.pdbx_ptnr3_label_seq_id 
_struct_conn.pdbx_ptnr3_label_comp_id 
_struct_conn.pdbx_ptnr3_label_asym_id 
_struct_conn.pdbx_ptnr3_label_alt_id 
_struct_conn.pdbx_ptnr3_PDB_ins_code 
_struct_conn.details 
_struct_conn.pdbx_dist_value 
_struct_conn.pdbx_value_order 
_struct_conn.pdbx_role 
disulf1 disulf ? ? A CYS 17 SG ? ? ? 1_555 A CYS 59 SG ? ? A CYS 26 A CYS 68  1_555 ? ? ? ? ? ? ? 2.027 ? ? 
disulf2 disulf ? ? A CYS 42 SG ? ? ? 1_555 B CYS 51 SG ? ? A CYS 51 B CYS 60  1_555 ? ? ? ? ? ? ? 2.047 ? ? 
disulf3 disulf ? ? A CYS 48 SG ? ? ? 1_555 A CYS 92 SG ? ? A CYS 57 A CYS 101 1_555 ? ? ? ? ? ? ? 2.027 ? ? 
disulf4 disulf ? ? A CYS 51 SG ? ? ? 1_555 B CYS 42 SG ? ? A CYS 60 B CYS 51  1_555 ? ? ? ? ? ? ? 2.040 ? ? 
disulf5 disulf ? ? A CYS 52 SG ? ? ? 1_555 A CYS 94 SG ? ? A CYS 61 A CYS 103 1_555 ? ? ? ? ? ? ? 2.031 ? ? 
disulf6 disulf ? ? B CYS 17 SG ? ? ? 1_555 B CYS 59 SG ? ? B CYS 26 B CYS 68  1_555 ? ? ? ? ? ? ? 2.025 ? ? 
disulf7 disulf ? ? B CYS 48 SG ? ? ? 1_555 B CYS 92 SG ? ? B CYS 57 B CYS 101 1_555 ? ? ? ? ? ? ? 2.027 ? ? 
disulf8 disulf ? ? B CYS 52 SG ? ? ? 1_555 B CYS 94 SG ? ? B CYS 61 B CYS 103 1_555 ? ? ? ? ? ? ? 2.032 ? ? 
# 
_struct_conn_type.id          disulf 
_struct_conn_type.criteria    ? 
_struct_conn_type.reference   ? 
# 
loop_
_pdbx_modification_feature.ordinal 
_pdbx_modification_feature.label_comp_id 
_pdbx_modification_feature.label_asym_id 
_pdbx_modification_feature.label_seq_id 
_pdbx_modification_feature.label_alt_id 
_pdbx_modification_feature.modified_residue_label_comp_id 
_pdbx_modification_feature.modified_residue_label_asym_id 
_pdbx_modification_feature.modified_residue_label_seq_id 
_pdbx_modification_feature.modified_residue_label_alt_id 
_pdbx_modification_feature.auth_comp_id 
_pdbx_modification_feature.auth_asym_id 
_pdbx_modification_feature.auth_seq_id 
_pdbx_modification_feature.PDB_ins_code 
_pdbx_modification_feature.symmetry 
_pdbx_modification_feature.modified_residue_auth_comp_id 
_pdbx_modification_feature.modified_residue_auth_asym_id 
_pdbx_modification_feature.modified_residue_auth_seq_id 
_pdbx_modification_feature.modified_residue_PDB_ins_code 
_pdbx_modification_feature.modified_residue_symmetry 
_pdbx_modification_feature.comp_id_linking_atom 
_pdbx_modification_feature.modified_residue_id_linking_atom 
_pdbx_modification_feature.modified_residue_id 
_pdbx_modification_feature.ref_pcm_id 
_pdbx_modification_feature.ref_comp_id 
_pdbx_modification_feature.type 
_pdbx_modification_feature.category 
1 CYS A 17 ? CYS A 59 ? CYS A 26 ? 1_555 CYS A 68  ? 1_555 SG SG . . . None 'Disulfide bridge' 
2 CYS A 42 ? CYS B 51 ? CYS A 51 ? 1_555 CYS B 60  ? 1_555 SG SG . . . None 'Disulfide bridge' 
3 CYS A 48 ? CYS A 92 ? CYS A 57 ? 1_555 CYS A 101 ? 1_555 SG SG . . . None 'Disulfide bridge' 
4 CYS A 51 ? CYS B 42 ? CYS A 60 ? 1_555 CYS B 51  ? 1_555 SG SG . . . None 'Disulfide bridge' 
5 CYS A 52 ? CYS A 94 ? CYS A 61 ? 1_555 CYS A 103 ? 1_555 SG SG . . . None 'Disulfide bridge' 
6 CYS B 17 ? CYS B 59 ? CYS B 26 ? 1_555 CYS B 68  ? 1_555 SG SG . . . None 'Disulfide bridge' 
7 CYS B 48 ? CYS B 92 ? CYS B 57 ? 1_555 CYS B 101 ? 1_555 SG SG . . . None 'Disulfide bridge' 
8 CYS B 52 ? CYS B 94 ? CYS B 61 ? 1_555 CYS B 103 ? 1_555 SG SG . . . None 'Disulfide bridge' 
# 
loop_
_struct_mon_prot_cis.pdbx_id 
_struct_mon_prot_cis.label_comp_id 
_struct_mon_prot_cis.label_seq_id 
_struct_mon_prot_cis.label_asym_id 
_struct_mon_prot_cis.label_alt_id 
_struct_mon_prot_cis.pdbx_PDB_ins_code 
_struct_mon_prot_cis.auth_comp_id 
_struct_mon_prot_cis.auth_seq_id 
_struct_mon_prot_cis.auth_asym_id 
_struct_mon_prot_cis.pdbx_label_comp_id_2 
_struct_mon_prot_cis.pdbx_label_seq_id_2 
_struct_mon_prot_cis.pdbx_label_asym_id_2 
_struct_mon_prot_cis.pdbx_PDB_ins_code_2 
_struct_mon_prot_cis.pdbx_auth_comp_id_2 
_struct_mon_prot_cis.pdbx_auth_seq_id_2 
_struct_mon_prot_cis.pdbx_auth_asym_id_2 
_struct_mon_prot_cis.pdbx_PDB_model_num 
_struct_mon_prot_cis.pdbx_omega_angle 
1 VAL 39 A . ? VAL 48 A PRO 40 A ? PRO 49 A 1 -0.06 
2 VAL 39 B . ? VAL 48 B PRO 40 B ? PRO 49 B 1 -0.09 
# 
loop_
_struct_sheet.id 
_struct_sheet.type 
_struct_sheet.number_strands 
_struct_sheet.details 
AA ? 2 ? 
AB ? 2 ? 
AC ? 3 ? 
AD ? 2 ? 
AE ? 2 ? 
BA ? 3 ? 
# 
loop_
_struct_sheet_order.sheet_id 
_struct_sheet_order.range_id_1 
_struct_sheet_order.range_id_2 
_struct_sheet_order.offset 
_struct_sheet_order.sense 
AA 1 2 ? anti-parallel 
AB 1 2 ? anti-parallel 
AC 1 2 ? anti-parallel 
AC 2 3 ? parallel      
AD 1 2 ? anti-parallel 
AE 1 2 ? anti-parallel 
BA 1 2 ? anti-parallel 
BA 2 3 ? parallel      
# 
loop_
_struct_sheet_range.sheet_id 
_struct_sheet_range.id 
_struct_sheet_range.beg_label_comp_id 
_struct_sheet_range.beg_label_asym_id 
_struct_sheet_range.beg_label_seq_id 
_struct_sheet_range.pdbx_beg_PDB_ins_code 
_struct_sheet_range.end_label_comp_id 
_struct_sheet_range.end_label_asym_id 
_struct_sheet_range.end_label_seq_id 
_struct_sheet_range.pdbx_end_PDB_ins_code 
_struct_sheet_range.beg_auth_comp_id 
_struct_sheet_range.beg_auth_asym_id 
_struct_sheet_range.beg_auth_seq_id 
_struct_sheet_range.end_auth_comp_id 
_struct_sheet_range.end_auth_asym_id 
_struct_sheet_range.end_auth_seq_id 
AA 1 GLN A 18 ? PRO A 25 ? GLN A 27  PRO A 34  
AA 2 CYS A 42 ? GLY A 49 ? CYS A 51  GLY A 58  
AB 1 LEU A 57 ? VAL A 60 ? LEU A 66  VAL A 69  
AB 2 GLU A 93 ? PRO A 96 ? GLU A 102 PRO A 105 
AC 1 GLN A 37 ? VAL A 39 ? GLN A 46  VAL A 48  
AC 2 GLN A 64 ? ARG A 75 ? GLN A 73  ARG A 84  
AC 3 GLN A 80 ? SER A 90 ? GLN A 89  SER A 99  
AD 1 GLN B 18 ? PRO B 25 ? GLN B 27  PRO B 34  
AD 2 CYS B 42 ? GLY B 49 ? CYS B 51  GLY B 58  
AE 1 LEU B 57 ? VAL B 60 ? LEU B 66  VAL B 69  
AE 2 GLU B 93 ? PRO B 96 ? GLU B 102 PRO B 105 
BA 1 GLN B 37 ? VAL B 39 ? GLN B 46  VAL B 48  
BA 2 GLN B 64 ? ARG B 75 ? GLN B 73  ARG B 84  
BA 3 GLN B 80 ? SER B 90 ? GLN B 89  SER B 99  
# 
loop_
_pdbx_struct_sheet_hbond.sheet_id 
_pdbx_struct_sheet_hbond.range_id_1 
_pdbx_struct_sheet_hbond.range_id_2 
_pdbx_struct_sheet_hbond.range_1_label_atom_id 
_pdbx_struct_sheet_hbond.range_1_label_comp_id 
_pdbx_struct_sheet_hbond.range_1_label_asym_id 
_pdbx_struct_sheet_hbond.range_1_label_seq_id 
_pdbx_struct_sheet_hbond.range_1_PDB_ins_code 
_pdbx_struct_sheet_hbond.range_1_auth_atom_id 
_pdbx_struct_sheet_hbond.range_1_auth_comp_id 
_pdbx_struct_sheet_hbond.range_1_auth_asym_id 
_pdbx_struct_sheet_hbond.range_1_auth_seq_id 
_pdbx_struct_sheet_hbond.range_2_label_atom_id 
_pdbx_struct_sheet_hbond.range_2_label_comp_id 
_pdbx_struct_sheet_hbond.range_2_label_asym_id 
_pdbx_struct_sheet_hbond.range_2_label_seq_id 
_pdbx_struct_sheet_hbond.range_2_PDB_ins_code 
_pdbx_struct_sheet_hbond.range_2_auth_atom_id 
_pdbx_struct_sheet_hbond.range_2_auth_comp_id 
_pdbx_struct_sheet_hbond.range_2_auth_asym_id 
_pdbx_struct_sheet_hbond.range_2_auth_seq_id 
AA 1 2 N VAL A 24 ? N VAL A 33 O VAL A 43 ? O VAL A 52 
AC 1 2 N VAL A 39 ? N VAL A 48 O LEU A 72 ? O LEU A 81 
AD 1 2 N VAL B 24 ? N VAL B 33 O VAL B 43 ? O VAL B 52 
BA 1 2 N VAL B 39 ? N VAL B 48 O LEU B 72 ? O LEU B 81 
# 
_struct_site.id                   AC1 
_struct_site.pdbx_evidence_code   Software 
_struct_site.pdbx_auth_asym_id    ? 
_struct_site.pdbx_auth_comp_id    ? 
_struct_site.pdbx_auth_seq_id     ? 
_struct_site.pdbx_auth_ins_code   ? 
_struct_site.pdbx_num_residues    7 
_struct_site.details              'BINDING SITE FOR RESIDUE MPD B1108' 
# 
loop_
_struct_site_gen.id 
_struct_site_gen.site_id 
_struct_site_gen.pdbx_num_res 
_struct_site_gen.label_comp_id 
_struct_site_gen.label_asym_id 
_struct_site_gen.label_seq_id 
_struct_site_gen.pdbx_auth_ins_code 
_struct_site_gen.auth_comp_id 
_struct_site_gen.auth_asym_id 
_struct_site_gen.auth_seq_id 
_struct_site_gen.label_atom_id 
_struct_site_gen.label_alt_id 
_struct_site_gen.symmetry 
_struct_site_gen.details 
1 AC1 7 GLN A 70 ? GLN A 79 . ? 1_555 ? 
2 AC1 7 LEU A 81 ? LEU A 90 . ? 1_555 ? 
3 AC1 7 GLY A 82 ? GLY A 91 . ? 1_555 ? 
4 AC1 7 GLU A 83 ? GLU A 92 . ? 1_555 ? 
5 AC1 7 GLN B 70 ? GLN B 79 . ? 1_555 ? 
6 AC1 7 LEU B 81 ? LEU B 90 . ? 1_555 ? 
7 AC1 7 GLU B 83 ? GLU B 92 . ? 1_555 ? 
# 
_pdbx_entry_details.entry_id                   2C7W 
_pdbx_entry_details.compound_details           'WORK AS A GROWTH FACTOR FOR ENDOTHELIAL CELLS.' 
_pdbx_entry_details.source_details             ? 
_pdbx_entry_details.nonpolymer_details         ? 
_pdbx_entry_details.sequence_details           ? 
_pdbx_entry_details.has_ligand_of_interest     ? 
_pdbx_entry_details.has_protein_modification   Y 
# 
loop_
_pdbx_validate_torsion.id 
_pdbx_validate_torsion.PDB_model_num 
_pdbx_validate_torsion.auth_comp_id 
_pdbx_validate_torsion.auth_asym_id 
_pdbx_validate_torsion.auth_seq_id 
_pdbx_validate_torsion.PDB_ins_code 
_pdbx_validate_torsion.label_alt_id 
_pdbx_validate_torsion.phi 
_pdbx_validate_torsion.psi 
1  1 ILE A 18  ? ? -73.26  42.29   
2  1 ASP A 19  ? ? -154.12 -50.51  
3  1 CYS A 26  ? ? -35.81  127.30  
4  1 THR A 36  ? ? -59.81  178.40  
5  1 GLU A 38  ? ? -47.14  -19.79  
6  1 ALA A 44  ? ? -33.42  99.63   
7  1 PRO A 62  ? ? -56.06  24.97   
8  1 ASP A 63  ? ? 174.95  148.96  
9  1 TYR A 85  ? ? -12.55  -70.87  
10 1 PRO A 86  ? ? -18.92  -56.71  
11 1 SER A 87  ? ? -172.75 -173.49 
12 1 PRO A 105 ? ? -49.26  163.60  
13 1 LYS A 107 ? ? -67.32  -165.73 
14 1 CYS B 26  ? ? -32.59  121.72  
15 1 VAL B 37  ? ? -140.64 -59.67  
16 1 GLU B 38  ? ? -54.83  -71.65  
17 1 MET B 40  ? ? -35.60  -28.36  
18 1 THR B 42  ? ? 44.81   86.11   
19 1 GLN B 46  ? ? 119.25  8.90    
20 1 PRO B 62  ? ? -48.67  -3.22   
21 1 THR B 71  ? ? -140.57 20.54   
22 1 HIS B 74  ? ? 175.56  148.52  
23 1 TYR B 85  ? ? 20.01   -83.33  
24 1 LYS B 106 ? ? -79.83  46.59   
# 
loop_
_pdbx_database_remark.id 
_pdbx_database_remark.text 
650 
;
HELIX
DETERMINATION METHOD: AUTHOR PROVIDED.
;
700 
;
SHEET
DETERMINATION METHOD: AUTHOR PROVIDED.
;
# 
_pdbx_distant_solvent_atoms.id                                1 
_pdbx_distant_solvent_atoms.PDB_model_num                     1 
_pdbx_distant_solvent_atoms.auth_atom_id                      O 
_pdbx_distant_solvent_atoms.label_alt_id                      ? 
_pdbx_distant_solvent_atoms.auth_asym_id                      B 
_pdbx_distant_solvent_atoms.auth_comp_id                      HOH 
_pdbx_distant_solvent_atoms.auth_seq_id                       2013 
_pdbx_distant_solvent_atoms.PDB_ins_code                      ? 
_pdbx_distant_solvent_atoms.neighbor_macromolecule_distance   5.97 
_pdbx_distant_solvent_atoms.neighbor_ligand_distance          . 
# 
loop_
_pdbx_unobs_or_zero_occ_residues.id 
_pdbx_unobs_or_zero_occ_residues.PDB_model_num 
_pdbx_unobs_or_zero_occ_residues.polymer_flag 
_pdbx_unobs_or_zero_occ_residues.occupancy_flag 
_pdbx_unobs_or_zero_occ_residues.auth_asym_id 
_pdbx_unobs_or_zero_occ_residues.auth_comp_id 
_pdbx_unobs_or_zero_occ_residues.auth_seq_id 
_pdbx_unobs_or_zero_occ_residues.PDB_ins_code 
_pdbx_unobs_or_zero_occ_residues.label_asym_id 
_pdbx_unobs_or_zero_occ_residues.label_comp_id 
_pdbx_unobs_or_zero_occ_residues.label_seq_id 
1 1 Y 1 A HIS 10 ? A HIS 1 
2 1 Y 1 A GLN 11 ? A GLN 2 
3 1 Y 1 A ARG 12 ? A ARG 3 
4 1 Y 1 B HIS 10 ? B HIS 1 
5 1 Y 1 B GLN 11 ? B GLN 2 
6 1 Y 1 B ARG 12 ? B ARG 3 
# 
loop_
_chem_comp_atom.comp_id 
_chem_comp_atom.atom_id 
_chem_comp_atom.type_symbol 
_chem_comp_atom.pdbx_aromatic_flag 
_chem_comp_atom.pdbx_stereo_config 
_chem_comp_atom.pdbx_ordinal 
ALA N    N N N 1   
ALA CA   C N S 2   
ALA C    C N N 3   
ALA O    O N N 4   
ALA CB   C N N 5   
ALA OXT  O N N 6   
ALA H    H N N 7   
ALA H2   H N N 8   
ALA HA   H N N 9   
ALA HB1  H N N 10  
ALA HB2  H N N 11  
ALA HB3  H N N 12  
ALA HXT  H N N 13  
ARG N    N N N 14  
ARG CA   C N S 15  
ARG C    C N N 16  
ARG O    O N N 17  
ARG CB   C N N 18  
ARG CG   C N N 19  
ARG CD   C N N 20  
ARG NE   N N N 21  
ARG CZ   C N N 22  
ARG NH1  N N N 23  
ARG NH2  N N N 24  
ARG OXT  O N N 25  
ARG H    H N N 26  
ARG H2   H N N 27  
ARG HA   H N N 28  
ARG HB2  H N N 29  
ARG HB3  H N N 30  
ARG HG2  H N N 31  
ARG HG3  H N N 32  
ARG HD2  H N N 33  
ARG HD3  H N N 34  
ARG HE   H N N 35  
ARG HH11 H N N 36  
ARG HH12 H N N 37  
ARG HH21 H N N 38  
ARG HH22 H N N 39  
ARG HXT  H N N 40  
ASP N    N N N 41  
ASP CA   C N S 42  
ASP C    C N N 43  
ASP O    O N N 44  
ASP CB   C N N 45  
ASP CG   C N N 46  
ASP OD1  O N N 47  
ASP OD2  O N N 48  
ASP OXT  O N N 49  
ASP H    H N N 50  
ASP H2   H N N 51  
ASP HA   H N N 52  
ASP HB2  H N N 53  
ASP HB3  H N N 54  
ASP HD2  H N N 55  
ASP HXT  H N N 56  
CYS N    N N N 57  
CYS CA   C N R 58  
CYS C    C N N 59  
CYS O    O N N 60  
CYS CB   C N N 61  
CYS SG   S N N 62  
CYS OXT  O N N 63  
CYS H    H N N 64  
CYS H2   H N N 65  
CYS HA   H N N 66  
CYS HB2  H N N 67  
CYS HB3  H N N 68  
CYS HG   H N N 69  
CYS HXT  H N N 70  
GLN N    N N N 71  
GLN CA   C N S 72  
GLN C    C N N 73  
GLN O    O N N 74  
GLN CB   C N N 75  
GLN CG   C N N 76  
GLN CD   C N N 77  
GLN OE1  O N N 78  
GLN NE2  N N N 79  
GLN OXT  O N N 80  
GLN H    H N N 81  
GLN H2   H N N 82  
GLN HA   H N N 83  
GLN HB2  H N N 84  
GLN HB3  H N N 85  
GLN HG2  H N N 86  
GLN HG3  H N N 87  
GLN HE21 H N N 88  
GLN HE22 H N N 89  
GLN HXT  H N N 90  
GLU N    N N N 91  
GLU CA   C N S 92  
GLU C    C N N 93  
GLU O    O N N 94  
GLU CB   C N N 95  
GLU CG   C N N 96  
GLU CD   C N N 97  
GLU OE1  O N N 98  
GLU OE2  O N N 99  
GLU OXT  O N N 100 
GLU H    H N N 101 
GLU H2   H N N 102 
GLU HA   H N N 103 
GLU HB2  H N N 104 
GLU HB3  H N N 105 
GLU HG2  H N N 106 
GLU HG3  H N N 107 
GLU HE2  H N N 108 
GLU HXT  H N N 109 
GLY N    N N N 110 
GLY CA   C N N 111 
GLY C    C N N 112 
GLY O    O N N 113 
GLY OXT  O N N 114 
GLY H    H N N 115 
GLY H2   H N N 116 
GLY HA2  H N N 117 
GLY HA3  H N N 118 
GLY HXT  H N N 119 
HIS N    N N N 120 
HIS CA   C N S 121 
HIS C    C N N 122 
HIS O    O N N 123 
HIS CB   C N N 124 
HIS CG   C Y N 125 
HIS ND1  N Y N 126 
HIS CD2  C Y N 127 
HIS CE1  C Y N 128 
HIS NE2  N Y N 129 
HIS OXT  O N N 130 
HIS H    H N N 131 
HIS H2   H N N 132 
HIS HA   H N N 133 
HIS HB2  H N N 134 
HIS HB3  H N N 135 
HIS HD1  H N N 136 
HIS HD2  H N N 137 
HIS HE1  H N N 138 
HIS HE2  H N N 139 
HIS HXT  H N N 140 
HOH O    O N N 141 
HOH H1   H N N 142 
HOH H2   H N N 143 
ILE N    N N N 144 
ILE CA   C N S 145 
ILE C    C N N 146 
ILE O    O N N 147 
ILE CB   C N S 148 
ILE CG1  C N N 149 
ILE CG2  C N N 150 
ILE CD1  C N N 151 
ILE OXT  O N N 152 
ILE H    H N N 153 
ILE H2   H N N 154 
ILE HA   H N N 155 
ILE HB   H N N 156 
ILE HG12 H N N 157 
ILE HG13 H N N 158 
ILE HG21 H N N 159 
ILE HG22 H N N 160 
ILE HG23 H N N 161 
ILE HD11 H N N 162 
ILE HD12 H N N 163 
ILE HD13 H N N 164 
ILE HXT  H N N 165 
LEU N    N N N 166 
LEU CA   C N S 167 
LEU C    C N N 168 
LEU O    O N N 169 
LEU CB   C N N 170 
LEU CG   C N N 171 
LEU CD1  C N N 172 
LEU CD2  C N N 173 
LEU OXT  O N N 174 
LEU H    H N N 175 
LEU H2   H N N 176 
LEU HA   H N N 177 
LEU HB2  H N N 178 
LEU HB3  H N N 179 
LEU HG   H N N 180 
LEU HD11 H N N 181 
LEU HD12 H N N 182 
LEU HD13 H N N 183 
LEU HD21 H N N 184 
LEU HD22 H N N 185 
LEU HD23 H N N 186 
LEU HXT  H N N 187 
LYS N    N N N 188 
LYS CA   C N S 189 
LYS C    C N N 190 
LYS O    O N N 191 
LYS CB   C N N 192 
LYS CG   C N N 193 
LYS CD   C N N 194 
LYS CE   C N N 195 
LYS NZ   N N N 196 
LYS OXT  O N N 197 
LYS H    H N N 198 
LYS H2   H N N 199 
LYS HA   H N N 200 
LYS HB2  H N N 201 
LYS HB3  H N N 202 
LYS HG2  H N N 203 
LYS HG3  H N N 204 
LYS HD2  H N N 205 
LYS HD3  H N N 206 
LYS HE2  H N N 207 
LYS HE3  H N N 208 
LYS HZ1  H N N 209 
LYS HZ2  H N N 210 
LYS HZ3  H N N 211 
LYS HXT  H N N 212 
MET N    N N N 213 
MET CA   C N S 214 
MET C    C N N 215 
MET O    O N N 216 
MET CB   C N N 217 
MET CG   C N N 218 
MET SD   S N N 219 
MET CE   C N N 220 
MET OXT  O N N 221 
MET H    H N N 222 
MET H2   H N N 223 
MET HA   H N N 224 
MET HB2  H N N 225 
MET HB3  H N N 226 
MET HG2  H N N 227 
MET HG3  H N N 228 
MET HE1  H N N 229 
MET HE2  H N N 230 
MET HE3  H N N 231 
MET HXT  H N N 232 
MPD C1   C N N 233 
MPD C2   C N N 234 
MPD O2   O N N 235 
MPD CM   C N N 236 
MPD C3   C N N 237 
MPD C4   C N S 238 
MPD O4   O N N 239 
MPD C5   C N N 240 
MPD H11  H N N 241 
MPD H12  H N N 242 
MPD H13  H N N 243 
MPD HO2  H N N 244 
MPD HM1  H N N 245 
MPD HM2  H N N 246 
MPD HM3  H N N 247 
MPD H31  H N N 248 
MPD H32  H N N 249 
MPD H4   H N N 250 
MPD HO4  H N N 251 
MPD H51  H N N 252 
MPD H52  H N N 253 
MPD H53  H N N 254 
PRO N    N N N 255 
PRO CA   C N S 256 
PRO C    C N N 257 
PRO O    O N N 258 
PRO CB   C N N 259 
PRO CG   C N N 260 
PRO CD   C N N 261 
PRO OXT  O N N 262 
PRO H    H N N 263 
PRO HA   H N N 264 
PRO HB2  H N N 265 
PRO HB3  H N N 266 
PRO HG2  H N N 267 
PRO HG3  H N N 268 
PRO HD2  H N N 269 
PRO HD3  H N N 270 
PRO HXT  H N N 271 
SER N    N N N 272 
SER CA   C N S 273 
SER C    C N N 274 
SER O    O N N 275 
SER CB   C N N 276 
SER OG   O N N 277 
SER OXT  O N N 278 
SER H    H N N 279 
SER H2   H N N 280 
SER HA   H N N 281 
SER HB2  H N N 282 
SER HB3  H N N 283 
SER HG   H N N 284 
SER HXT  H N N 285 
THR N    N N N 286 
THR CA   C N S 287 
THR C    C N N 288 
THR O    O N N 289 
THR CB   C N R 290 
THR OG1  O N N 291 
THR CG2  C N N 292 
THR OXT  O N N 293 
THR H    H N N 294 
THR H2   H N N 295 
THR HA   H N N 296 
THR HB   H N N 297 
THR HG1  H N N 298 
THR HG21 H N N 299 
THR HG22 H N N 300 
THR HG23 H N N 301 
THR HXT  H N N 302 
TRP N    N N N 303 
TRP CA   C N S 304 
TRP C    C N N 305 
TRP O    O N N 306 
TRP CB   C N N 307 
TRP CG   C Y N 308 
TRP CD1  C Y N 309 
TRP CD2  C Y N 310 
TRP NE1  N Y N 311 
TRP CE2  C Y N 312 
TRP CE3  C Y N 313 
TRP CZ2  C Y N 314 
TRP CZ3  C Y N 315 
TRP CH2  C Y N 316 
TRP OXT  O N N 317 
TRP H    H N N 318 
TRP H2   H N N 319 
TRP HA   H N N 320 
TRP HB2  H N N 321 
TRP HB3  H N N 322 
TRP HD1  H N N 323 
TRP HE1  H N N 324 
TRP HE3  H N N 325 
TRP HZ2  H N N 326 
TRP HZ3  H N N 327 
TRP HH2  H N N 328 
TRP HXT  H N N 329 
TYR N    N N N 330 
TYR CA   C N S 331 
TYR C    C N N 332 
TYR O    O N N 333 
TYR CB   C N N 334 
TYR CG   C Y N 335 
TYR CD1  C Y N 336 
TYR CD2  C Y N 337 
TYR CE1  C Y N 338 
TYR CE2  C Y N 339 
TYR CZ   C Y N 340 
TYR OH   O N N 341 
TYR OXT  O N N 342 
TYR H    H N N 343 
TYR H2   H N N 344 
TYR HA   H N N 345 
TYR HB2  H N N 346 
TYR HB3  H N N 347 
TYR HD1  H N N 348 
TYR HD2  H N N 349 
TYR HE1  H N N 350 
TYR HE2  H N N 351 
TYR HH   H N N 352 
TYR HXT  H N N 353 
VAL N    N N N 354 
VAL CA   C N S 355 
VAL C    C N N 356 
VAL O    O N N 357 
VAL CB   C N N 358 
VAL CG1  C N N 359 
VAL CG2  C N N 360 
VAL OXT  O N N 361 
VAL H    H N N 362 
VAL H2   H N N 363 
VAL HA   H N N 364 
VAL HB   H N N 365 
VAL HG11 H N N 366 
VAL HG12 H N N 367 
VAL HG13 H N N 368 
VAL HG21 H N N 369 
VAL HG22 H N N 370 
VAL HG23 H N N 371 
VAL HXT  H N N 372 
# 
loop_
_chem_comp_bond.comp_id 
_chem_comp_bond.atom_id_1 
_chem_comp_bond.atom_id_2 
_chem_comp_bond.value_order 
_chem_comp_bond.pdbx_aromatic_flag 
_chem_comp_bond.pdbx_stereo_config 
_chem_comp_bond.pdbx_ordinal 
ALA N   CA   sing N N 1   
ALA N   H    sing N N 2   
ALA N   H2   sing N N 3   
ALA CA  C    sing N N 4   
ALA CA  CB   sing N N 5   
ALA CA  HA   sing N N 6   
ALA C   O    doub N N 7   
ALA C   OXT  sing N N 8   
ALA CB  HB1  sing N N 9   
ALA CB  HB2  sing N N 10  
ALA CB  HB3  sing N N 11  
ALA OXT HXT  sing N N 12  
ARG N   CA   sing N N 13  
ARG N   H    sing N N 14  
ARG N   H2   sing N N 15  
ARG CA  C    sing N N 16  
ARG CA  CB   sing N N 17  
ARG CA  HA   sing N N 18  
ARG C   O    doub N N 19  
ARG C   OXT  sing N N 20  
ARG CB  CG   sing N N 21  
ARG CB  HB2  sing N N 22  
ARG CB  HB3  sing N N 23  
ARG CG  CD   sing N N 24  
ARG CG  HG2  sing N N 25  
ARG CG  HG3  sing N N 26  
ARG CD  NE   sing N N 27  
ARG CD  HD2  sing N N 28  
ARG CD  HD3  sing N N 29  
ARG NE  CZ   sing N N 30  
ARG NE  HE   sing N N 31  
ARG CZ  NH1  sing N N 32  
ARG CZ  NH2  doub N N 33  
ARG NH1 HH11 sing N N 34  
ARG NH1 HH12 sing N N 35  
ARG NH2 HH21 sing N N 36  
ARG NH2 HH22 sing N N 37  
ARG OXT HXT  sing N N 38  
ASP N   CA   sing N N 39  
ASP N   H    sing N N 40  
ASP N   H2   sing N N 41  
ASP CA  C    sing N N 42  
ASP CA  CB   sing N N 43  
ASP CA  HA   sing N N 44  
ASP C   O    doub N N 45  
ASP C   OXT  sing N N 46  
ASP CB  CG   sing N N 47  
ASP CB  HB2  sing N N 48  
ASP CB  HB3  sing N N 49  
ASP CG  OD1  doub N N 50  
ASP CG  OD2  sing N N 51  
ASP OD2 HD2  sing N N 52  
ASP OXT HXT  sing N N 53  
CYS N   CA   sing N N 54  
CYS N   H    sing N N 55  
CYS N   H2   sing N N 56  
CYS CA  C    sing N N 57  
CYS CA  CB   sing N N 58  
CYS CA  HA   sing N N 59  
CYS C   O    doub N N 60  
CYS C   OXT  sing N N 61  
CYS CB  SG   sing N N 62  
CYS CB  HB2  sing N N 63  
CYS CB  HB3  sing N N 64  
CYS SG  HG   sing N N 65  
CYS OXT HXT  sing N N 66  
GLN N   CA   sing N N 67  
GLN N   H    sing N N 68  
GLN N   H2   sing N N 69  
GLN CA  C    sing N N 70  
GLN CA  CB   sing N N 71  
GLN CA  HA   sing N N 72  
GLN C   O    doub N N 73  
GLN C   OXT  sing N N 74  
GLN CB  CG   sing N N 75  
GLN CB  HB2  sing N N 76  
GLN CB  HB3  sing N N 77  
GLN CG  CD   sing N N 78  
GLN CG  HG2  sing N N 79  
GLN CG  HG3  sing N N 80  
GLN CD  OE1  doub N N 81  
GLN CD  NE2  sing N N 82  
GLN NE2 HE21 sing N N 83  
GLN NE2 HE22 sing N N 84  
GLN OXT HXT  sing N N 85  
GLU N   CA   sing N N 86  
GLU N   H    sing N N 87  
GLU N   H2   sing N N 88  
GLU CA  C    sing N N 89  
GLU CA  CB   sing N N 90  
GLU CA  HA   sing N N 91  
GLU C   O    doub N N 92  
GLU C   OXT  sing N N 93  
GLU CB  CG   sing N N 94  
GLU CB  HB2  sing N N 95  
GLU CB  HB3  sing N N 96  
GLU CG  CD   sing N N 97  
GLU CG  HG2  sing N N 98  
GLU CG  HG3  sing N N 99  
GLU CD  OE1  doub N N 100 
GLU CD  OE2  sing N N 101 
GLU OE2 HE2  sing N N 102 
GLU OXT HXT  sing N N 103 
GLY N   CA   sing N N 104 
GLY N   H    sing N N 105 
GLY N   H2   sing N N 106 
GLY CA  C    sing N N 107 
GLY CA  HA2  sing N N 108 
GLY CA  HA3  sing N N 109 
GLY C   O    doub N N 110 
GLY C   OXT  sing N N 111 
GLY OXT HXT  sing N N 112 
HIS N   CA   sing N N 113 
HIS N   H    sing N N 114 
HIS N   H2   sing N N 115 
HIS CA  C    sing N N 116 
HIS CA  CB   sing N N 117 
HIS CA  HA   sing N N 118 
HIS C   O    doub N N 119 
HIS C   OXT  sing N N 120 
HIS CB  CG   sing N N 121 
HIS CB  HB2  sing N N 122 
HIS CB  HB3  sing N N 123 
HIS CG  ND1  sing Y N 124 
HIS CG  CD2  doub Y N 125 
HIS ND1 CE1  doub Y N 126 
HIS ND1 HD1  sing N N 127 
HIS CD2 NE2  sing Y N 128 
HIS CD2 HD2  sing N N 129 
HIS CE1 NE2  sing Y N 130 
HIS CE1 HE1  sing N N 131 
HIS NE2 HE2  sing N N 132 
HIS OXT HXT  sing N N 133 
HOH O   H1   sing N N 134 
HOH O   H2   sing N N 135 
ILE N   CA   sing N N 136 
ILE N   H    sing N N 137 
ILE N   H2   sing N N 138 
ILE CA  C    sing N N 139 
ILE CA  CB   sing N N 140 
ILE CA  HA   sing N N 141 
ILE C   O    doub N N 142 
ILE C   OXT  sing N N 143 
ILE CB  CG1  sing N N 144 
ILE CB  CG2  sing N N 145 
ILE CB  HB   sing N N 146 
ILE CG1 CD1  sing N N 147 
ILE CG1 HG12 sing N N 148 
ILE CG1 HG13 sing N N 149 
ILE CG2 HG21 sing N N 150 
ILE CG2 HG22 sing N N 151 
ILE CG2 HG23 sing N N 152 
ILE CD1 HD11 sing N N 153 
ILE CD1 HD12 sing N N 154 
ILE CD1 HD13 sing N N 155 
ILE OXT HXT  sing N N 156 
LEU N   CA   sing N N 157 
LEU N   H    sing N N 158 
LEU N   H2   sing N N 159 
LEU CA  C    sing N N 160 
LEU CA  CB   sing N N 161 
LEU CA  HA   sing N N 162 
LEU C   O    doub N N 163 
LEU C   OXT  sing N N 164 
LEU CB  CG   sing N N 165 
LEU CB  HB2  sing N N 166 
LEU CB  HB3  sing N N 167 
LEU CG  CD1  sing N N 168 
LEU CG  CD2  sing N N 169 
LEU CG  HG   sing N N 170 
LEU CD1 HD11 sing N N 171 
LEU CD1 HD12 sing N N 172 
LEU CD1 HD13 sing N N 173 
LEU CD2 HD21 sing N N 174 
LEU CD2 HD22 sing N N 175 
LEU CD2 HD23 sing N N 176 
LEU OXT HXT  sing N N 177 
LYS N   CA   sing N N 178 
LYS N   H    sing N N 179 
LYS N   H2   sing N N 180 
LYS CA  C    sing N N 181 
LYS CA  CB   sing N N 182 
LYS CA  HA   sing N N 183 
LYS C   O    doub N N 184 
LYS C   OXT  sing N N 185 
LYS CB  CG   sing N N 186 
LYS CB  HB2  sing N N 187 
LYS CB  HB3  sing N N 188 
LYS CG  CD   sing N N 189 
LYS CG  HG2  sing N N 190 
LYS CG  HG3  sing N N 191 
LYS CD  CE   sing N N 192 
LYS CD  HD2  sing N N 193 
LYS CD  HD3  sing N N 194 
LYS CE  NZ   sing N N 195 
LYS CE  HE2  sing N N 196 
LYS CE  HE3  sing N N 197 
LYS NZ  HZ1  sing N N 198 
LYS NZ  HZ2  sing N N 199 
LYS NZ  HZ3  sing N N 200 
LYS OXT HXT  sing N N 201 
MET N   CA   sing N N 202 
MET N   H    sing N N 203 
MET N   H2   sing N N 204 
MET CA  C    sing N N 205 
MET CA  CB   sing N N 206 
MET CA  HA   sing N N 207 
MET C   O    doub N N 208 
MET C   OXT  sing N N 209 
MET CB  CG   sing N N 210 
MET CB  HB2  sing N N 211 
MET CB  HB3  sing N N 212 
MET CG  SD   sing N N 213 
MET CG  HG2  sing N N 214 
MET CG  HG3  sing N N 215 
MET SD  CE   sing N N 216 
MET CE  HE1  sing N N 217 
MET CE  HE2  sing N N 218 
MET CE  HE3  sing N N 219 
MET OXT HXT  sing N N 220 
MPD C1  C2   sing N N 221 
MPD C1  H11  sing N N 222 
MPD C1  H12  sing N N 223 
MPD C1  H13  sing N N 224 
MPD C2  O2   sing N N 225 
MPD C2  CM   sing N N 226 
MPD C2  C3   sing N N 227 
MPD O2  HO2  sing N N 228 
MPD CM  HM1  sing N N 229 
MPD CM  HM2  sing N N 230 
MPD CM  HM3  sing N N 231 
MPD C3  C4   sing N N 232 
MPD C3  H31  sing N N 233 
MPD C3  H32  sing N N 234 
MPD C4  O4   sing N N 235 
MPD C4  C5   sing N N 236 
MPD C4  H4   sing N N 237 
MPD O4  HO4  sing N N 238 
MPD C5  H51  sing N N 239 
MPD C5  H52  sing N N 240 
MPD C5  H53  sing N N 241 
PRO N   CA   sing N N 242 
PRO N   CD   sing N N 243 
PRO N   H    sing N N 244 
PRO CA  C    sing N N 245 
PRO CA  CB   sing N N 246 
PRO CA  HA   sing N N 247 
PRO C   O    doub N N 248 
PRO C   OXT  sing N N 249 
PRO CB  CG   sing N N 250 
PRO CB  HB2  sing N N 251 
PRO CB  HB3  sing N N 252 
PRO CG  CD   sing N N 253 
PRO CG  HG2  sing N N 254 
PRO CG  HG3  sing N N 255 
PRO CD  HD2  sing N N 256 
PRO CD  HD3  sing N N 257 
PRO OXT HXT  sing N N 258 
SER N   CA   sing N N 259 
SER N   H    sing N N 260 
SER N   H2   sing N N 261 
SER CA  C    sing N N 262 
SER CA  CB   sing N N 263 
SER CA  HA   sing N N 264 
SER C   O    doub N N 265 
SER C   OXT  sing N N 266 
SER CB  OG   sing N N 267 
SER CB  HB2  sing N N 268 
SER CB  HB3  sing N N 269 
SER OG  HG   sing N N 270 
SER OXT HXT  sing N N 271 
THR N   CA   sing N N 272 
THR N   H    sing N N 273 
THR N   H2   sing N N 274 
THR CA  C    sing N N 275 
THR CA  CB   sing N N 276 
THR CA  HA   sing N N 277 
THR C   O    doub N N 278 
THR C   OXT  sing N N 279 
THR CB  OG1  sing N N 280 
THR CB  CG2  sing N N 281 
THR CB  HB   sing N N 282 
THR OG1 HG1  sing N N 283 
THR CG2 HG21 sing N N 284 
THR CG2 HG22 sing N N 285 
THR CG2 HG23 sing N N 286 
THR OXT HXT  sing N N 287 
TRP N   CA   sing N N 288 
TRP N   H    sing N N 289 
TRP N   H2   sing N N 290 
TRP CA  C    sing N N 291 
TRP CA  CB   sing N N 292 
TRP CA  HA   sing N N 293 
TRP C   O    doub N N 294 
TRP C   OXT  sing N N 295 
TRP CB  CG   sing N N 296 
TRP CB  HB2  sing N N 297 
TRP CB  HB3  sing N N 298 
TRP CG  CD1  doub Y N 299 
TRP CG  CD2  sing Y N 300 
TRP CD1 NE1  sing Y N 301 
TRP CD1 HD1  sing N N 302 
TRP CD2 CE2  doub Y N 303 
TRP CD2 CE3  sing Y N 304 
TRP NE1 CE2  sing Y N 305 
TRP NE1 HE1  sing N N 306 
TRP CE2 CZ2  sing Y N 307 
TRP CE3 CZ3  doub Y N 308 
TRP CE3 HE3  sing N N 309 
TRP CZ2 CH2  doub Y N 310 
TRP CZ2 HZ2  sing N N 311 
TRP CZ3 CH2  sing Y N 312 
TRP CZ3 HZ3  sing N N 313 
TRP CH2 HH2  sing N N 314 
TRP OXT HXT  sing N N 315 
TYR N   CA   sing N N 316 
TYR N   H    sing N N 317 
TYR N   H2   sing N N 318 
TYR CA  C    sing N N 319 
TYR CA  CB   sing N N 320 
TYR CA  HA   sing N N 321 
TYR C   O    doub N N 322 
TYR C   OXT  sing N N 323 
TYR CB  CG   sing N N 324 
TYR CB  HB2  sing N N 325 
TYR CB  HB3  sing N N 326 
TYR CG  CD1  doub Y N 327 
TYR CG  CD2  sing Y N 328 
TYR CD1 CE1  sing Y N 329 
TYR CD1 HD1  sing N N 330 
TYR CD2 CE2  doub Y N 331 
TYR CD2 HD2  sing N N 332 
TYR CE1 CZ   doub Y N 333 
TYR CE1 HE1  sing N N 334 
TYR CE2 CZ   sing Y N 335 
TYR CE2 HE2  sing N N 336 
TYR CZ  OH   sing N N 337 
TYR OH  HH   sing N N 338 
TYR OXT HXT  sing N N 339 
VAL N   CA   sing N N 340 
VAL N   H    sing N N 341 
VAL N   H2   sing N N 342 
VAL CA  C    sing N N 343 
VAL CA  CB   sing N N 344 
VAL CA  HA   sing N N 345 
VAL C   O    doub N N 346 
VAL C   OXT  sing N N 347 
VAL CB  CG1  sing N N 348 
VAL CB  CG2  sing N N 349 
VAL CB  HB   sing N N 350 
VAL CG1 HG11 sing N N 351 
VAL CG1 HG12 sing N N 352 
VAL CG1 HG13 sing N N 353 
VAL CG2 HG21 sing N N 354 
VAL CG2 HG22 sing N N 355 
VAL CG2 HG23 sing N N 356 
VAL OXT HXT  sing N N 357 
# 
_pdbx_initial_refinement_model.id               1 
_pdbx_initial_refinement_model.entity_id_list   ? 
_pdbx_initial_refinement_model.type             'experimental model' 
_pdbx_initial_refinement_model.source_name      PDB 
_pdbx_initial_refinement_model.accession_code   2VPF 
_pdbx_initial_refinement_model.details          'PDB ENTRY 2VPF' 
# 
_atom_sites.entry_id                    2C7W 
_atom_sites.fract_transf_matrix[1][1]   0.00198302 
_atom_sites.fract_transf_matrix[1][2]   -0.00570882 
_atom_sites.fract_transf_matrix[1][3]   -0.00740548 
_atom_sites.fract_transf_matrix[2][1]   -0.00527110 
_atom_sites.fract_transf_matrix[2][2]   -0.00782093 
_atom_sites.fract_transf_matrix[2][3]   -0.00155049 
_atom_sites.fract_transf_matrix[3][1]   -0.01557111 
_atom_sites.fract_transf_matrix[3][2]   0.01336345 
_atom_sites.fract_transf_matrix[3][3]   -0.01447137 
_atom_sites.fract_transf_vector[1]      -0.472429 
_atom_sites.fract_transf_vector[2]      -0.233681 
_atom_sites.fract_transf_vector[3]      -0.015211 
# 
loop_
_atom_type.symbol 
C 
N 
O 
S 
# 
loop_
_atom_site.group_PDB 
_atom_site.id 
_atom_site.type_symbol 
_atom_site.label_atom_id 
_atom_site.label_alt_id 
_atom_site.label_comp_id 
_atom_site.label_asym_id 
_atom_site.label_entity_id 
_atom_site.label_seq_id 
_atom_site.pdbx_PDB_ins_code 
_atom_site.Cartn_x 
_atom_site.Cartn_y 
_atom_site.Cartn_z 
_atom_site.occupancy 
_atom_site.B_iso_or_equiv 
_atom_site.pdbx_formal_charge 
_atom_site.auth_seq_id 
_atom_site.auth_comp_id 
_atom_site.auth_asym_id 
_atom_site.auth_atom_id 
_atom_site.pdbx_PDB_model_num 
ATOM   1    N N   . LYS A 1 4  ? -4.614  20.029  -3.762  1.00 31.72 ? 13   LYS A N   1 
ATOM   2    C CA  . LYS A 1 4  ? -3.958  20.764  -4.884  1.00 32.46 ? 13   LYS A CA  1 
ATOM   3    C C   . LYS A 1 4  ? -2.472  20.463  -5.044  1.00 30.93 ? 13   LYS A C   1 
ATOM   4    O O   . LYS A 1 4  ? -2.097  19.643  -5.884  1.00 29.73 ? 13   LYS A O   1 
ATOM   5    C CB  . LYS A 1 4  ? -4.136  22.275  -4.719  1.00 34.27 ? 13   LYS A CB  1 
ATOM   6    C CG  . LYS A 1 4  ? -5.377  22.839  -5.379  1.00 38.10 ? 13   LYS A CG  1 
ATOM   7    C CD  . LYS A 1 4  ? -5.291  22.818  -6.903  1.00 38.87 ? 13   LYS A CD  1 
ATOM   8    C CE  . LYS A 1 4  ? -6.509  23.522  -7.504  1.00 41.01 ? 13   LYS A CE  1 
ATOM   9    N NZ  . LYS A 1 4  ? -6.586  23.401  -8.993  1.00 42.58 ? 13   LYS A NZ  1 
ATOM   10   N N   . VAL A 1 5  ? -1.635  21.136  -4.253  1.00 29.60 ? 14   VAL A N   1 
ATOM   11   C CA  . VAL A 1 5  ? -0.184  20.947  -4.331  1.00 29.22 ? 14   VAL A CA  1 
ATOM   12   C C   . VAL A 1 5  ? 0.495   20.498  -3.027  1.00 29.17 ? 14   VAL A C   1 
ATOM   13   O O   . VAL A 1 5  ? 0.359   21.120  -1.966  1.00 26.97 ? 14   VAL A O   1 
ATOM   14   C CB  . VAL A 1 5  ? 0.516   22.237  -4.818  1.00 29.97 ? 14   VAL A CB  1 
ATOM   15   C CG1 . VAL A 1 5  ? 2.008   21.985  -5.013  1.00 28.20 ? 14   VAL A CG1 1 
ATOM   16   C CG2 . VAL A 1 5  ? -0.122  22.709  -6.121  1.00 30.68 ? 14   VAL A CG2 1 
ATOM   17   N N   . VAL A 1 6  ? 1.237   19.401  -3.118  1.00 28.02 ? 15   VAL A N   1 
ATOM   18   C CA  . VAL A 1 6  ? 1.942   18.887  -1.966  1.00 26.39 ? 15   VAL A CA  1 
ATOM   19   C C   . VAL A 1 6  ? 3.379   19.392  -2.046  1.00 26.87 ? 15   VAL A C   1 
ATOM   20   O O   . VAL A 1 6  ? 4.040   19.251  -3.076  1.00 25.00 ? 15   VAL A O   1 
ATOM   21   C CB  . VAL A 1 6  ? 1.933   17.354  -1.956  1.00 27.07 ? 15   VAL A CB  1 
ATOM   22   C CG1 . VAL A 1 6  ? 2.488   16.842  -0.630  1.00 28.03 ? 15   VAL A CG1 1 
ATOM   23   C CG2 . VAL A 1 6  ? 0.526   16.844  -2.174  1.00 24.30 ? 15   VAL A CG2 1 
ATOM   24   N N   . SER A 1 7  ? 3.847   20.001  -0.964  1.00 27.62 ? 16   SER A N   1 
ATOM   25   C CA  . SER A 1 7  ? 5.205   20.530  -0.901  1.00 29.08 ? 16   SER A CA  1 
ATOM   26   C C   . SER A 1 7  ? 6.237   19.419  -1.056  1.00 29.18 ? 16   SER A C   1 
ATOM   27   O O   . SER A 1 7  ? 5.965   18.261  -0.747  1.00 30.47 ? 16   SER A O   1 
ATOM   28   C CB  . SER A 1 7  ? 5.417   21.240  0.434   1.00 30.75 ? 16   SER A CB  1 
ATOM   29   O OG  . SER A 1 7  ? 6.694   21.847  0.478   1.00 34.47 ? 16   SER A OG  1 
ATOM   30   N N   . TRP A 1 8  ? 7.426   19.761  -1.532  1.00 30.12 ? 17   TRP A N   1 
ATOM   31   C CA  . TRP A 1 8  ? 8.470   18.749  -1.706  1.00 32.13 ? 17   TRP A CA  1 
ATOM   32   C C   . TRP A 1 8  ? 8.888   18.119  -0.354  1.00 32.81 ? 17   TRP A C   1 
ATOM   33   O O   . TRP A 1 8  ? 9.052   16.904  -0.256  1.00 30.94 ? 17   TRP A O   1 
ATOM   34   C CB  . TRP A 1 8  ? 9.683   19.363  -2.395  1.00 31.44 ? 17   TRP A CB  1 
ATOM   35   C CG  . TRP A 1 8  ? 10.810  18.409  -2.538  1.00 33.85 ? 17   TRP A CG  1 
ATOM   36   C CD1 . TRP A 1 8  ? 10.906  17.360  -3.418  1.00 34.46 ? 17   TRP A CD1 1 
ATOM   37   C CD2 . TRP A 1 8  ? 12.014  18.402  -1.770  1.00 32.77 ? 17   TRP A CD2 1 
ATOM   38   N NE1 . TRP A 1 8  ? 12.107  16.703  -3.242  1.00 33.14 ? 17   TRP A NE1 1 
ATOM   39   C CE2 . TRP A 1 8  ? 12.804  17.324  -2.236  1.00 33.45 ? 17   TRP A CE2 1 
ATOM   40   C CE3 . TRP A 1 8  ? 12.505  19.206  -0.732  1.00 33.05 ? 17   TRP A CE3 1 
ATOM   41   C CZ2 . TRP A 1 8  ? 14.060  17.029  -1.695  1.00 35.19 ? 17   TRP A CZ2 1 
ATOM   42   C CZ3 . TRP A 1 8  ? 13.752  18.915  -0.194  1.00 34.57 ? 17   TRP A CZ3 1 
ATOM   43   C CH2 . TRP A 1 8  ? 14.517  17.834  -0.678  1.00 35.66 ? 17   TRP A CH2 1 
ATOM   44   N N   . ILE A 1 9  ? 9.055   18.954  0.672   1.00 33.63 ? 18   ILE A N   1 
ATOM   45   C CA  . ILE A 1 9  ? 9.417   18.483  2.005   1.00 35.89 ? 18   ILE A CA  1 
ATOM   46   C C   . ILE A 1 9  ? 8.189   17.817  2.605   1.00 36.29 ? 18   ILE A C   1 
ATOM   47   O O   . ILE A 1 9  ? 7.856   18.028  3.770   1.00 39.14 ? 18   ILE A O   1 
ATOM   48   C CB  . ILE A 1 9  ? 9.835   19.645  2.939   1.00 36.47 ? 18   ILE A CB  1 
ATOM   49   C CG1 . ILE A 1 9  ? 11.074  20.359  2.382   1.00 42.16 ? 18   ILE A CG1 1 
ATOM   50   C CG2 . ILE A 1 9  ? 10.172  19.117  4.310   1.00 36.05 ? 18   ILE A CG2 1 
ATOM   51   C CD1 . ILE A 1 9  ? 11.566  21.542  3.256   1.00 43.36 ? 18   ILE A CD1 1 
ATOM   52   N N   . ASP A 1 10 ? 7.498   17.037  1.785   1.00 35.30 ? 19   ASP A N   1 
ATOM   53   C CA  . ASP A 1 10 ? 6.295   16.320  2.191   1.00 32.84 ? 19   ASP A CA  1 
ATOM   54   C C   . ASP A 1 10 ? 6.259   15.149  1.249   1.00 30.58 ? 19   ASP A C   1 
ATOM   55   O O   . ASP A 1 10 ? 6.137   14.002  1.662   1.00 30.33 ? 19   ASP A O   1 
ATOM   56   C CB  . ASP A 1 10 ? 5.046   17.179  2.001   1.00 35.66 ? 19   ASP A CB  1 
ATOM   57   C CG  . ASP A 1 10 ? 4.807   18.142  3.159   1.00 39.06 ? 19   ASP A CG  1 
ATOM   58   O OD1 . ASP A 1 10 ? 4.424   17.678  4.251   1.00 41.35 ? 19   ASP A OD1 1 
ATOM   59   O OD2 . ASP A 1 10 ? 4.998   19.368  2.980   1.00 42.68 ? 19   ASP A OD2 1 
ATOM   60   N N   . VAL A 1 11 ? 6.388   15.442  -0.036  1.00 28.49 ? 20   VAL A N   1 
ATOM   61   C CA  . VAL A 1 11 ? 6.403   14.374  -1.009  1.00 28.54 ? 20   VAL A CA  1 
ATOM   62   C C   . VAL A 1 11 ? 7.526   13.446  -0.564  1.00 29.43 ? 20   VAL A C   1 
ATOM   63   O O   . VAL A 1 11 ? 7.329   12.248  -0.386  1.00 27.72 ? 20   VAL A O   1 
ATOM   64   C CB  . VAL A 1 11 ? 6.723   14.893  -2.418  1.00 26.10 ? 20   VAL A CB  1 
ATOM   65   C CG1 . VAL A 1 11 ? 6.864   13.729  -3.382  1.00 21.75 ? 20   VAL A CG1 1 
ATOM   66   C CG2 . VAL A 1 11 ? 5.625   15.842  -2.877  1.00 28.59 ? 20   VAL A CG2 1 
ATOM   67   N N   . TYR A 1 12 ? 8.697   14.036  -0.354  1.00 30.69 ? 21   TYR A N   1 
ATOM   68   C CA  . TYR A 1 12 ? 9.886   13.295  0.046   1.00 32.32 ? 21   TYR A CA  1 
ATOM   69   C C   . TYR A 1 12 ? 9.786   12.483  1.341   1.00 29.71 ? 21   TYR A C   1 
ATOM   70   O O   . TYR A 1 12 ? 9.962   11.271  1.326   1.00 27.66 ? 21   TYR A O   1 
ATOM   71   C CB  . TYR A 1 12 ? 11.091  14.238  0.156   1.00 34.33 ? 21   TYR A CB  1 
ATOM   72   C CG  . TYR A 1 12 ? 12.387  13.478  0.229   1.00 37.40 ? 21   TYR A CG  1 
ATOM   73   C CD1 . TYR A 1 12 ? 12.784  12.661  -0.831  1.00 38.35 ? 21   TYR A CD1 1 
ATOM   74   C CD2 . TYR A 1 12 ? 13.201  13.540  1.362   1.00 38.08 ? 21   TYR A CD2 1 
ATOM   75   C CE1 . TYR A 1 12 ? 13.955  11.923  -0.768  1.00 40.62 ? 21   TYR A CE1 1 
ATOM   76   C CE2 . TYR A 1 12 ? 14.380  12.803  1.434   1.00 39.94 ? 21   TYR A CE2 1 
ATOM   77   C CZ  . TYR A 1 12 ? 14.750  11.998  0.361   1.00 40.53 ? 21   TYR A CZ  1 
ATOM   78   O OH  . TYR A 1 12 ? 15.922  11.277  0.396   1.00 43.15 ? 21   TYR A OH  1 
ATOM   79   N N   . THR A 1 13 ? 9.503   13.153  2.452   1.00 27.71 ? 22   THR A N   1 
ATOM   80   C CA  . THR A 1 13 ? 9.427   12.473  3.726   1.00 27.95 ? 22   THR A CA  1 
ATOM   81   C C   . THR A 1 13 ? 8.315   11.442  3.853   1.00 29.63 ? 22   THR A C   1 
ATOM   82   O O   . THR A 1 13 ? 8.201   10.795  4.896   1.00 32.55 ? 22   THR A O   1 
ATOM   83   C CB  . THR A 1 13 ? 9.334   13.482  4.902   1.00 26.98 ? 22   THR A CB  1 
ATOM   84   O OG1 . THR A 1 13 ? 8.173   14.304  4.755   1.00 28.32 ? 22   THR A OG1 1 
ATOM   85   C CG2 . THR A 1 13 ? 10.570  14.369  4.934   1.00 25.84 ? 22   THR A CG2 1 
ATOM   86   N N   . ARG A 1 14 ? 7.497   11.280  2.817   1.00 28.98 ? 23   ARG A N   1 
ATOM   87   C CA  . ARG A 1 14 ? 6.418   10.294  2.865   1.00 29.22 ? 23   ARG A CA  1 
ATOM   88   C C   . ARG A 1 14 ? 6.788   9.162   1.941   1.00 28.29 ? 23   ARG A C   1 
ATOM   89   O O   . ARG A 1 14 ? 6.431   8.005   2.176   1.00 29.73 ? 23   ARG A O   1 
ATOM   90   C CB  . ARG A 1 14 ? 5.077   10.874  2.391   1.00 33.00 ? 23   ARG A CB  1 
ATOM   91   C CG  . ARG A 1 14 ? 4.461   11.963  3.261   1.00 37.77 ? 23   ARG A CG  1 
ATOM   92   C CD  . ARG A 1 14 ? 3.133   12.439  2.644   1.00 43.85 ? 23   ARG A CD  1 
ATOM   93   N NE  . ARG A 1 14 ? 2.746   13.787  3.076   1.00 49.16 ? 23   ARG A NE  1 
ATOM   94   C CZ  . ARG A 1 14 ? 1.837   14.548  2.462   1.00 51.10 ? 23   ARG A CZ  1 
ATOM   95   N NH1 . ARG A 1 14 ? 1.205   14.099  1.379   1.00 50.97 ? 23   ARG A NH1 1 
ATOM   96   N NH2 . ARG A 1 14 ? 1.568   15.769  2.918   1.00 51.11 ? 23   ARG A NH2 1 
ATOM   97   N N   . ALA A 1 15 ? 7.503   9.509   0.881   1.00 26.95 ? 24   ALA A N   1 
ATOM   98   C CA  . ALA A 1 15 ? 7.926   8.544   -0.115  1.00 27.55 ? 24   ALA A CA  1 
ATOM   99   C C   . ALA A 1 15 ? 9.185   7.808   0.345   1.00 26.95 ? 24   ALA A C   1 
ATOM   100  O O   . ALA A 1 15 ? 9.508   6.729   -0.152  1.00 24.93 ? 24   ALA A O   1 
ATOM   101  C CB  . ALA A 1 15 ? 8.181   9.255   -1.443  1.00 27.26 ? 24   ALA A CB  1 
ATOM   102  N N   . THR A 1 16 ? 9.895   8.406   1.292   1.00 28.19 ? 25   THR A N   1 
ATOM   103  C CA  . THR A 1 16 ? 11.107  7.797   1.815   1.00 30.68 ? 25   THR A CA  1 
ATOM   104  C C   . THR A 1 16 ? 10.826  6.473   2.516   1.00 30.07 ? 25   THR A C   1 
ATOM   105  O O   . THR A 1 16 ? 9.905   6.378   3.334   1.00 28.80 ? 25   THR A O   1 
ATOM   106  C CB  . THR A 1 16 ? 11.819  8.696   2.825   1.00 30.61 ? 25   THR A CB  1 
ATOM   107  O OG1 . THR A 1 16 ? 12.299  9.871   2.165   1.00 33.73 ? 25   THR A OG1 1 
ATOM   108  C CG2 . THR A 1 16 ? 13.009  7.949   3.432   1.00 33.41 ? 25   THR A CG2 1 
ATOM   109  N N   . CYS A 1 17 ? 11.641  5.473   2.174   1.00 29.28 ? 26   CYS A N   1 
ATOM   110  C CA  . CYS A 1 17 ? 11.573  4.122   2.736   1.00 27.53 ? 26   CYS A CA  1 
ATOM   111  C C   . CYS A 1 17 ? 11.189  4.159   4.204   1.00 24.59 ? 26   CYS A C   1 
ATOM   112  O O   . CYS A 1 17 ? 11.802  4.877   4.992   1.00 23.69 ? 26   CYS A O   1 
ATOM   113  C CB  . CYS A 1 17 ? 12.934  3.436   2.573   1.00 30.52 ? 26   CYS A CB  1 
ATOM   114  S SG  . CYS A 1 17 ? 13.182  1.849   3.440   1.00 29.31 ? 26   CYS A SG  1 
ATOM   115  N N   . GLN A 1 18 ? 10.160  3.400   4.563   1.00 20.96 ? 27   GLN A N   1 
ATOM   116  C CA  . GLN A 1 18 ? 9.710   3.356   5.945   1.00 20.91 ? 27   GLN A CA  1 
ATOM   117  C C   . GLN A 1 18 ? 8.562   2.363   6.092   1.00 21.69 ? 27   GLN A C   1 
ATOM   118  O O   . GLN A 1 18 ? 8.087   1.792   5.106   1.00 25.12 ? 27   GLN A O   1 
ATOM   119  C CB  . GLN A 1 18 ? 9.256   4.744   6.381   1.00 20.27 ? 27   GLN A CB  1 
ATOM   120  C CG  . GLN A 1 18 ? 8.066   5.270   5.572   1.00 21.82 ? 27   GLN A CG  1 
ATOM   121  C CD  . GLN A 1 18 ? 7.857   6.738   5.774   1.00 20.91 ? 27   GLN A CD  1 
ATOM   122  O OE1 . GLN A 1 18 ? 7.246   7.164   6.752   1.00 22.62 ? 27   GLN A OE1 1 
ATOM   123  N NE2 . GLN A 1 18 ? 8.388   7.535   4.859   1.00 20.01 ? 27   GLN A NE2 1 
ATOM   124  N N   . PRO A 1 19 ? 8.112   2.127   7.331   1.00 21.08 ? 28   PRO A N   1 
ATOM   125  C CA  . PRO A 1 19 ? 7.008   1.190   7.556   1.00 21.31 ? 28   PRO A CA  1 
ATOM   126  C C   . PRO A 1 19 ? 5.726   1.904   7.147   1.00 22.02 ? 28   PRO A C   1 
ATOM   127  O O   . PRO A 1 19 ? 5.559   3.082   7.465   1.00 21.77 ? 28   PRO A O   1 
ATOM   128  C CB  . PRO A 1 19 ? 7.041   0.957   9.070   1.00 20.83 ? 28   PRO A CB  1 
ATOM   129  C CG  . PRO A 1 19 ? 8.395   1.494   9.514   1.00 20.48 ? 28   PRO A CG  1 
ATOM   130  C CD  . PRO A 1 19 ? 8.609   2.658   8.608   1.00 19.64 ? 28   PRO A CD  1 
ATOM   131  N N   . ARG A 1 20 ? 4.823   1.204   6.468   1.00 23.46 ? 29   ARG A N   1 
ATOM   132  C CA  . ARG A 1 20 ? 3.570   1.829   6.040   1.00 26.07 ? 29   ARG A CA  1 
ATOM   133  C C   . ARG A 1 20 ? 2.476   0.797   5.762   1.00 26.27 ? 29   ARG A C   1 
ATOM   134  O O   . ARG A 1 20 ? 2.757   -0.264  5.220   1.00 26.61 ? 29   ARG A O   1 
ATOM   135  C CB  . ARG A 1 20 ? 3.816   2.683   4.776   1.00 26.06 ? 29   ARG A CB  1 
ATOM   136  C CG  . ARG A 1 20 ? 4.425   1.897   3.620   1.00 25.93 ? 29   ARG A CG  1 
ATOM   137  C CD  . ARG A 1 20 ? 4.461   2.657   2.299   1.00 27.53 ? 29   ARG A CD  1 
ATOM   138  N NE  . ARG A 1 20 ? 5.632   3.513   2.096   1.00 29.13 ? 29   ARG A NE  1 
ATOM   139  C CZ  . ARG A 1 20 ? 5.688   4.808   2.392   1.00 30.12 ? 29   ARG A CZ  1 
ATOM   140  N NH1 . ARG A 1 20 ? 4.634   5.417   2.923   1.00 32.98 ? 29   ARG A NH1 1 
ATOM   141  N NH2 . ARG A 1 20 ? 6.789   5.504   2.137   1.00 26.75 ? 29   ARG A NH2 1 
ATOM   142  N N   . GLU A 1 21 ? 1.231   1.117   6.131   1.00 28.96 ? 30   GLU A N   1 
ATOM   143  C CA  . GLU A 1 21 ? 0.088   0.222   5.893   1.00 29.12 ? 30   GLU A CA  1 
ATOM   144  C C   . GLU A 1 21 ? 0.127   -0.338  4.482   1.00 28.23 ? 30   GLU A C   1 
ATOM   145  O O   . GLU A 1 21 ? 0.256   0.405   3.518   1.00 28.10 ? 30   GLU A O   1 
ATOM   146  C CB  . GLU A 1 21 ? -1.238  0.952   6.053   1.00 31.08 ? 30   GLU A CB  1 
ATOM   147  C CG  . GLU A 1 21 ? -1.631  1.335   7.461   1.00 36.12 ? 30   GLU A CG  1 
ATOM   148  C CD  . GLU A 1 21 ? -3.125  1.150   7.688   1.00 39.01 ? 30   GLU A CD  1 
ATOM   149  O OE1 . GLU A 1 21 ? -3.699  1.834   8.567   1.00 39.86 ? 30   GLU A OE1 1 
ATOM   150  O OE2 . GLU A 1 21 ? -3.721  0.297   6.986   1.00 40.76 ? 30   GLU A OE2 1 
ATOM   151  N N   . VAL A 1 22 ? -0.005  -1.651  4.371   1.00 28.32 ? 31   VAL A N   1 
ATOM   152  C CA  . VAL A 1 22 ? 0.030   -2.336  3.093   1.00 29.20 ? 31   VAL A CA  1 
ATOM   153  C C   . VAL A 1 22 ? -1.061  -3.395  3.077   1.00 31.57 ? 31   VAL A C   1 
ATOM   154  O O   . VAL A 1 22 ? -1.259  -4.115  4.060   1.00 32.46 ? 31   VAL A O   1 
ATOM   155  C CB  . VAL A 1 22 ? 1.396   -3.016  2.884   1.00 30.25 ? 31   VAL A CB  1 
ATOM   156  C CG1 . VAL A 1 22 ? 1.353   -3.931  1.685   1.00 28.47 ? 31   VAL A CG1 1 
ATOM   157  C CG2 . VAL A 1 22 ? 2.481   -1.950  2.710   1.00 30.54 ? 31   VAL A CG2 1 
ATOM   158  N N   . VAL A 1 23 ? -1.777  -3.486  1.964   1.00 31.89 ? 32   VAL A N   1 
ATOM   159  C CA  . VAL A 1 23 ? -2.842  -4.462  1.841   1.00 32.00 ? 32   VAL A CA  1 
ATOM   160  C C   . VAL A 1 23 ? -2.265  -5.764  1.337   1.00 33.59 ? 32   VAL A C   1 
ATOM   161  O O   . VAL A 1 23 ? -1.609  -5.804  0.291   1.00 32.74 ? 32   VAL A O   1 
ATOM   162  C CB  . VAL A 1 23 ? -3.939  -3.974  0.877   1.00 31.62 ? 32   VAL A CB  1 
ATOM   163  C CG1 . VAL A 1 23 ? -4.882  -5.115  0.534   1.00 30.92 ? 32   VAL A CG1 1 
ATOM   164  C CG2 . VAL A 1 23 ? -4.704  -2.831  1.528   1.00 30.09 ? 32   VAL A CG2 1 
ATOM   165  N N   . VAL A 1 24 ? -2.512  -6.824  2.096   1.00 35.68 ? 33   VAL A N   1 
ATOM   166  C CA  . VAL A 1 24 ? -2.017  -8.151  1.765   1.00 37.49 ? 33   VAL A CA  1 
ATOM   167  C C   . VAL A 1 24 ? -3.198  -9.068  1.486   1.00 39.28 ? 33   VAL A C   1 
ATOM   168  O O   . VAL A 1 24 ? -4.069  -9.254  2.339   1.00 39.55 ? 33   VAL A O   1 
ATOM   169  C CB  . VAL A 1 24 ? -1.193  -8.753  2.935   1.00 37.62 ? 33   VAL A CB  1 
ATOM   170  C CG1 . VAL A 1 24 ? -0.542  -10.052 2.498   1.00 37.76 ? 33   VAL A CG1 1 
ATOM   171  C CG2 . VAL A 1 24 ? -0.135  -7.766  3.400   1.00 37.44 ? 33   VAL A CG2 1 
ATOM   172  N N   . PRO A 1 25 ? -3.253  -9.634  0.271   1.00 41.18 ? 34   PRO A N   1 
ATOM   173  C CA  . PRO A 1 25 ? -4.317  -10.544 -0.161  1.00 42.62 ? 34   PRO A CA  1 
ATOM   174  C C   . PRO A 1 25 ? -4.209  -11.862 0.582   1.00 44.63 ? 34   PRO A C   1 
ATOM   175  O O   . PRO A 1 25 ? -3.107  -12.325 0.851   1.00 45.99 ? 34   PRO A O   1 
ATOM   176  C CB  . PRO A 1 25 ? -4.044  -10.716 -1.653  1.00 41.38 ? 34   PRO A CB  1 
ATOM   177  C CG  . PRO A 1 25 ? -3.374  -9.432  -2.025  1.00 41.97 ? 34   PRO A CG  1 
ATOM   178  C CD  . PRO A 1 25 ? -2.430  -9.217  -0.877  1.00 41.55 ? 34   PRO A CD  1 
ATOM   179  N N   . LEU A 1 26 ? -5.346  -12.464 0.909   1.00 47.72 ? 35   LEU A N   1 
ATOM   180  C CA  . LEU A 1 26 ? -5.353  -13.736 1.621   1.00 50.36 ? 35   LEU A CA  1 
ATOM   181  C C   . LEU A 1 26 ? -5.588  -14.909 0.682   1.00 54.00 ? 35   LEU A C   1 
ATOM   182  O O   . LEU A 1 26 ? -6.662  -15.505 0.683   1.00 54.87 ? 35   LEU A O   1 
ATOM   183  C CB  . LEU A 1 26 ? -6.430  -13.731 2.706   1.00 47.11 ? 35   LEU A CB  1 
ATOM   184  C CG  . LEU A 1 26 ? -6.239  -12.723 3.839   1.00 45.95 ? 35   LEU A CG  1 
ATOM   185  C CD1 . LEU A 1 26 ? -7.297  -12.949 4.904   1.00 44.48 ? 35   LEU A CD1 1 
ATOM   186  C CD2 . LEU A 1 26 ? -4.851  -12.872 4.436   1.00 45.00 ? 35   LEU A CD2 1 
ATOM   187  N N   . THR A 1 27 ? -4.582  -15.243 -0.117  1.00 58.55 ? 36   THR A N   1 
ATOM   188  C CA  . THR A 1 27 ? -4.702  -16.352 -1.052  1.00 63.01 ? 36   THR A CA  1 
ATOM   189  C C   . THR A 1 27 ? -4.990  -17.669 -0.331  1.00 65.78 ? 36   THR A C   1 
ATOM   190  O O   . THR A 1 27 ? -5.062  -17.720 0.898   1.00 65.87 ? 36   THR A O   1 
ATOM   191  C CB  . THR A 1 27 ? -3.419  -16.518 -1.884  1.00 64.18 ? 36   THR A CB  1 
ATOM   192  O OG1 . THR A 1 27 ? -3.579  -17.617 -2.792  1.00 66.08 ? 36   THR A OG1 1 
ATOM   193  C CG2 . THR A 1 27 ? -2.220  -16.778 -0.972  1.00 65.80 ? 36   THR A CG2 1 
ATOM   194  N N   . VAL A 1 28 ? -5.149  -18.735 -1.110  1.00 69.62 ? 37   VAL A N   1 
ATOM   195  C CA  . VAL A 1 28 ? -5.438  -20.060 -0.570  1.00 72.75 ? 37   VAL A CA  1 
ATOM   196  C C   . VAL A 1 28 ? -4.299  -20.556 0.325   1.00 75.19 ? 37   VAL A C   1 
ATOM   197  O O   . VAL A 1 28 ? -4.379  -21.645 0.903   1.00 75.33 ? 37   VAL A O   1 
ATOM   198  C CB  . VAL A 1 28 ? -5.675  -21.078 -1.716  1.00 72.76 ? 37   VAL A CB  1 
ATOM   199  C CG1 . VAL A 1 28 ? -4.380  -21.299 -2.499  1.00 72.55 ? 37   VAL A CG1 1 
ATOM   200  C CG2 . VAL A 1 28 ? -6.211  -22.389 -1.149  1.00 72.69 ? 37   VAL A CG2 1 
ATOM   201  N N   . GLU A 1 29 ? -3.249  -19.746 0.441   1.00 77.45 ? 38   GLU A N   1 
ATOM   202  C CA  . GLU A 1 29 ? -2.108  -20.112 1.262   1.00 80.27 ? 38   GLU A CA  1 
ATOM   203  C C   . GLU A 1 29 ? -2.495  -20.630 2.635   1.00 82.17 ? 38   GLU A C   1 
ATOM   204  O O   . GLU A 1 29 ? -1.702  -21.304 3.299   1.00 82.35 ? 38   GLU A O   1 
ATOM   205  N N   . LEU A 1 30 ? -3.715  -20.313 3.063   1.00 83.71 ? 39   LEU A N   1 
ATOM   206  C CA  . LEU A 1 30 ? -4.190  -20.761 4.361   1.00 85.40 ? 39   LEU A CA  1 
ATOM   207  C C   . LEU A 1 30 ? -4.498  -22.247 4.388   1.00 86.58 ? 39   LEU A C   1 
ATOM   208  O O   . LEU A 1 30 ? -5.629  -22.659 4.115   1.00 86.80 ? 39   LEU A O   1 
ATOM   209  N N   . MET A 1 31 ? -3.488  -23.050 4.717   1.00 87.69 ? 40   MET A N   1 
ATOM   210  C CA  . MET A 1 31 ? -3.630  -24.506 4.787   1.00 88.59 ? 40   MET A CA  1 
ATOM   211  C C   . MET A 1 31 ? -4.522  -24.913 5.965   1.00 88.94 ? 40   MET A C   1 
ATOM   212  O O   . MET A 1 31 ? -4.559  -24.232 6.993   1.00 88.96 ? 40   MET A O   1 
ATOM   213  C CB  . MET A 1 31 ? -2.254  -25.164 4.952   1.00 89.13 ? 40   MET A CB  1 
ATOM   214  C CG  . MET A 1 31 ? -1.202  -24.755 3.926   1.00 89.77 ? 40   MET A CG  1 
ATOM   215  S SD  . MET A 1 31 ? -1.601  -25.223 2.227   1.00 91.50 ? 40   MET A SD  1 
ATOM   216  C CE  . MET A 1 31 ? -1.151  -23.718 1.346   1.00 90.64 ? 40   MET A CE  1 
ATOM   217  N N   . GLY A 1 32 ? -5.233  -26.029 5.817   1.00 89.03 ? 41   GLY A N   1 
ATOM   218  C CA  . GLY A 1 32 ? -6.103  -26.495 6.884   1.00 89.11 ? 41   GLY A CA  1 
ATOM   219  C C   . GLY A 1 32 ? -7.266  -25.558 7.164   1.00 89.15 ? 41   GLY A C   1 
ATOM   220  O O   . GLY A 1 32 ? -8.141  -25.859 7.980   1.00 89.19 ? 41   GLY A O   1 
ATOM   221  N N   . THR A 1 33 ? -7.273  -24.413 6.488   1.00 88.94 ? 42   THR A N   1 
ATOM   222  C CA  . THR A 1 33 ? -8.343  -23.453 6.673   1.00 88.30 ? 42   THR A CA  1 
ATOM   223  C C   . THR A 1 33 ? -9.538  -23.837 5.827   1.00 87.87 ? 42   THR A C   1 
ATOM   224  O O   . THR A 1 33 ? -9.799  -23.220 4.790   1.00 88.32 ? 42   THR A O   1 
ATOM   225  N N   . VAL A 1 34 ? -10.258 -24.867 6.265   1.00 86.65 ? 43   VAL A N   1 
ATOM   226  C CA  . VAL A 1 34 ? -11.432 -25.354 5.548   1.00 85.01 ? 43   VAL A CA  1 
ATOM   227  C C   . VAL A 1 34 ? -12.263 -24.194 5.005   1.00 83.70 ? 43   VAL A C   1 
ATOM   228  O O   . VAL A 1 34 ? -12.533 -24.131 3.803   1.00 84.33 ? 43   VAL A O   1 
ATOM   229  C CB  . VAL A 1 34 ? -12.323 -26.243 6.465   1.00 85.14 ? 43   VAL A CB  1 
ATOM   230  C CG1 . VAL A 1 34 ? -12.803 -25.447 7.671   1.00 84.90 ? 43   VAL A CG1 1 
ATOM   231  C CG2 . VAL A 1 34 ? -13.504 -26.793 5.677   1.00 84.29 ? 43   VAL A CG2 1 
ATOM   232  N N   . ALA A 1 35 ? -12.643 -23.276 5.894   1.00 81.39 ? 44   ALA A N   1 
ATOM   233  C CA  . ALA A 1 35 ? -13.446 -22.106 5.536   1.00 78.61 ? 44   ALA A CA  1 
ATOM   234  C C   . ALA A 1 35 ? -13.132 -21.599 4.135   1.00 76.03 ? 44   ALA A C   1 
ATOM   235  O O   . ALA A 1 35 ? -12.145 -20.896 3.923   1.00 75.91 ? 44   ALA A O   1 
ATOM   236  C CB  . ALA A 1 35 ? -13.224 -20.991 6.554   1.00 78.73 ? 44   ALA A CB  1 
ATOM   237  N N   . LYS A 1 36 ? -13.978 -21.966 3.180   1.00 73.09 ? 45   LYS A N   1 
ATOM   238  C CA  . LYS A 1 36 ? -13.791 -21.554 1.796   1.00 70.29 ? 45   LYS A CA  1 
ATOM   239  C C   . LYS A 1 36 ? -13.998 -20.050 1.657   1.00 67.39 ? 45   LYS A C   1 
ATOM   240  O O   . LYS A 1 36 ? -13.750 -19.476 0.595   1.00 67.37 ? 45   LYS A O   1 
ATOM   241  C CB  . LYS A 1 36 ? -14.769 -22.304 0.889   1.00 70.76 ? 45   LYS A CB  1 
ATOM   242  N N   . GLN A 1 37 ? -14.441 -19.419 2.740   1.00 63.10 ? 46   GLN A N   1 
ATOM   243  C CA  . GLN A 1 37 ? -14.702 -17.988 2.736   1.00 58.65 ? 46   GLN A CA  1 
ATOM   244  C C   . GLN A 1 37 ? -14.044 -17.266 3.912   1.00 55.52 ? 46   GLN A C   1 
ATOM   245  O O   . GLN A 1 37 ? -14.408 -17.476 5.068   1.00 54.95 ? 46   GLN A O   1 
ATOM   246  C CB  . GLN A 1 37 ? -16.220 -17.749 2.756   1.00 59.27 ? 46   GLN A CB  1 
ATOM   247  C CG  . GLN A 1 37 ? -16.747 -16.840 1.638   1.00 58.90 ? 46   GLN A CG  1 
ATOM   248  C CD  . GLN A 1 37 ? -16.437 -15.371 1.873   1.00 57.88 ? 46   GLN A CD  1 
ATOM   249  O OE1 . GLN A 1 37 ? -16.921 -14.769 2.829   1.00 57.09 ? 46   GLN A OE1 1 
ATOM   250  N NE2 . GLN A 1 37 ? -15.625 -14.791 1.000   1.00 57.55 ? 46   GLN A NE2 1 
ATOM   251  N N   . LEU A 1 38 ? -13.074 -16.412 3.605   1.00 51.92 ? 47   LEU A N   1 
ATOM   252  C CA  . LEU A 1 38 ? -12.376 -15.637 4.624   1.00 48.75 ? 47   LEU A CA  1 
ATOM   253  C C   . LEU A 1 38 ? -12.915 -14.216 4.625   1.00 46.33 ? 47   LEU A C   1 
ATOM   254  O O   . LEU A 1 38 ? -13.127 -13.629 3.568   1.00 47.64 ? 47   LEU A O   1 
ATOM   255  C CB  . LEU A 1 38 ? -10.874 -15.630 4.345   1.00 47.56 ? 47   LEU A CB  1 
ATOM   256  C CG  . LEU A 1 38 ? -10.027 -16.605 5.172   1.00 47.18 ? 47   LEU A CG  1 
ATOM   257  C CD1 . LEU A 1 38 ? -10.730 -17.939 5.354   1.00 46.13 ? 47   LEU A CD1 1 
ATOM   258  C CD2 . LEU A 1 38 ? -8.694  -16.790 4.478   1.00 47.42 ? 47   LEU A CD2 1 
ATOM   259  N N   . VAL A 1 39 ? -13.140 -13.672 5.815   1.00 43.07 ? 48   VAL A N   1 
ATOM   260  C CA  . VAL A 1 39 ? -13.673 -12.324 5.965   1.00 40.83 ? 48   VAL A CA  1 
ATOM   261  C C   . VAL A 1 39 ? -12.943 -11.570 7.072   1.00 39.64 ? 48   VAL A C   1 
ATOM   262  O O   . VAL A 1 39 ? -13.101 -11.886 8.249   1.00 41.27 ? 48   VAL A O   1 
ATOM   263  C CB  . VAL A 1 39 ? -15.183 -12.372 6.314   1.00 41.00 ? 48   VAL A CB  1 
ATOM   264  C CG1 . VAL A 1 39 ? -15.721 -10.966 6.575   1.00 38.96 ? 48   VAL A CG1 1 
ATOM   265  C CG2 . VAL A 1 39 ? -15.944 -13.043 5.186   1.00 39.85 ? 48   VAL A CG2 1 
ATOM   266  N N   . PRO A 1 40 ? -12.149 -10.547 6.713   1.00 37.19 ? 49   PRO A N   1 
ATOM   267  C CA  . PRO A 1 40 ? -11.903 -10.069 5.351   1.00 35.66 ? 49   PRO A CA  1 
ATOM   268  C C   . PRO A 1 40 ? -11.035 -10.988 4.512   1.00 34.89 ? 49   PRO A C   1 
ATOM   269  O O   . PRO A 1 40 ? -10.317 -11.844 5.037   1.00 35.70 ? 49   PRO A O   1 
ATOM   270  C CB  . PRO A 1 40 ? -11.255 -8.707  5.572   1.00 36.68 ? 49   PRO A CB  1 
ATOM   271  C CG  . PRO A 1 40 ? -10.554 -8.879  6.873   1.00 36.93 ? 49   PRO A CG  1 
ATOM   272  C CD  . PRO A 1 40 ? -11.567 -9.621  7.699   1.00 35.72 ? 49   PRO A CD  1 
ATOM   273  N N   . SER A 1 41 ? -11.108 -10.791 3.200   1.00 31.77 ? 50   SER A N   1 
ATOM   274  C CA  . SER A 1 41 ? -10.361 -11.582 2.233   1.00 28.14 ? 50   SER A CA  1 
ATOM   275  C C   . SER A 1 41 ? -8.973  -10.986 2.065   1.00 26.14 ? 50   SER A C   1 
ATOM   276  O O   . SER A 1 41 ? -8.183  -11.402 1.215   1.00 24.95 ? 50   SER A O   1 
ATOM   277  C CB  . SER A 1 41 ? -11.115 -11.584 0.902   1.00 30.35 ? 50   SER A CB  1 
ATOM   278  O OG  . SER A 1 41 ? -10.358 -12.181 -0.132  1.00 34.20 ? 50   SER A OG  1 
ATOM   279  N N   . CYS A 1 42 ? -8.676  -10.002 2.896   1.00 24.40 ? 51   CYS A N   1 
ATOM   280  C CA  . CYS A 1 42 ? -7.381  -9.359  2.847   1.00 25.52 ? 51   CYS A CA  1 
ATOM   281  C C   . CYS A 1 42 ? -7.183  -8.644  4.168   1.00 25.40 ? 51   CYS A C   1 
ATOM   282  O O   . CYS A 1 42 ? -8.149  -8.433  4.915   1.00 23.91 ? 51   CYS A O   1 
ATOM   283  C CB  . CYS A 1 42 ? -7.324  -8.363  1.674   1.00 30.43 ? 51   CYS A CB  1 
ATOM   284  S SG  . CYS A 1 42 ? -8.241  -6.781  1.837   1.00 33.64 ? 51   CYS A SG  1 
ATOM   285  N N   . VAL A 1 43 ? -5.934  -8.294  4.473   1.00 24.61 ? 52   VAL A N   1 
ATOM   286  C CA  . VAL A 1 43 ? -5.636  -7.578  5.714   1.00 25.59 ? 52   VAL A CA  1 
ATOM   287  C C   . VAL A 1 43 ? -4.639  -6.458  5.438   1.00 25.89 ? 52   VAL A C   1 
ATOM   288  O O   . VAL A 1 43 ? -3.954  -6.473  4.423   1.00 26.75 ? 52   VAL A O   1 
ATOM   289  C CB  . VAL A 1 43 ? -5.045  -8.531  6.799   1.00 26.62 ? 52   VAL A CB  1 
ATOM   290  C CG1 . VAL A 1 43 ? -6.019  -9.686  7.065   1.00 25.24 ? 52   VAL A CG1 1 
ATOM   291  C CG2 . VAL A 1 43 ? -3.677  -9.069  6.352   1.00 25.05 ? 52   VAL A CG2 1 
ATOM   292  N N   . THR A 1 44 ? -4.580  -5.475  6.327   1.00 26.08 ? 53   THR A N   1 
ATOM   293  C CA  . THR A 1 44 ? -3.641  -4.377  6.163   1.00 27.36 ? 53   THR A CA  1 
ATOM   294  C C   . THR A 1 44 ? -2.553  -4.530  7.219   1.00 28.08 ? 53   THR A C   1 
ATOM   295  O O   . THR A 1 44 ? -2.845  -4.708  8.401   1.00 27.69 ? 53   THR A O   1 
ATOM   296  C CB  . THR A 1 44 ? -4.348  -2.983  6.301   1.00 28.19 ? 53   THR A CB  1 
ATOM   297  O OG1 . THR A 1 44 ? -5.416  -3.064  7.253   1.00 28.84 ? 53   THR A OG1 1 
ATOM   298  C CG2 . THR A 1 44 ? -4.920  -2.543  4.970   1.00 29.86 ? 53   THR A CG2 1 
ATOM   299  N N   . VAL A 1 45 ? -1.296  -4.465  6.785   1.00 28.56 ? 54   VAL A N   1 
ATOM   300  C CA  . VAL A 1 45 ? -0.163  -4.622  7.687   1.00 26.17 ? 54   VAL A CA  1 
ATOM   301  C C   . VAL A 1 45 ? 1.007   -3.705  7.382   1.00 26.01 ? 54   VAL A C   1 
ATOM   302  O O   . VAL A 1 45 ? 1.376   -3.525  6.221   1.00 25.01 ? 54   VAL A O   1 
ATOM   303  C CB  . VAL A 1 45 ? 0.380   -6.062  7.638   1.00 25.84 ? 54   VAL A CB  1 
ATOM   304  C CG1 . VAL A 1 45 ? -0.716  -7.038  8.027   1.00 28.59 ? 54   VAL A CG1 1 
ATOM   305  C CG2 . VAL A 1 45 ? 0.913   -6.372  6.246   1.00 23.37 ? 54   VAL A CG2 1 
ATOM   306  N N   . GLN A 1 46 ? 1.608   -3.142  8.427   1.00 25.93 ? 55   GLN A N   1 
ATOM   307  C CA  . GLN A 1 46 ? 2.774   -2.287  8.235   1.00 28.50 ? 55   GLN A CA  1 
ATOM   308  C C   . GLN A 1 46 ? 3.965   -3.064  7.677   1.00 28.02 ? 55   GLN A C   1 
ATOM   309  O O   . GLN A 1 46 ? 4.389   -4.070  8.240   1.00 26.91 ? 55   GLN A O   1 
ATOM   310  C CB  . GLN A 1 46 ? 3.193   -1.637  9.543   1.00 31.42 ? 55   GLN A CB  1 
ATOM   311  C CG  . GLN A 1 46 ? 2.351   -0.455  9.927   1.00 37.91 ? 55   GLN A CG  1 
ATOM   312  C CD  . GLN A 1 46 ? 3.182   0.607   10.598  1.00 42.04 ? 55   GLN A CD  1 
ATOM   313  O OE1 . GLN A 1 46 ? 3.923   0.313   11.537  1.00 47.01 ? 55   GLN A OE1 1 
ATOM   314  N NE2 . GLN A 1 46 ? 3.074   1.849   10.124  1.00 42.91 ? 55   GLN A NE2 1 
ATOM   315  N N   . ARG A 1 47 ? 4.486   -2.581  6.556   1.00 28.40 ? 56   ARG A N   1 
ATOM   316  C CA  . ARG A 1 47 ? 5.629   -3.175  5.887   1.00 29.29 ? 56   ARG A CA  1 
ATOM   317  C C   . ARG A 1 47 ? 6.553   -2.040  5.491   1.00 30.67 ? 56   ARG A C   1 
ATOM   318  O O   . ARG A 1 47 ? 6.261   -0.872  5.756   1.00 33.60 ? 56   ARG A O   1 
ATOM   319  C CB  . ARG A 1 47 ? 5.193   -3.924  4.630   1.00 28.70 ? 56   ARG A CB  1 
ATOM   320  C CG  . ARG A 1 47 ? 4.491   -5.245  4.886   1.00 31.42 ? 56   ARG A CG  1 
ATOM   321  C CD  . ARG A 1 47 ? 5.396   -6.270  5.572   1.00 29.75 ? 56   ARG A CD  1 
ATOM   322  N NE  . ARG A 1 47 ? 4.702   -7.535  5.780   1.00 30.37 ? 56   ARG A NE  1 
ATOM   323  C CZ  . ARG A 1 47 ? 4.412   -8.396  4.811   1.00 32.92 ? 56   ARG A CZ  1 
ATOM   324  N NH1 . ARG A 1 47 ? 4.768   -8.123  3.559   1.00 34.88 ? 56   ARG A NH1 1 
ATOM   325  N NH2 . ARG A 1 47 ? 3.756   -9.524  5.085   1.00 32.82 ? 56   ARG A NH2 1 
ATOM   326  N N   . CYS A 1 48 ? 7.661   -2.382  4.848   1.00 30.21 ? 57   CYS A N   1 
ATOM   327  C CA  . CYS A 1 48 ? 8.614   -1.381  4.402   1.00 30.42 ? 57   CYS A CA  1 
ATOM   328  C C   . CYS A 1 48 ? 8.281   -0.996  2.996   1.00 31.36 ? 57   CYS A C   1 
ATOM   329  O O   . CYS A 1 48 ? 8.229   -1.847  2.108   1.00 32.58 ? 57   CYS A O   1 
ATOM   330  C CB  . CYS A 1 48 ? 10.034  -1.929  4.411   1.00 30.89 ? 57   CYS A CB  1 
ATOM   331  S SG  . CYS A 1 48 ? 10.642  -2.246  6.077   1.00 30.03 ? 57   CYS A SG  1 
ATOM   332  N N   . GLY A 1 49 ? 8.063   0.289   2.782   1.00 30.84 ? 58   GLY A N   1 
ATOM   333  C CA  . GLY A 1 49 ? 7.746   0.731   1.447   1.00 29.97 ? 58   GLY A CA  1 
ATOM   334  C C   . GLY A 1 49 ? 8.322   2.097   1.214   1.00 29.33 ? 58   GLY A C   1 
ATOM   335  O O   . GLY A 1 49 ? 8.846   2.727   2.136   1.00 28.62 ? 58   GLY A O   1 
ATOM   336  N N   . GLY A 1 50 ? 8.198   2.561   -0.020  1.00 28.95 ? 59   GLY A N   1 
ATOM   337  C CA  . GLY A 1 50 ? 8.719   3.861   -0.370  1.00 29.30 ? 59   GLY A CA  1 
ATOM   338  C C   . GLY A 1 50 ? 9.872   3.598   -1.298  1.00 29.56 ? 59   GLY A C   1 
ATOM   339  O O   . GLY A 1 50 ? 9.894   2.586   -1.998  1.00 29.87 ? 59   GLY A O   1 
ATOM   340  N N   . CYS A 1 51 ? 10.844  4.487   -1.305  1.00 29.78 ? 60   CYS A N   1 
ATOM   341  C CA  . CYS A 1 51 ? 11.974  4.289   -2.181  1.00 33.31 ? 60   CYS A CA  1 
ATOM   342  C C   . CYS A 1 51 ? 13.262  4.774   -1.546  1.00 33.99 ? 60   CYS A C   1 
ATOM   343  O O   . CYS A 1 51 ? 13.259  5.385   -0.472  1.00 31.64 ? 60   CYS A O   1 
ATOM   344  C CB  . CYS A 1 51 ? 11.731  4.982   -3.541  1.00 34.93 ? 60   CYS A CB  1 
ATOM   345  S SG  . CYS A 1 51 ? 10.930  6.623   -3.469  1.00 36.43 ? 60   CYS A SG  1 
ATOM   346  N N   . CYS A 1 52 ? 14.364  4.481   -2.225  1.00 36.50 ? 61   CYS A N   1 
ATOM   347  C CA  . CYS A 1 52 ? 15.676  4.858   -1.747  1.00 40.56 ? 61   CYS A CA  1 
ATOM   348  C C   . CYS A 1 52 ? 16.359  5.822   -2.693  1.00 43.59 ? 61   CYS A C   1 
ATOM   349  O O   . CYS A 1 52 ? 16.180  5.746   -3.913  1.00 43.12 ? 61   CYS A O   1 
ATOM   350  C CB  . CYS A 1 52 ? 16.529  3.599   -1.554  1.00 40.14 ? 61   CYS A CB  1 
ATOM   351  S SG  . CYS A 1 52 ? 15.864  2.504   -0.256  1.00 38.20 ? 61   CYS A SG  1 
ATOM   352  N N   . PRO A 1 53 ? 17.147  6.753   -2.133  1.00 46.65 ? 62   PRO A N   1 
ATOM   353  C CA  . PRO A 1 53 ? 17.910  7.791   -2.831  1.00 48.94 ? 62   PRO A CA  1 
ATOM   354  C C   . PRO A 1 53 ? 18.882  7.289   -3.897  1.00 51.04 ? 62   PRO A C   1 
ATOM   355  O O   . PRO A 1 53 ? 19.856  7.969   -4.213  1.00 51.85 ? 62   PRO A O   1 
ATOM   356  C CB  . PRO A 1 53 ? 18.629  8.506   -1.691  1.00 48.34 ? 62   PRO A CB  1 
ATOM   357  C CG  . PRO A 1 53 ? 17.627  8.430   -0.587  1.00 47.61 ? 62   PRO A CG  1 
ATOM   358  C CD  . PRO A 1 53 ? 17.193  6.980   -0.676  1.00 47.20 ? 62   PRO A CD  1 
ATOM   359  N N   . ASP A 1 54 ? 18.617  6.113   -4.456  1.00 53.09 ? 63   ASP A N   1 
ATOM   360  C CA  . ASP A 1 54 ? 19.488  5.557   -5.484  1.00 55.64 ? 63   ASP A CA  1 
ATOM   361  C C   . ASP A 1 54 ? 19.101  4.150   -5.926  1.00 56.53 ? 63   ASP A C   1 
ATOM   362  O O   . ASP A 1 54 ? 18.564  3.362   -5.145  1.00 56.16 ? 63   ASP A O   1 
ATOM   363  C CB  . ASP A 1 54 ? 20.941  5.554   -4.992  1.00 58.01 ? 63   ASP A CB  1 
ATOM   364  C CG  . ASP A 1 54 ? 21.705  4.316   -5.432  1.00 61.00 ? 63   ASP A CG  1 
ATOM   365  O OD1 . ASP A 1 54 ? 21.507  3.239   -4.820  1.00 61.79 ? 63   ASP A OD1 1 
ATOM   366  O OD2 . ASP A 1 54 ? 22.492  4.416   -6.399  1.00 62.43 ? 63   ASP A OD2 1 
ATOM   367  N N   . ASP A 1 55 ? 19.373  3.841   -7.190  1.00 57.51 ? 64   ASP A N   1 
ATOM   368  C CA  . ASP A 1 55 ? 19.084  2.515   -7.713  1.00 58.79 ? 64   ASP A CA  1 
ATOM   369  C C   . ASP A 1 55 ? 20.168  1.598   -7.166  1.00 58.72 ? 64   ASP A C   1 
ATOM   370  O O   . ASP A 1 55 ? 21.313  2.017   -6.991  1.00 58.85 ? 64   ASP A O   1 
ATOM   371  C CB  . ASP A 1 55 ? 19.132  2.503   -9.243  1.00 60.71 ? 64   ASP A CB  1 
ATOM   372  C CG  . ASP A 1 55 ? 18.960  1.101   -9.817  1.00 62.94 ? 64   ASP A CG  1 
ATOM   373  O OD1 . ASP A 1 55 ? 19.238  0.899   -11.023 1.00 63.22 ? 64   ASP A OD1 1 
ATOM   374  O OD2 . ASP A 1 55 ? 18.543  0.198   -9.055  1.00 63.98 ? 64   ASP A OD2 1 
ATOM   375  N N   . GLY A 1 56 ? 19.816  0.345   -6.910  1.00 58.16 ? 65   GLY A N   1 
ATOM   376  C CA  . GLY A 1 56 ? 20.786  -0.584  -6.366  1.00 56.93 ? 65   GLY A CA  1 
ATOM   377  C C   . GLY A 1 56 ? 20.415  -0.830  -4.919  1.00 55.69 ? 65   GLY A C   1 
ATOM   378  O O   . GLY A 1 56 ? 20.311  -1.981  -4.485  1.00 55.82 ? 65   GLY A O   1 
ATOM   379  N N   . LEU A 1 57 ? 20.219  0.254   -4.170  1.00 53.94 ? 66   LEU A N   1 
ATOM   380  C CA  . LEU A 1 57 ? 19.815  0.136   -2.774  1.00 52.00 ? 66   LEU A CA  1 
ATOM   381  C C   . LEU A 1 57 ? 18.389  -0.383  -2.780  1.00 50.82 ? 66   LEU A C   1 
ATOM   382  O O   . LEU A 1 57 ? 17.728  -0.406  -3.822  1.00 50.88 ? 66   LEU A O   1 
ATOM   383  C CB  . LEU A 1 57 ? 19.832  1.490   -2.062  1.00 50.38 ? 66   LEU A CB  1 
ATOM   384  C CG  . LEU A 1 57 ? 21.163  2.141   -1.707  1.00 50.08 ? 66   LEU A CG  1 
ATOM   385  C CD1 . LEU A 1 57 ? 20.890  3.438   -0.964  1.00 50.48 ? 66   LEU A CD1 1 
ATOM   386  C CD2 . LEU A 1 57 ? 21.988  1.206   -0.843  1.00 49.73 ? 66   LEU A CD2 1 
ATOM   387  N N   . GLU A 1 58 ? 17.919  -0.801  -1.615  1.00 49.04 ? 67   GLU A N   1 
ATOM   388  C CA  . GLU A 1 58 ? 16.564  -1.298  -1.487  1.00 46.73 ? 67   GLU A CA  1 
ATOM   389  C C   . GLU A 1 58 ? 16.048  -0.968  -0.104  1.00 44.57 ? 67   GLU A C   1 
ATOM   390  O O   . GLU A 1 58 ? 16.824  -0.643  0.800   1.00 44.57 ? 67   GLU A O   1 
ATOM   391  C CB  . GLU A 1 58 ? 16.513  -2.805  -1.728  1.00 48.41 ? 67   GLU A CB  1 
ATOM   392  C CG  . GLU A 1 58 ? 17.588  -3.591  -1.012  1.00 52.44 ? 67   GLU A CG  1 
ATOM   393  C CD  . GLU A 1 58 ? 17.483  -5.080  -1.287  1.00 55.59 ? 67   GLU A CD  1 
ATOM   394  O OE1 . GLU A 1 58 ? 17.204  -5.443  -2.453  1.00 56.73 ? 67   GLU A OE1 1 
ATOM   395  O OE2 . GLU A 1 58 ? 17.683  -5.886  -0.349  1.00 57.12 ? 67   GLU A OE2 1 
ATOM   396  N N   . CYS A 1 59 ? 14.729  -1.026  0.042   1.00 41.19 ? 68   CYS A N   1 
ATOM   397  C CA  . CYS A 1 59 ? 14.072  -0.742  1.309   1.00 36.94 ? 68   CYS A CA  1 
ATOM   398  C C   . CYS A 1 59 ? 13.801  -2.092  1.955   1.00 35.41 ? 68   CYS A C   1 
ATOM   399  O O   . CYS A 1 59 ? 13.100  -2.930  1.379   1.00 34.73 ? 68   CYS A O   1 
ATOM   400  C CB  . CYS A 1 59 ? 12.766  0.005   1.052   1.00 35.26 ? 68   CYS A CB  1 
ATOM   401  S SG  . CYS A 1 59 ? 11.875  0.604   2.518   1.00 32.24 ? 68   CYS A SG  1 
ATOM   402  N N   . VAL A 1 60 ? 14.380  -2.312  3.132   1.00 31.89 ? 69   VAL A N   1 
ATOM   403  C CA  . VAL A 1 60 ? 14.191  -3.576  3.834   1.00 30.15 ? 69   VAL A CA  1 
ATOM   404  C C   . VAL A 1 60 ? 14.016  -3.349  5.327   1.00 27.94 ? 69   VAL A C   1 
ATOM   405  O O   . VAL A 1 60 ? 14.422  -2.307  5.857   1.00 29.55 ? 69   VAL A O   1 
ATOM   406  C CB  . VAL A 1 60 ? 15.386  -4.543  3.600   1.00 30.33 ? 69   VAL A CB  1 
ATOM   407  C CG1 . VAL A 1 60 ? 15.426  -4.979  2.140   1.00 28.40 ? 69   VAL A CG1 1 
ATOM   408  C CG2 . VAL A 1 60 ? 16.695  -3.865  3.994   1.00 28.88 ? 69   VAL A CG2 1 
ATOM   409  N N   . PRO A 1 61 ? 13.384  -4.312  6.022   1.00 25.11 ? 70   PRO A N   1 
ATOM   410  C CA  . PRO A 1 61 ? 13.151  -4.216  7.467   1.00 24.04 ? 70   PRO A CA  1 
ATOM   411  C C   . PRO A 1 61 ? 14.414  -4.477  8.289   1.00 25.18 ? 70   PRO A C   1 
ATOM   412  O O   . PRO A 1 61 ? 15.261  -5.285  7.912   1.00 24.55 ? 70   PRO A O   1 
ATOM   413  C CB  . PRO A 1 61 ? 12.088  -5.277  7.713   1.00 23.14 ? 70   PRO A CB  1 
ATOM   414  C CG  . PRO A 1 61 ? 12.462  -6.336  6.732   1.00 22.91 ? 70   PRO A CG  1 
ATOM   415  C CD  . PRO A 1 61 ? 12.776  -5.540  5.474   1.00 23.60 ? 70   PRO A CD  1 
ATOM   416  N N   . THR A 1 62 ? 14.530  -3.761  9.399   1.00 26.21 ? 71   THR A N   1 
ATOM   417  C CA  . THR A 1 62 ? 15.641  -3.892  10.326  1.00 28.77 ? 71   THR A CA  1 
ATOM   418  C C   . THR A 1 62 ? 14.975  -4.065  11.699  1.00 30.05 ? 71   THR A C   1 
ATOM   419  O O   . THR A 1 62 ? 15.606  -3.981  12.757  1.00 29.80 ? 71   THR A O   1 
ATOM   420  C CB  . THR A 1 62 ? 16.521  -2.631  10.301  1.00 28.98 ? 71   THR A CB  1 
ATOM   421  O OG1 . THR A 1 62 ? 15.730  -1.481  10.636  1.00 31.96 ? 71   THR A OG1 1 
ATOM   422  C CG2 . THR A 1 62 ? 17.128  -2.443  8.921   1.00 29.02 ? 71   THR A CG2 1 
ATOM   423  N N   . GLY A 1 63 ? 13.671  -4.301  11.633  1.00 30.76 ? 72   GLY A N   1 
ATOM   424  C CA  . GLY A 1 63 ? 12.837  -4.495  12.798  1.00 31.55 ? 72   GLY A CA  1 
ATOM   425  C C   . GLY A 1 63 ? 11.518  -5.052  12.291  1.00 33.50 ? 72   GLY A C   1 
ATOM   426  O O   . GLY A 1 63 ? 10.870  -4.438  11.445  1.00 33.69 ? 72   GLY A O   1 
ATOM   427  N N   . GLN A 1 64 ? 11.131  -6.227  12.779  1.00 34.78 ? 73   GLN A N   1 
ATOM   428  C CA  . GLN A 1 64 ? 9.879   -6.854  12.369  1.00 36.42 ? 73   GLN A CA  1 
ATOM   429  C C   . GLN A 1 64 ? 9.354   -7.764  13.474  1.00 37.00 ? 73   GLN A C   1 
ATOM   430  O O   . GLN A 1 64 ? 10.007  -7.955  14.495  1.00 35.20 ? 73   GLN A O   1 
ATOM   431  C CB  . GLN A 1 64 ? 10.086  -7.658  11.087  1.00 36.40 ? 73   GLN A CB  1 
ATOM   432  C CG  . GLN A 1 64 ? 11.222  -8.650  11.186  1.00 38.79 ? 73   GLN A CG  1 
ATOM   433  C CD  . GLN A 1 64 ? 11.581  -9.263  9.851   1.00 40.07 ? 73   GLN A CD  1 
ATOM   434  O OE1 . GLN A 1 64 ? 10.809  -10.039 9.284   1.00 40.88 ? 73   GLN A OE1 1 
ATOM   435  N NE2 . GLN A 1 64 ? 12.762  -8.913  9.334   1.00 39.58 ? 73   GLN A NE2 1 
ATOM   436  N N   . HIS A 1 65 ? 8.163   -8.315  13.263  1.00 38.16 ? 74   HIS A N   1 
ATOM   437  C CA  . HIS A 1 65 ? 7.541   -9.204  14.233  1.00 38.00 ? 74   HIS A CA  1 
ATOM   438  C C   . HIS A 1 65 ? 6.241   -9.737  13.673  1.00 37.69 ? 74   HIS A C   1 
ATOM   439  O O   . HIS A 1 65 ? 5.659   -9.152  12.762  1.00 37.26 ? 74   HIS A O   1 
ATOM   440  C CB  . HIS A 1 65 ? 7.266   -8.470  15.540  1.00 38.70 ? 74   HIS A CB  1 
ATOM   441  C CG  . HIS A 1 65 ? 6.485   -7.207  15.371  1.00 42.49 ? 74   HIS A CG  1 
ATOM   442  N ND1 . HIS A 1 65 ? 6.893   -6.187  14.539  1.00 43.72 ? 74   HIS A ND1 1 
ATOM   443  C CD2 . HIS A 1 65 ? 5.341   -6.780  15.958  1.00 43.64 ? 74   HIS A CD2 1 
ATOM   444  C CE1 . HIS A 1 65 ? 6.036   -5.185  14.623  1.00 43.44 ? 74   HIS A CE1 1 
ATOM   445  N NE2 . HIS A 1 65 ? 5.086   -5.520  15.478  1.00 43.77 ? 74   HIS A NE2 1 
ATOM   446  N N   . GLN A 1 66 ? 5.785   -10.852 14.224  1.00 36.04 ? 75   GLN A N   1 
ATOM   447  C CA  . GLN A 1 66 ? 4.554   -11.456 13.757  1.00 34.87 ? 75   GLN A CA  1 
ATOM   448  C C   . GLN A 1 66 ? 3.338   -10.833 14.430  1.00 32.74 ? 75   GLN A C   1 
ATOM   449  O O   . GLN A 1 66 ? 3.331   -10.612 15.634  1.00 30.97 ? 75   GLN A O   1 
ATOM   450  C CB  . GLN A 1 66 ? 4.600   -12.960 14.007  1.00 35.17 ? 75   GLN A CB  1 
ATOM   451  C CG  . GLN A 1 66 ? 5.675   -13.681 13.191  1.00 35.67 ? 75   GLN A CG  1 
ATOM   452  C CD  . GLN A 1 66 ? 5.349   -13.765 11.699  1.00 36.68 ? 75   GLN A CD  1 
ATOM   453  O OE1 . GLN A 1 66 ? 6.251   -13.246 10.861  1.00 36.20 ? 75   GLN A OE1 1 
ATOM   454  N NE2 . GLN A 1 66 ? 4.308   -14.301 11.306  1.00 36.91 ? 75   GLN A NE2 1 
ATOM   455  N N   . VAL A 1 67 ? 2.315   -10.529 13.639  1.00 31.25 ? 76   VAL A N   1 
ATOM   456  C CA  . VAL A 1 67 ? 1.100   -9.945  14.190  1.00 28.74 ? 76   VAL A CA  1 
ATOM   457  C C   . VAL A 1 67 ? -0.003  -10.964 14.015  1.00 26.45 ? 76   VAL A C   1 
ATOM   458  O O   . VAL A 1 67 ? -0.053  -11.660 13.003  1.00 25.65 ? 76   VAL A O   1 
ATOM   459  C CB  . VAL A 1 67 ? 0.680   -8.658  13.446  1.00 29.82 ? 76   VAL A CB  1 
ATOM   460  C CG1 . VAL A 1 67 ? -0.303  -7.867  14.295  1.00 28.66 ? 76   VAL A CG1 1 
ATOM   461  C CG2 . VAL A 1 67 ? 1.886   -7.832  13.122  1.00 29.86 ? 76   VAL A CG2 1 
ATOM   462  N N   . ARG A 1 68 ? -0.874  -11.056 15.009  1.00 26.06 ? 77   ARG A N   1 
ATOM   463  C CA  . ARG A 1 68 ? -1.999  -11.983 14.966  1.00 27.70 ? 77   ARG A CA  1 
ATOM   464  C C   . ARG A 1 68 ? -3.234  -11.243 14.459  1.00 25.08 ? 77   ARG A C   1 
ATOM   465  O O   . ARG A 1 68 ? -3.799  -10.385 15.140  1.00 21.48 ? 77   ARG A O   1 
ATOM   466  C CB  . ARG A 1 68 ? -2.281  -12.549 16.363  1.00 31.02 ? 77   ARG A CB  1 
ATOM   467  C CG  . ARG A 1 68 ? -1.221  -13.499 16.886  1.00 37.75 ? 77   ARG A CG  1 
ATOM   468  C CD  . ARG A 1 68 ? -1.321  -14.866 16.229  1.00 39.78 ? 77   ARG A CD  1 
ATOM   469  N NE  . ARG A 1 68 ? -0.259  -15.757 16.689  1.00 42.46 ? 77   ARG A NE  1 
ATOM   470  C CZ  . ARG A 1 68 ? -0.111  -17.012 16.278  1.00 43.43 ? 77   ARG A CZ  1 
ATOM   471  N NH1 . ARG A 1 68 ? -0.964  -17.536 15.404  1.00 44.45 ? 77   ARG A NH1 1 
ATOM   472  N NH2 . ARG A 1 68 ? 0.909   -17.733 16.721  1.00 43.69 ? 77   ARG A NH2 1 
ATOM   473  N N   . MET A 1 69 ? -3.641  -11.595 13.255  1.00 24.53 ? 78   MET A N   1 
ATOM   474  C CA  . MET A 1 69 ? -4.794  -10.992 12.600  1.00 24.74 ? 78   MET A CA  1 
ATOM   475  C C   . MET A 1 69 ? -6.036  -11.841 12.843  1.00 22.56 ? 78   MET A C   1 
ATOM   476  O O   . MET A 1 69 ? -6.082  -12.966 12.372  1.00 21.47 ? 78   MET A O   1 
ATOM   477  C CB  . MET A 1 69 ? -4.542  -10.955 11.088  1.00 27.59 ? 78   MET A CB  1 
ATOM   478  C CG  . MET A 1 69 ? -4.621  -9.605  10.419  1.00 28.27 ? 78   MET A CG  1 
ATOM   479  S SD  . MET A 1 69 ? -3.230  -8.542  10.761  1.00 29.88 ? 78   MET A SD  1 
ATOM   480  C CE  . MET A 1 69 ? -3.819  -7.721  12.146  1.00 24.18 ? 78   MET A CE  1 
ATOM   481  N N   . GLN A 1 70 ? -7.030  -11.342 13.575  1.00 23.85 ? 79   GLN A N   1 
ATOM   482  C CA  . GLN A 1 70 ? -8.251  -12.135 13.745  1.00 27.23 ? 79   GLN A CA  1 
ATOM   483  C C   . GLN A 1 70 ? -8.984  -12.121 12.402  1.00 29.26 ? 79   GLN A C   1 
ATOM   484  O O   . GLN A 1 70 ? -9.267  -11.058 11.854  1.00 28.01 ? 79   GLN A O   1 
ATOM   485  C CB  . GLN A 1 70 ? -9.149  -11.570 14.842  1.00 25.56 ? 79   GLN A CB  1 
ATOM   486  C CG  . GLN A 1 70 ? -8.684  -11.933 16.230  1.00 28.45 ? 79   GLN A CG  1 
ATOM   487  C CD  . GLN A 1 70 ? -9.591  -11.405 17.315  1.00 30.15 ? 79   GLN A CD  1 
ATOM   488  O OE1 . GLN A 1 70 ? -10.706 -10.807 16.913  1.00 30.29 ? 79   GLN A OE1 1 
ATOM   489  N NE2 . GLN A 1 70 ? -9.297  -11.532 18.503  1.00 31.40 ? 79   GLN A NE2 1 
ATOM   490  N N   . ILE A 1 71 ? -9.266  -13.310 11.877  1.00 32.35 ? 80   ILE A N   1 
ATOM   491  C CA  . ILE A 1 71 ? -9.923  -13.462 10.586  1.00 35.32 ? 80   ILE A CA  1 
ATOM   492  C C   . ILE A 1 71 ? -11.136 -14.373 10.660  1.00 37.95 ? 80   ILE A C   1 
ATOM   493  O O   . ILE A 1 71 ? -11.006 -15.537 11.008  1.00 37.37 ? 80   ILE A O   1 
ATOM   494  C CB  . ILE A 1 71 ? -8.967  -14.079 9.565   1.00 34.92 ? 80   ILE A CB  1 
ATOM   495  C CG1 . ILE A 1 71 ? -7.711  -13.230 9.465   1.00 35.09 ? 80   ILE A CG1 1 
ATOM   496  C CG2 . ILE A 1 71 ? -9.647  -14.194 8.216   1.00 35.57 ? 80   ILE A CG2 1 
ATOM   497  C CD1 . ILE A 1 71 ? -8.002  -11.774 9.215   1.00 36.42 ? 80   ILE A CD1 1 
ATOM   498  N N   . LEU A 1 72 ? -12.310 -13.852 10.312  1.00 41.31 ? 81   LEU A N   1 
ATOM   499  C CA  . LEU A 1 72 ? -13.526 -14.662 10.336  1.00 43.25 ? 81   LEU A CA  1 
ATOM   500  C C   . LEU A 1 72 ? -13.474 -15.740 9.262   1.00 43.90 ? 81   LEU A C   1 
ATOM   501  O O   . LEU A 1 72 ? -13.261 -15.450 8.089   1.00 43.91 ? 81   LEU A O   1 
ATOM   502  C CB  . LEU A 1 72 ? -14.760 -13.783 10.132  1.00 43.58 ? 81   LEU A CB  1 
ATOM   503  C CG  . LEU A 1 72 ? -15.701 -13.867 11.333  1.00 45.41 ? 81   LEU A CG  1 
ATOM   504  C CD1 . LEU A 1 72 ? -16.787 -12.804 11.257  1.00 45.63 ? 81   LEU A CD1 1 
ATOM   505  C CD2 . LEU A 1 72 ? -16.289 -15.267 11.383  1.00 44.54 ? 81   LEU A CD2 1 
ATOM   506  N N   . MET A 1 73 ? -13.651 -16.990 9.671   1.00 45.46 ? 82   MET A N   1 
ATOM   507  C CA  . MET A 1 73 ? -13.615 -18.101 8.731   1.00 46.39 ? 82   MET A CA  1 
ATOM   508  C C   . MET A 1 73 ? -15.031 -18.600 8.533   1.00 46.55 ? 82   MET A C   1 
ATOM   509  O O   . MET A 1 73 ? -15.834 -18.611 9.475   1.00 45.55 ? 82   MET A O   1 
ATOM   510  C CB  . MET A 1 73 ? -12.726 -19.222 9.260   1.00 47.68 ? 82   MET A CB  1 
ATOM   511  C CG  . MET A 1 73 ? -11.301 -18.780 9.527   1.00 50.34 ? 82   MET A CG  1 
ATOM   512  S SD  . MET A 1 73 ? -10.220 -20.146 9.957   1.00 51.40 ? 82   MET A SD  1 
ATOM   513  C CE  . MET A 1 73 ? -10.775 -20.475 11.632  1.00 51.39 ? 82   MET A CE  1 
ATOM   514  N N   . ILE A 1 74 ? -15.336 -19.018 7.309   1.00 46.68 ? 83   ILE A N   1 
ATOM   515  C CA  . ILE A 1 74 ? -16.678 -19.473 6.997   1.00 47.32 ? 83   ILE A CA  1 
ATOM   516  C C   . ILE A 1 74 ? -16.829 -20.717 6.129   1.00 47.86 ? 83   ILE A C   1 
ATOM   517  O O   . ILE A 1 74 ? -16.135 -20.902 5.128   1.00 46.58 ? 83   ILE A O   1 
ATOM   518  C CB  . ILE A 1 74 ? -17.487 -18.321 6.352   1.00 47.52 ? 83   ILE A CB  1 
ATOM   519  C CG1 . ILE A 1 74 ? -17.728 -17.221 7.391   1.00 46.60 ? 83   ILE A CG1 1 
ATOM   520  C CG2 . ILE A 1 74 ? -18.805 -18.838 5.798   1.00 47.02 ? 83   ILE A CG2 1 
ATOM   521  C CD1 . ILE A 1 74 ? -18.598 -16.092 6.901   1.00 46.20 ? 83   ILE A CD1 1 
ATOM   522  N N   . ARG A 1 75 ? -17.756 -21.565 6.565   1.00 49.32 ? 84   ARG A N   1 
ATOM   523  C CA  . ARG A 1 75 ? -18.155 -22.799 5.893   1.00 52.58 ? 84   ARG A CA  1 
ATOM   524  C C   . ARG A 1 75 ? -19.634 -22.676 6.263   1.00 53.85 ? 84   ARG A C   1 
ATOM   525  O O   . ARG A 1 75 ? -19.989 -22.813 7.440   1.00 53.78 ? 84   ARG A O   1 
ATOM   526  C CB  . ARG A 1 75 ? -17.511 -24.019 6.560   1.00 53.66 ? 84   ARG A CB  1 
ATOM   527  C CG  . ARG A 1 75 ? -17.333 -25.238 5.650   1.00 55.68 ? 84   ARG A CG  1 
ATOM   528  C CD  . ARG A 1 75 ? -16.324 -24.977 4.522   1.00 57.87 ? 84   ARG A CD  1 
ATOM   529  N NE  . ARG A 1 75 ? -15.880 -26.220 3.878   1.00 60.53 ? 84   ARG A NE  1 
ATOM   530  C CZ  . ARG A 1 75 ? -15.104 -26.283 2.793   1.00 61.28 ? 84   ARG A CZ  1 
ATOM   531  N NH1 . ARG A 1 75 ? -14.673 -25.169 2.206   1.00 60.25 ? 84   ARG A NH1 1 
ATOM   532  N NH2 . ARG A 1 75 ? -14.749 -27.467 2.298   1.00 60.04 ? 84   ARG A NH2 1 
ATOM   533  N N   . TYR A 1 76 ? -20.483 -22.406 5.267   1.00 54.61 ? 85   TYR A N   1 
ATOM   534  C CA  . TYR A 1 76 ? -21.906 -22.146 5.514   1.00 54.47 ? 85   TYR A CA  1 
ATOM   535  C C   . TYR A 1 76 ? -22.503 -22.458 6.876   1.00 54.42 ? 85   TYR A C   1 
ATOM   536  O O   . TYR A 1 76 ? -22.867 -21.533 7.600   1.00 55.37 ? 85   TYR A O   1 
ATOM   537  C CB  . TYR A 1 76 ? -22.854 -22.756 4.474   1.00 52.99 ? 85   TYR A CB  1 
ATOM   538  C CG  . TYR A 1 76 ? -24.279 -22.498 4.940   1.00 51.65 ? 85   TYR A CG  1 
ATOM   539  C CD1 . TYR A 1 76 ? -24.676 -21.203 5.306   1.00 50.53 ? 85   TYR A CD1 1 
ATOM   540  C CD2 . TYR A 1 76 ? -25.167 -23.546 5.189   1.00 51.41 ? 85   TYR A CD2 1 
ATOM   541  C CE1 . TYR A 1 76 ? -25.899 -20.961 5.922   1.00 49.61 ? 85   TYR A CE1 1 
ATOM   542  C CE2 . TYR A 1 76 ? -26.405 -23.310 5.806   1.00 50.17 ? 85   TYR A CE2 1 
ATOM   543  C CZ  . TYR A 1 76 ? -26.758 -22.013 6.173   1.00 49.79 ? 85   TYR A CZ  1 
ATOM   544  O OH  . TYR A 1 76 ? -27.955 -21.761 6.810   1.00 49.56 ? 85   TYR A OH  1 
ATOM   545  N N   . PRO A 1 77 ? -22.655 -23.747 7.223   1.00 53.81 ? 86   PRO A N   1 
ATOM   546  C CA  . PRO A 1 77 ? -23.237 -24.045 8.534   1.00 53.86 ? 86   PRO A CA  1 
ATOM   547  C C   . PRO A 1 77 ? -23.121 -22.808 9.420   1.00 53.75 ? 86   PRO A C   1 
ATOM   548  O O   . PRO A 1 77 ? -24.126 -22.283 9.904   1.00 53.89 ? 86   PRO A O   1 
ATOM   549  C CB  . PRO A 1 77 ? -22.396 -25.218 9.004   1.00 55.25 ? 86   PRO A CB  1 
ATOM   550  C CG  . PRO A 1 77 ? -22.240 -26.001 7.721   1.00 55.27 ? 86   PRO A CG  1 
ATOM   551  C CD  . PRO A 1 77 ? -21.946 -24.922 6.682   1.00 54.53 ? 86   PRO A CD  1 
ATOM   552  N N   . SER A 1 78 ? -21.889 -22.331 9.591   1.00 52.31 ? 87   SER A N   1 
ATOM   553  C CA  . SER A 1 78 ? -21.630 -21.115 10.354  1.00 51.78 ? 87   SER A CA  1 
ATOM   554  C C   . SER A 1 78 ? -20.163 -20.677 10.257  1.00 50.63 ? 87   SER A C   1 
ATOM   555  O O   . SER A 1 78 ? -19.384 -21.243 9.486   1.00 50.55 ? 87   SER A O   1 
ATOM   556  C CB  . SER A 1 78 ? -22.046 -21.290 11.814  1.00 53.10 ? 87   SER A CB  1 
ATOM   557  O OG  . SER A 1 78 ? -22.771 -20.148 12.259  1.00 52.64 ? 87   SER A OG  1 
ATOM   558  N N   . SER A 1 79 ? -19.794 -19.656 11.025  1.00 48.66 ? 88   SER A N   1 
ATOM   559  C CA  . SER A 1 79 ? -18.430 -19.164 10.975  1.00 47.18 ? 88   SER A CA  1 
ATOM   560  C C   . SER A 1 79 ? -17.813 -18.902 12.333  1.00 45.26 ? 88   SER A C   1 
ATOM   561  O O   . SER A 1 79 ? -18.516 -18.672 13.320  1.00 45.22 ? 88   SER A O   1 
ATOM   562  N N   . GLN A 1 80 ? -16.489 -18.927 12.383  1.00 42.99 ? 89   GLN A N   1 
ATOM   563  C CA  . GLN A 1 80 ? -15.789 -18.700 13.634  1.00 41.06 ? 89   GLN A CA  1 
ATOM   564  C C   . GLN A 1 80 ? -14.519 -17.889 13.418  1.00 38.81 ? 89   GLN A C   1 
ATOM   565  O O   . GLN A 1 80 ? -13.876 -17.978 12.369  1.00 37.62 ? 89   GLN A O   1 
ATOM   566  C CB  . GLN A 1 80 ? -15.429 -20.039 14.285  1.00 42.36 ? 89   GLN A CB  1 
ATOM   567  C CG  . GLN A 1 80 ? -14.290 -20.765 13.575  1.00 44.33 ? 89   GLN A CG  1 
ATOM   568  C CD  . GLN A 1 80 ? -13.877 -22.044 14.277  1.00 46.52 ? 89   GLN A CD  1 
ATOM   569  O OE1 . GLN A 1 80 ? -13.635 -22.059 15.489  1.00 45.21 ? 89   GLN A OE1 1 
ATOM   570  N NE2 . GLN A 1 80 ? -13.784 -23.131 13.512  1.00 47.04 ? 89   GLN A NE2 1 
ATOM   571  N N   . LEU A 1 81 ? -14.165 -17.105 14.425  1.00 37.71 ? 90   LEU A N   1 
ATOM   572  C CA  . LEU A 1 81 ? -12.969 -16.279 14.378  1.00 38.07 ? 90   LEU A CA  1 
ATOM   573  C C   . LEU A 1 81 ? -11.694 -17.099 14.375  1.00 37.26 ? 90   LEU A C   1 
ATOM   574  O O   . LEU A 1 81 ? -11.441 -17.893 15.278  1.00 37.82 ? 90   LEU A O   1 
ATOM   575  C CB  . LEU A 1 81 ? -12.938 -15.318 15.566  1.00 38.34 ? 90   LEU A CB  1 
ATOM   576  C CG  . LEU A 1 81 ? -13.917 -14.149 15.476  1.00 39.55 ? 90   LEU A CG  1 
ATOM   577  C CD1 . LEU A 1 81 ? -13.918 -13.370 16.787  1.00 38.80 ? 90   LEU A CD1 1 
ATOM   578  C CD2 . LEU A 1 81 ? -13.516 -13.258 14.290  1.00 39.19 ? 90   LEU A CD2 1 
ATOM   579  N N   . GLY A 1 82 ? -10.903 -16.904 13.331  1.00 37.56 ? 91   GLY A N   1 
ATOM   580  C CA  . GLY A 1 82 ? -9.634  -17.586 13.205  1.00 36.40 ? 91   GLY A CA  1 
ATOM   581  C C   . GLY A 1 82 ? -8.575  -16.559 13.541  1.00 36.69 ? 91   GLY A C   1 
ATOM   582  O O   . GLY A 1 82 ? -8.890  -15.458 13.986  1.00 36.94 ? 91   GLY A O   1 
ATOM   583  N N   . GLU A 1 83 ? -7.316  -16.897 13.329  1.00 36.86 ? 92   GLU A N   1 
ATOM   584  C CA  . GLU A 1 83 ? -6.260  -15.960 13.646  1.00 37.61 ? 92   GLU A CA  1 
ATOM   585  C C   . GLU A 1 83 ? -5.083  -16.272 12.760  1.00 38.10 ? 92   GLU A C   1 
ATOM   586  O O   . GLU A 1 83 ? -4.395  -17.282 12.947  1.00 38.24 ? 92   GLU A O   1 
ATOM   587  C CB  . GLU A 1 83 ? -5.861  -16.098 15.111  1.00 38.27 ? 92   GLU A CB  1 
ATOM   588  C CG  . GLU A 1 83 ? -5.597  -14.785 15.803  1.00 38.79 ? 92   GLU A CG  1 
ATOM   589  C CD  . GLU A 1 83 ? -5.388  -14.964 17.297  1.00 40.78 ? 92   GLU A CD  1 
ATOM   590  O OE1 . GLU A 1 83 ? -4.373  -15.590 17.689  1.00 39.20 ? 92   GLU A OE1 1 
ATOM   591  O OE2 . GLU A 1 83 ? -6.243  -14.480 18.074  1.00 40.21 ? 92   GLU A OE2 1 
ATOM   592  N N   . MET A 1 84 ? -4.866  -15.406 11.782  1.00 36.80 ? 93   MET A N   1 
ATOM   593  C CA  . MET A 1 84 ? -3.774  -15.581 10.852  1.00 37.20 ? 93   MET A CA  1 
ATOM   594  C C   . MET A 1 84 ? -2.625  -14.721 11.333  1.00 34.85 ? 93   MET A C   1 
ATOM   595  O O   . MET A 1 84 ? -2.838  -13.637 11.869  1.00 34.63 ? 93   MET A O   1 
ATOM   596  C CB  . MET A 1 84 ? -4.214  -15.140 9.466   1.00 42.64 ? 93   MET A CB  1 
ATOM   597  C CG  . MET A 1 84 ? -3.184  -15.354 8.394   1.00 47.94 ? 93   MET A CG  1 
ATOM   598  S SD  . MET A 1 84 ? -3.661  -14.397 6.968   1.00 55.28 ? 93   MET A SD  1 
ATOM   599  C CE  . MET A 1 84 ? -3.201  -12.743 7.543   1.00 53.07 ? 93   MET A CE  1 
ATOM   600  N N   . SER A 1 85 ? -1.406  -15.197 11.139  1.00 32.95 ? 94   SER A N   1 
ATOM   601  C CA  . SER A 1 85 ? -0.241  -14.455 11.589  1.00 31.72 ? 94   SER A CA  1 
ATOM   602  C C   . SER A 1 85 ? 0.735   -14.145 10.477  1.00 30.25 ? 94   SER A C   1 
ATOM   603  O O   . SER A 1 85 ? 1.035   -15.001 9.658   1.00 31.43 ? 94   SER A O   1 
ATOM   604  C CB  . SER A 1 85 ? 0.484   -15.240 12.685  1.00 33.17 ? 94   SER A CB  1 
ATOM   605  O OG  . SER A 1 85 ? 1.826   -14.800 12.823  1.00 33.96 ? 94   SER A OG  1 
ATOM   606  N N   . LEU A 1 86 ? 1.223   -12.912 10.443  1.00 29.24 ? 95   LEU A N   1 
ATOM   607  C CA  . LEU A 1 86 ? 2.206   -12.523 9.439   1.00 28.54 ? 95   LEU A CA  1 
ATOM   608  C C   . LEU A 1 86 ? 3.197   -11.501 9.980   1.00 27.25 ? 95   LEU A C   1 
ATOM   609  O O   . LEU A 1 86 ? 3.001   -10.934 11.053  1.00 27.22 ? 95   LEU A O   1 
ATOM   610  C CB  . LEU A 1 86 ? 1.526   -12.005 8.157   1.00 28.04 ? 95   LEU A CB  1 
ATOM   611  C CG  . LEU A 1 86 ? 0.160   -11.332 8.226   1.00 27.02 ? 95   LEU A CG  1 
ATOM   612  C CD1 . LEU A 1 86 ? 0.224   -10.105 9.108   1.00 27.85 ? 95   LEU A CD1 1 
ATOM   613  C CD2 . LEU A 1 86 ? -0.265  -10.962 6.834   1.00 27.93 ? 95   LEU A CD2 1 
ATOM   614  N N   . GLU A 1 87 ? 4.282   -11.299 9.245   1.00 27.82 ? 96   GLU A N   1 
ATOM   615  C CA  . GLU A 1 87 ? 5.293   -10.351 9.661   1.00 29.90 ? 96   GLU A CA  1 
ATOM   616  C C   . GLU A 1 87 ? 4.873   -8.912  9.360   1.00 29.95 ? 96   GLU A C   1 
ATOM   617  O O   . GLU A 1 87 ? 4.320   -8.601  8.308   1.00 28.08 ? 96   GLU A O   1 
ATOM   618  C CB  . GLU A 1 87 ? 6.641   -10.654 8.985   1.00 32.34 ? 96   GLU A CB  1 
ATOM   619  C CG  . GLU A 1 87 ? 6.632   -10.543 7.473   1.00 39.04 ? 96   GLU A CG  1 
ATOM   620  C CD  . GLU A 1 87 ? 8.035   -10.545 6.866   1.00 43.48 ? 96   GLU A CD  1 
ATOM   621  O OE1 . GLU A 1 87 ? 8.891   -9.769  7.352   1.00 44.00 ? 96   GLU A OE1 1 
ATOM   622  O OE2 . GLU A 1 87 ? 8.281   -11.311 5.896   1.00 44.10 ? 96   GLU A OE2 1 
ATOM   623  N N   . GLU A 1 88 ? 5.147   -8.052  10.327  1.00 30.06 ? 97   GLU A N   1 
ATOM   624  C CA  . GLU A 1 88 ? 4.867   -6.641  10.256  1.00 29.24 ? 97   GLU A CA  1 
ATOM   625  C C   . GLU A 1 88 ? 6.192   -5.961  10.570  1.00 29.22 ? 97   GLU A C   1 
ATOM   626  O O   . GLU A 1 88 ? 6.827   -6.272  11.584  1.00 30.37 ? 97   GLU A O   1 
ATOM   627  C CB  . GLU A 1 88 ? 3.842   -6.281  11.311  1.00 30.53 ? 97   GLU A CB  1 
ATOM   628  C CG  . GLU A 1 88 ? 3.294   -4.891  11.202  1.00 34.92 ? 97   GLU A CG  1 
ATOM   629  C CD  . GLU A 1 88 ? 2.092   -4.710  12.085  1.00 36.71 ? 97   GLU A CD  1 
ATOM   630  O OE1 . GLU A 1 88 ? 2.264   -4.682  13.326  1.00 38.83 ? 97   GLU A OE1 1 
ATOM   631  O OE2 . GLU A 1 88 ? 0.975   -4.617  11.536  1.00 38.05 ? 97   GLU A OE2 1 
ATOM   632  N N   . HIS A 1 89 ? 6.609   -5.036  9.710   1.00 27.45 ? 98   HIS A N   1 
ATOM   633  C CA  . HIS A 1 89 ? 7.870   -4.339  9.914   1.00 23.68 ? 98   HIS A CA  1 
ATOM   634  C C   . HIS A 1 89 ? 7.728   -3.143  10.828  1.00 24.43 ? 98   HIS A C   1 
ATOM   635  O O   . HIS A 1 89 ? 6.749   -2.410  10.770  1.00 27.47 ? 98   HIS A O   1 
ATOM   636  C CB  . HIS A 1 89 ? 8.439   -3.916  8.579   1.00 19.53 ? 98   HIS A CB  1 
ATOM   637  C CG  . HIS A 1 89 ? 8.536   -5.036  7.599   1.00 16.96 ? 98   HIS A CG  1 
ATOM   638  N ND1 . HIS A 1 89 ? 8.912   -4.848  6.287   1.00 18.20 ? 98   HIS A ND1 1 
ATOM   639  C CD2 . HIS A 1 89 ? 8.295   -6.360  7.737   1.00 17.18 ? 98   HIS A CD2 1 
ATOM   640  C CE1 . HIS A 1 89 ? 8.896   -6.010  5.656   1.00 19.40 ? 98   HIS A CE1 1 
ATOM   641  N NE2 . HIS A 1 89 ? 8.524   -6.945  6.515   1.00 17.90 ? 98   HIS A NE2 1 
ATOM   642  N N   . SER A 1 90 ? 8.719   -2.962  11.687  1.00 25.21 ? 99   SER A N   1 
ATOM   643  C CA  . SER A 1 90 ? 8.715   -1.864  12.631  1.00 25.06 ? 99   SER A CA  1 
ATOM   644  C C   . SER A 1 90 ? 9.803   -0.851  12.296  1.00 23.85 ? 99   SER A C   1 
ATOM   645  O O   . SER A 1 90 ? 9.734   0.281   12.743  1.00 24.50 ? 99   SER A O   1 
ATOM   646  C CB  . SER A 1 90 ? 8.948   -2.396  14.040  1.00 26.37 ? 99   SER A CB  1 
ATOM   647  O OG  . SER A 1 90 ? 10.262  -2.932  14.139  1.00 29.72 ? 99   SER A OG  1 
ATOM   648  N N   . GLN A 1 91 ? 10.815  -1.271  11.539  1.00 22.76 ? 100  GLN A N   1 
ATOM   649  C CA  . GLN A 1 91 ? 11.920  -0.388  11.159  1.00 24.56 ? 100  GLN A CA  1 
ATOM   650  C C   . GLN A 1 91 ? 12.406  -0.779  9.786   1.00 23.12 ? 100  GLN A C   1 
ATOM   651  O O   . GLN A 1 91 ? 12.391  -1.956  9.444   1.00 22.32 ? 100  GLN A O   1 
ATOM   652  C CB  . GLN A 1 91 ? 13.115  -0.498  12.115  1.00 29.66 ? 100  GLN A CB  1 
ATOM   653  C CG  . GLN A 1 91 ? 12.931  0.054   13.511  1.00 35.29 ? 100  GLN A CG  1 
ATOM   654  C CD  . GLN A 1 91 ? 14.275  0.265   14.210  1.00 41.70 ? 100  GLN A CD  1 
ATOM   655  O OE1 . GLN A 1 91 ? 15.165  -0.602  14.164  1.00 43.62 ? 100  GLN A OE1 1 
ATOM   656  N NE2 . GLN A 1 91 ? 14.428  1.419   14.861  1.00 42.91 ? 100  GLN A NE2 1 
ATOM   657  N N   . CYS A 1 92 ? 12.859  0.199   9.008   1.00 22.58 ? 101  CYS A N   1 
ATOM   658  C CA  . CYS A 1 92 ? 13.325  -0.091  7.664   1.00 25.27 ? 101  CYS A CA  1 
ATOM   659  C C   . CYS A 1 92 ? 14.584  0.677   7.355   1.00 26.71 ? 101  CYS A C   1 
ATOM   660  O O   . CYS A 1 92 ? 14.928  1.648   8.034   1.00 26.48 ? 101  CYS A O   1 
ATOM   661  C CB  . CYS A 1 92 ? 12.249  0.266   6.630   1.00 27.92 ? 101  CYS A CB  1 
ATOM   662  S SG  . CYS A 1 92 ? 10.603  -0.430  6.977   1.00 28.00 ? 101  CYS A SG  1 
ATOM   663  N N   . GLU A 1 93 ? 15.269  0.242   6.307   1.00 28.71 ? 102  GLU A N   1 
ATOM   664  C CA  . GLU A 1 93 ? 16.506  0.871   5.903   1.00 31.00 ? 102  GLU A CA  1 
ATOM   665  C C   . GLU A 1 93 ? 16.776  0.563   4.452   1.00 32.18 ? 102  GLU A C   1 
ATOM   666  O O   . GLU A 1 93 ? 16.283  -0.430  3.911   1.00 30.52 ? 102  GLU A O   1 
ATOM   667  C CB  . GLU A 1 93 ? 17.670  0.352   6.766   1.00 32.24 ? 102  GLU A CB  1 
ATOM   668  C CG  . GLU A 1 93 ? 17.962  1.197   7.996   1.00 35.63 ? 102  GLU A CG  1 
ATOM   669  C CD  . GLU A 1 93 ? 19.016  0.586   8.921   1.00 39.55 ? 102  GLU A CD  1 
ATOM   670  O OE1 . GLU A 1 93 ? 20.092  0.158   8.438   1.00 39.02 ? 102  GLU A OE1 1 
ATOM   671  O OE2 . GLU A 1 93 ? 18.761  0.544   10.146  1.00 42.05 ? 102  GLU A OE2 1 
ATOM   672  N N   . CYS A 1 94 ? 17.565  1.431   3.835   1.00 35.91 ? 103  CYS A N   1 
ATOM   673  C CA  . CYS A 1 94 ? 17.967  1.295   2.444   1.00 40.59 ? 103  CYS A CA  1 
ATOM   674  C C   . CYS A 1 94 ? 19.346  0.610   2.443   1.00 45.09 ? 103  CYS A C   1 
ATOM   675  O O   . CYS A 1 94 ? 20.318  1.156   2.974   1.00 45.69 ? 103  CYS A O   1 
ATOM   676  C CB  . CYS A 1 94 ? 18.040  2.688   1.797   1.00 40.48 ? 103  CYS A CB  1 
ATOM   677  S SG  . CYS A 1 94 ? 16.408  3.446   1.459   1.00 38.06 ? 103  CYS A SG  1 
ATOM   678  N N   . ARG A 1 95 ? 19.424  -0.594  1.880   1.00 48.24 ? 104  ARG A N   1 
ATOM   679  C CA  . ARG A 1 95 ? 20.683  -1.329  1.851   1.00 51.75 ? 104  ARG A CA  1 
ATOM   680  C C   . ARG A 1 95 ? 20.974  -1.766  0.421   1.00 53.55 ? 104  ARG A C   1 
ATOM   681  O O   . ARG A 1 95 ? 20.054  -1.935  -0.374  1.00 54.59 ? 104  ARG A O   1 
ATOM   682  C CB  . ARG A 1 95 ? 20.621  -2.578  2.757   1.00 53.15 ? 104  ARG A CB  1 
ATOM   683  C CG  . ARG A 1 95 ? 19.726  -2.484  3.995   1.00 55.33 ? 104  ARG A CG  1 
ATOM   684  C CD  . ARG A 1 95 ? 19.975  -1.228  4.829   1.00 59.63 ? 104  ARG A CD  1 
ATOM   685  N NE  . ARG A 1 95 ? 21.237  -1.237  5.568   1.00 63.02 ? 104  ARG A NE  1 
ATOM   686  C CZ  . ARG A 1 95 ? 21.418  -1.830  6.746   1.00 64.01 ? 104  ARG A CZ  1 
ATOM   687  N NH1 . ARG A 1 95 ? 20.416  -2.472  7.337   1.00 63.81 ? 104  ARG A NH1 1 
ATOM   688  N NH2 . ARG A 1 95 ? 22.602  -1.769  7.342   1.00 64.88 ? 104  ARG A NH2 1 
ATOM   689  N N   . PRO A 1 96 ? 22.260  -1.964  0.083   1.00 55.06 ? 105  PRO A N   1 
ATOM   690  C CA  . PRO A 1 96 ? 22.704  -2.385  -1.253  1.00 56.57 ? 105  PRO A CA  1 
ATOM   691  C C   . PRO A 1 96 ? 21.948  -3.588  -1.804  1.00 57.74 ? 105  PRO A C   1 
ATOM   692  O O   . PRO A 1 96 ? 21.279  -4.303  -1.064  1.00 58.24 ? 105  PRO A O   1 
ATOM   693  C CB  . PRO A 1 96 ? 24.184  -2.690  -1.038  1.00 56.66 ? 105  PRO A CB  1 
ATOM   694  C CG  . PRO A 1 96 ? 24.574  -1.682  0.003   1.00 55.94 ? 105  PRO A CG  1 
ATOM   695  C CD  . PRO A 1 96 ? 23.417  -1.764  0.977   1.00 55.52 ? 105  PRO A CD  1 
ATOM   696  N N   . LYS A 1 97 ? 22.059  -3.805  -3.110  1.00 59.66 ? 106  LYS A N   1 
ATOM   697  C CA  . LYS A 1 97 ? 21.384  -4.933  -3.726  1.00 62.58 ? 106  LYS A CA  1 
ATOM   698  C C   . LYS A 1 97 ? 21.977  -6.251  -3.256  1.00 65.12 ? 106  LYS A C   1 
ATOM   699  O O   . LYS A 1 97 ? 23.191  -6.356  -3.048  1.00 65.26 ? 106  LYS A O   1 
ATOM   700  N N   . LYS A 1 98 ? 21.120  -7.257  -3.090  1.00 66.68 ? 107  LYS A N   1 
ATOM   701  C CA  . LYS A 1 98 ? 21.542  -8.583  -2.634  1.00 68.01 ? 107  LYS A CA  1 
ATOM   702  C C   . LYS A 1 98 ? 22.419  -9.325  -3.652  1.00 68.88 ? 107  LYS A C   1 
ATOM   703  O O   . LYS A 1 98 ? 22.924  -8.671  -4.594  1.00 69.36 ? 107  LYS A O   1 
ATOM   704  C CB  . LYS A 1 98 ? 20.313  -9.426  -2.287  1.00 67.95 ? 107  LYS A CB  1 
ATOM   705  N N   . LYS A 1 99 ? 22.604  -10.553 -3.484  1.00 68.83 ? 108  LYS A N   1 
ATOM   706  N N   . LYS B 1 4  ? 1.163   -9.400  20.001  1.00 38.68 ? 13   LYS B N   1 
ATOM   707  C CA  . LYS B 1 4  ? 0.231   -8.416  19.377  1.00 37.66 ? 13   LYS B CA  1 
ATOM   708  C C   . LYS B 1 4  ? -0.909  -9.098  18.611  1.00 36.24 ? 13   LYS B C   1 
ATOM   709  O O   . LYS B 1 4  ? -0.686  -9.796  17.614  1.00 33.26 ? 13   LYS B O   1 
ATOM   710  C CB  . LYS B 1 4  ? 0.990   -7.484  18.427  1.00 39.04 ? 13   LYS B CB  1 
ATOM   711  C CG  . LYS B 1 4  ? 0.089   -6.430  17.776  1.00 41.03 ? 13   LYS B CG  1 
ATOM   712  C CD  . LYS B 1 4  ? 0.832   -5.568  16.750  1.00 42.99 ? 13   LYS B CD  1 
ATOM   713  C CE  . LYS B 1 4  ? -0.108  -4.538  16.095  1.00 43.15 ? 13   LYS B CE  1 
ATOM   714  N NZ  . LYS B 1 4  ? 0.541   -3.730  15.020  1.00 40.77 ? 13   LYS B NZ  1 
ATOM   715  N N   . VAL B 1 5  ? -2.129  -8.890  19.096  1.00 34.83 ? 14   VAL B N   1 
ATOM   716  C CA  . VAL B 1 5  ? -3.316  -9.461  18.476  1.00 34.14 ? 14   VAL B CA  1 
ATOM   717  C C   . VAL B 1 5  ? -4.256  -8.342  18.051  1.00 32.73 ? 14   VAL B C   1 
ATOM   718  O O   . VAL B 1 5  ? -4.602  -7.475  18.851  1.00 33.01 ? 14   VAL B O   1 
ATOM   719  C CB  . VAL B 1 5  ? -4.066  -10.390 19.445  1.00 34.68 ? 14   VAL B CB  1 
ATOM   720  C CG1 . VAL B 1 5  ? -5.366  -10.850 18.817  1.00 34.01 ? 14   VAL B CG1 1 
ATOM   721  C CG2 . VAL B 1 5  ? -3.194  -11.588 19.792  1.00 34.51 ? 14   VAL B CG2 1 
ATOM   722  N N   . VAL B 1 6  ? -4.660  -8.363  16.787  1.00 31.17 ? 15   VAL B N   1 
ATOM   723  C CA  . VAL B 1 6  ? -5.563  -7.349  16.267  1.00 29.25 ? 15   VAL B CA  1 
ATOM   724  C C   . VAL B 1 6  ? -6.995  -7.893  16.189  1.00 28.93 ? 15   VAL B C   1 
ATOM   725  O O   . VAL B 1 6  ? -7.241  -8.964  15.624  1.00 27.65 ? 15   VAL B O   1 
ATOM   726  C CB  . VAL B 1 6  ? -5.104  -6.865  14.875  1.00 28.80 ? 15   VAL B CB  1 
ATOM   727  C CG1 . VAL B 1 6  ? -5.967  -5.697  14.416  1.00 26.91 ? 15   VAL B CG1 1 
ATOM   728  C CG2 . VAL B 1 6  ? -3.645  -6.443  14.934  1.00 27.91 ? 15   VAL B CG2 1 
ATOM   729  N N   . SER B 1 7  ? -7.923  -7.141  16.779  1.00 28.67 ? 16   SER B N   1 
ATOM   730  C CA  . SER B 1 7  ? -9.341  -7.492  16.818  1.00 29.01 ? 16   SER B CA  1 
ATOM   731  C C   . SER B 1 7  ? -9.963  -7.501  15.413  1.00 29.99 ? 16   SER B C   1 
ATOM   732  O O   . SER B 1 7  ? -9.683  -6.622  14.593  1.00 30.63 ? 16   SER B O   1 
ATOM   733  C CB  . SER B 1 7  ? -10.066 -6.492  17.723  1.00 28.88 ? 16   SER B CB  1 
ATOM   734  O OG  . SER B 1 7  ? -11.389 -6.905  18.012  1.00 30.21 ? 16   SER B OG  1 
ATOM   735  N N   . TRP B 1 8  ? -10.803 -8.496  15.137  1.00 31.07 ? 17   TRP B N   1 
ATOM   736  C CA  . TRP B 1 8  ? -11.453 -8.621  13.826  1.00 31.59 ? 17   TRP B CA  1 
ATOM   737  C C   . TRP B 1 8  ? -12.026 -7.302  13.293  1.00 31.46 ? 17   TRP B C   1 
ATOM   738  O O   . TRP B 1 8  ? -11.853 -6.975  12.118  1.00 30.49 ? 17   TRP B O   1 
ATOM   739  C CB  . TRP B 1 8  ? -12.571 -9.663  13.886  1.00 31.13 ? 17   TRP B CB  1 
ATOM   740  C CG  . TRP B 1 8  ? -13.298 -9.827  12.582  1.00 33.69 ? 17   TRP B CG  1 
ATOM   741  C CD1 . TRP B 1 8  ? -12.801 -10.358 11.418  1.00 34.38 ? 17   TRP B CD1 1 
ATOM   742  C CD2 . TRP B 1 8  ? -14.651 -9.446  12.302  1.00 32.56 ? 17   TRP B CD2 1 
ATOM   743  N NE1 . TRP B 1 8  ? -13.766 -10.332 10.432  1.00 33.14 ? 17   TRP B NE1 1 
ATOM   744  C CE2 . TRP B 1 8  ? -14.908 -9.777  10.947  1.00 33.37 ? 17   TRP B CE2 1 
ATOM   745  C CE3 . TRP B 1 8  ? -15.671 -8.857  13.063  1.00 33.64 ? 17   TRP B CE3 1 
ATOM   746  C CZ2 . TRP B 1 8  ? -16.148 -9.535  10.337  1.00 32.96 ? 17   TRP B CZ2 1 
ATOM   747  C CZ3 . TRP B 1 8  ? -16.908 -8.615  12.455  1.00 33.50 ? 17   TRP B CZ3 1 
ATOM   748  C CH2 . TRP B 1 8  ? -17.130 -8.956  11.105  1.00 34.37 ? 17   TRP B CH2 1 
ATOM   749  N N   . ILE B 1 9  ? -12.712 -6.558  14.157  1.00 31.32 ? 18   ILE B N   1 
ATOM   750  C CA  . ILE B 1 9  ? -13.298 -5.278  13.776  1.00 33.26 ? 18   ILE B CA  1 
ATOM   751  C C   . ILE B 1 9  ? -12.249 -4.359  13.192  1.00 33.19 ? 18   ILE B C   1 
ATOM   752  O O   . ILE B 1 9  ? -12.460 -3.751  12.142  1.00 33.73 ? 18   ILE B O   1 
ATOM   753  C CB  . ILE B 1 9  ? -13.905 -4.553  14.977  1.00 34.24 ? 18   ILE B CB  1 
ATOM   754  C CG1 . ILE B 1 9  ? -13.014 -4.768  16.199  1.00 36.95 ? 18   ILE B CG1 1 
ATOM   755  C CG2 . ILE B 1 9  ? -15.316 -5.027  15.215  1.00 35.26 ? 18   ILE B CG2 1 
ATOM   756  C CD1 . ILE B 1 9  ? -13.445 -3.976  17.430  1.00 40.87 ? 18   ILE B CD1 1 
ATOM   757  N N   . ASP B 1 10 ? -11.120 -4.249  13.885  1.00 33.24 ? 19   ASP B N   1 
ATOM   758  C CA  . ASP B 1 10 ? -10.034 -3.401  13.426  1.00 31.58 ? 19   ASP B CA  1 
ATOM   759  C C   . ASP B 1 10 ? -9.455  -3.961  12.137  1.00 29.06 ? 19   ASP B C   1 
ATOM   760  O O   . ASP B 1 10 ? -9.076  -3.214  11.242  1.00 29.51 ? 19   ASP B O   1 
ATOM   761  C CB  . ASP B 1 10 ? -8.953  -3.302  14.497  1.00 35.59 ? 19   ASP B CB  1 
ATOM   762  C CG  . ASP B 1 10 ? -9.485  -2.757  15.813  1.00 39.47 ? 19   ASP B CG  1 
ATOM   763  O OD1 . ASP B 1 10 ? -10.350 -3.423  16.428  1.00 42.87 ? 19   ASP B OD1 1 
ATOM   764  O OD2 . ASP B 1 10 ? -9.041  -1.665  16.238  1.00 41.63 ? 19   ASP B OD2 1 
ATOM   765  N N   . VAL B 1 11 ? -9.402  -5.279  12.031  1.00 26.94 ? 20   VAL B N   1 
ATOM   766  C CA  . VAL B 1 11 ? -8.865  -5.898  10.833  1.00 27.32 ? 20   VAL B CA  1 
ATOM   767  C C   . VAL B 1 11 ? -9.777  -5.672  9.639   1.00 29.64 ? 20   VAL B C   1 
ATOM   768  O O   . VAL B 1 11 ? -9.314  -5.363  8.540   1.00 29.62 ? 20   VAL B O   1 
ATOM   769  C CB  . VAL B 1 11 ? -8.691  -7.404  11.009  1.00 24.06 ? 20   VAL B CB  1 
ATOM   770  C CG1 . VAL B 1 11 ? -8.386  -8.061  9.675   1.00 19.12 ? 20   VAL B CG1 1 
ATOM   771  C CG2 . VAL B 1 11 ? -7.572  -7.667  11.983  1.00 26.78 ? 20   VAL B CG2 1 
ATOM   772  N N   . TYR B 1 12 ? -11.073 -5.849  9.861   1.00 30.60 ? 21   TYR B N   1 
ATOM   773  C CA  . TYR B 1 12 ? -12.052 -5.686  8.804   1.00 30.36 ? 21   TYR B CA  1 
ATOM   774  C C   . TYR B 1 12 ? -12.171 -4.240  8.337   1.00 27.61 ? 21   TYR B C   1 
ATOM   775  O O   . TYR B 1 12 ? -11.965 -3.941  7.167   1.00 24.36 ? 21   TYR B O   1 
ATOM   776  C CB  . TYR B 1 12 ? -13.421 -6.181  9.270   1.00 33.27 ? 21   TYR B CB  1 
ATOM   777  C CG  . TYR B 1 12 ? -14.400 -6.252  8.138   1.00 36.90 ? 21   TYR B CG  1 
ATOM   778  C CD1 . TYR B 1 12 ? -14.225 -7.177  7.108   1.00 38.80 ? 21   TYR B CD1 1 
ATOM   779  C CD2 . TYR B 1 12 ? -15.467 -5.357  8.053   1.00 39.12 ? 21   TYR B CD2 1 
ATOM   780  C CE1 . TYR B 1 12 ? -15.086 -7.208  6.016   1.00 41.58 ? 21   TYR B CE1 1 
ATOM   781  C CE2 . TYR B 1 12 ? -16.338 -5.379  6.965   1.00 41.02 ? 21   TYR B CE2 1 
ATOM   782  C CZ  . TYR B 1 12 ? -16.140 -6.306  5.949   1.00 41.37 ? 21   TYR B CZ  1 
ATOM   783  O OH  . TYR B 1 12 ? -16.986 -6.330  4.866   1.00 44.84 ? 21   TYR B OH  1 
ATOM   784  N N   . THR B 1 13 ? -12.502 -3.355  9.270   1.00 27.04 ? 22   THR B N   1 
ATOM   785  C CA  . THR B 1 13 ? -12.670 -1.940  8.982   1.00 26.95 ? 22   THR B CA  1 
ATOM   786  C C   . THR B 1 13 ? -11.485 -1.359  8.243   1.00 29.18 ? 22   THR B C   1 
ATOM   787  O O   . THR B 1 13 ? -11.624 -0.426  7.447   1.00 30.55 ? 22   THR B O   1 
ATOM   788  C CB  . THR B 1 13 ? -12.854 -1.144  10.274  1.00 26.60 ? 22   THR B CB  1 
ATOM   789  O OG1 . THR B 1 13 ? -14.147 -1.417  10.816  1.00 27.79 ? 22   THR B OG1 1 
ATOM   790  C CG2 . THR B 1 13 ? -12.732 0.350   10.012  1.00 29.01 ? 22   THR B CG2 1 
ATOM   791  N N   . ARG B 1 14 ? -10.317 -1.931  8.500   1.00 29.33 ? 23   ARG B N   1 
ATOM   792  C CA  . ARG B 1 14 ? -9.088  -1.449  7.906   1.00 29.48 ? 23   ARG B CA  1 
ATOM   793  C C   . ARG B 1 14 ? -8.751  -2.112  6.593   1.00 27.44 ? 23   ARG B C   1 
ATOM   794  O O   . ARG B 1 14 ? -8.049  -1.540  5.772   1.00 29.94 ? 23   ARG B O   1 
ATOM   795  C CB  . ARG B 1 14 ? -7.952  -1.651  8.906   1.00 34.04 ? 23   ARG B CB  1 
ATOM   796  C CG  . ARG B 1 14 ? -6.728  -0.797  8.692   1.00 38.47 ? 23   ARG B CG  1 
ATOM   797  C CD  . ARG B 1 14 ? -5.859  -0.908  9.926   1.00 45.26 ? 23   ARG B CD  1 
ATOM   798  N NE  . ARG B 1 14 ? -6.627  -0.621  11.139  1.00 48.93 ? 23   ARG B NE  1 
ATOM   799  C CZ  . ARG B 1 14 ? -6.274  -1.012  12.362  1.00 51.78 ? 23   ARG B CZ  1 
ATOM   800  N NH1 . ARG B 1 14 ? -5.163  -1.712  12.542  1.00 53.03 ? 23   ARG B NH1 1 
ATOM   801  N NH2 . ARG B 1 14 ? -7.036  -0.707  13.408  1.00 53.00 ? 23   ARG B NH2 1 
ATOM   802  N N   . ALA B 1 15 ? -9.249  -3.317  6.381   1.00 26.52 ? 24   ALA B N   1 
ATOM   803  C CA  . ALA B 1 15 ? -8.954  -4.022  5.147   1.00 26.81 ? 24   ALA B CA  1 
ATOM   804  C C   . ALA B 1 15 ? -10.048 -3.767  4.104   1.00 27.95 ? 24   ALA B C   1 
ATOM   805  O O   . ALA B 1 15 ? -9.890  -4.054  2.914   1.00 26.76 ? 24   ALA B O   1 
ATOM   806  C CB  . ALA B 1 15 ? -8.829  -5.509  5.431   1.00 24.61 ? 24   ALA B CB  1 
ATOM   807  N N   . THR B 1 16 ? -11.162 -3.218  4.559   1.00 29.05 ? 25   THR B N   1 
ATOM   808  C CA  . THR B 1 16 ? -12.258 -2.963  3.654   1.00 32.18 ? 25   THR B CA  1 
ATOM   809  C C   . THR B 1 16 ? -12.000 -1.789  2.710   1.00 33.17 ? 25   THR B C   1 
ATOM   810  O O   . THR B 1 16 ? -11.489 -0.732  3.115   1.00 33.43 ? 25   THR B O   1 
ATOM   811  C CB  . THR B 1 16 ? -13.566 -2.724  4.417   1.00 31.51 ? 25   THR B CB  1 
ATOM   812  O OG1 . THR B 1 16 ? -14.645 -2.655  3.479   1.00 36.69 ? 25   THR B OG1 1 
ATOM   813  C CG2 . THR B 1 16 ? -13.504 -1.436  5.200   1.00 31.37 ? 25   THR B CG2 1 
ATOM   814  N N   . CYS B 1 17 ? -12.352 -2.015  1.444   1.00 33.38 ? 26   CYS B N   1 
ATOM   815  C CA  . CYS B 1 17 ? -12.221 -1.056  0.352   1.00 31.07 ? 26   CYS B CA  1 
ATOM   816  C C   . CYS B 1 17 ? -12.407 0.385   0.805   1.00 30.00 ? 26   CYS B C   1 
ATOM   817  O O   . CYS B 1 17 ? -13.446 0.749   1.360   1.00 30.08 ? 26   CYS B O   1 
ATOM   818  C CB  . CYS B 1 17 ? -13.247 -1.403  -0.731  1.00 33.26 ? 26   CYS B CB  1 
ATOM   819  S SG  . CYS B 1 17 ? -13.422 -0.211  -2.096  1.00 32.02 ? 26   CYS B SG  1 
ATOM   820  N N   . GLN B 1 18 ? -11.382 1.197   0.567   1.00 27.20 ? 27   GLN B N   1 
ATOM   821  C CA  . GLN B 1 18 ? -11.404 2.603   0.939   1.00 26.17 ? 27   GLN B CA  1 
ATOM   822  C C   . GLN B 1 18 ? -10.145 3.265   0.380   1.00 26.29 ? 27   GLN B C   1 
ATOM   823  O O   . GLN B 1 18 ? -9.263  2.593   -0.165  1.00 28.33 ? 27   GLN B O   1 
ATOM   824  C CB  . GLN B 1 18 ? -11.426 2.737   2.455   1.00 25.87 ? 27   GLN B CB  1 
ATOM   825  C CG  . GLN B 1 18 ? -10.154 2.205   3.116   1.00 28.48 ? 27   GLN B CG  1 
ATOM   826  C CD  . GLN B 1 18 ? -10.317 2.019   4.601   1.00 29.37 ? 27   GLN B CD  1 
ATOM   827  O OE1 . GLN B 1 18 ? -10.261 2.981   5.370   1.00 29.42 ? 27   GLN B OE1 1 
ATOM   828  N NE2 . GLN B 1 18 ? -10.543 0.776   5.017   1.00 29.04 ? 27   GLN B NE2 1 
ATOM   829  N N   . PRO B 1 19 ? -10.048 4.594   0.489   1.00 25.72 ? 28   PRO B N   1 
ATOM   830  C CA  . PRO B 1 19 ? -8.849  5.249   -0.032  1.00 25.37 ? 28   PRO B CA  1 
ATOM   831  C C   . PRO B 1 19 ? -7.730  4.987   0.961   1.00 25.27 ? 28   PRO B C   1 
ATOM   832  O O   . PRO B 1 19 ? -7.972  5.013   2.167   1.00 24.78 ? 28   PRO B O   1 
ATOM   833  C CB  . PRO B 1 19 ? -9.239  6.731   -0.056  1.00 25.40 ? 28   PRO B CB  1 
ATOM   834  C CG  . PRO B 1 19 ? -10.746 6.712   -0.065  1.00 25.74 ? 28   PRO B CG  1 
ATOM   835  C CD  . PRO B 1 19 ? -11.052 5.595   0.884   1.00 25.40 ? 28   PRO B CD  1 
ATOM   836  N N   . ARG B 1 20 ? -6.518  4.743   0.471   1.00 25.42 ? 29   ARG B N   1 
ATOM   837  C CA  . ARG B 1 20 ? -5.383  4.493   1.359   1.00 25.82 ? 29   ARG B CA  1 
ATOM   838  C C   . ARG B 1 20 ? -4.065  4.885   0.709   1.00 26.19 ? 29   ARG B C   1 
ATOM   839  O O   . ARG B 1 20 ? -3.838  4.612   -0.466  1.00 27.19 ? 29   ARG B O   1 
ATOM   840  C CB  . ARG B 1 20 ? -5.342  3.007   1.767   1.00 24.66 ? 29   ARG B CB  1 
ATOM   841  C CG  . ARG B 1 20 ? -5.183  2.031   0.602   1.00 23.87 ? 29   ARG B CG  1 
ATOM   842  C CD  . ARG B 1 20 ? -5.605  0.624   1.002   1.00 23.46 ? 29   ARG B CD  1 
ATOM   843  N NE  . ARG B 1 20 ? -6.540  0.662   2.128   1.00 27.07 ? 29   ARG B NE  1 
ATOM   844  C CZ  . ARG B 1 20 ? -7.354  -0.334  2.468   1.00 28.25 ? 29   ARG B CZ  1 
ATOM   845  N NH1 . ARG B 1 20 ? -7.358  -1.456  1.767   1.00 30.84 ? 29   ARG B NH1 1 
ATOM   846  N NH2 . ARG B 1 20 ? -8.163  -0.218  3.509   1.00 27.73 ? 29   ARG B NH2 1 
ATOM   847  N N   . GLU B 1 21 ? -3.193  5.525   1.483   1.00 28.59 ? 30   GLU B N   1 
ATOM   848  C CA  . GLU B 1 21 ? -1.889  5.944   0.979   1.00 28.50 ? 30   GLU B CA  1 
ATOM   849  C C   . GLU B 1 21 ? -1.192  4.781   0.275   1.00 29.01 ? 30   GLU B C   1 
ATOM   850  O O   . GLU B 1 21 ? -1.011  3.707   0.837   1.00 30.12 ? 30   GLU B O   1 
ATOM   851  C CB  . GLU B 1 21 ? -1.044  6.470   2.114   1.00 28.60 ? 30   GLU B CB  1 
ATOM   852  N N   . VAL B 1 22 ? -0.829  5.013   -0.977  1.00 30.46 ? 31   VAL B N   1 
ATOM   853  C CA  . VAL B 1 22 ? -0.177  4.020   -1.815  1.00 31.25 ? 31   VAL B CA  1 
ATOM   854  C C   . VAL B 1 22 ? 1.102   4.623   -2.380  1.00 33.19 ? 31   VAL B C   1 
ATOM   855  O O   . VAL B 1 22 ? 1.173   5.831   -2.643  1.00 33.18 ? 31   VAL B O   1 
ATOM   856  C CB  . VAL B 1 22 ? -1.089  3.617   -3.004  1.00 32.31 ? 31   VAL B CB  1 
ATOM   857  C CG1 . VAL B 1 22 ? -0.363  2.660   -3.928  1.00 29.68 ? 31   VAL B CG1 1 
ATOM   858  C CG2 . VAL B 1 22 ? -2.385  2.992   -2.484  1.00 32.18 ? 31   VAL B CG2 1 
ATOM   859  N N   . VAL B 1 23 ? 2.111   3.779   -2.562  1.00 33.82 ? 32   VAL B N   1 
ATOM   860  C CA  . VAL B 1 23 ? 3.380   4.224   -3.104  1.00 34.57 ? 32   VAL B CA  1 
ATOM   861  C C   . VAL B 1 23 ? 3.358   4.006   -4.600  1.00 37.18 ? 32   VAL B C   1 
ATOM   862  O O   . VAL B 1 23 ? 2.995   2.925   -5.077  1.00 37.01 ? 32   VAL B O   1 
ATOM   863  C CB  . VAL B 1 23 ? 4.558   3.442   -2.483  1.00 33.50 ? 32   VAL B CB  1 
ATOM   864  C CG1 . VAL B 1 23 ? 5.779   3.545   -3.368  1.00 31.28 ? 32   VAL B CG1 1 
ATOM   865  C CG2 . VAL B 1 23 ? 4.864   3.999   -1.094  1.00 32.75 ? 32   VAL B CG2 1 
ATOM   866  N N   . VAL B 1 24 ? 3.731   5.044   -5.339  1.00 39.91 ? 33   VAL B N   1 
ATOM   867  C CA  . VAL B 1 24 ? 3.764   4.978   -6.791  1.00 42.63 ? 33   VAL B CA  1 
ATOM   868  C C   . VAL B 1 24 ? 5.180   5.259   -7.257  1.00 45.45 ? 33   VAL B C   1 
ATOM   869  O O   . VAL B 1 24 ? 5.755   6.305   -6.947  1.00 46.12 ? 33   VAL B O   1 
ATOM   870  C CB  . VAL B 1 24 ? 2.807   6.011   -7.435  1.00 42.69 ? 33   VAL B CB  1 
ATOM   871  C CG1 . VAL B 1 24 ? 2.981   6.006   -8.945  1.00 43.26 ? 33   VAL B CG1 1 
ATOM   872  C CG2 . VAL B 1 24 ? 1.361   5.679   -7.084  1.00 41.99 ? 33   VAL B CG2 1 
ATOM   873  N N   . PRO B 1 25 ? 5.765   4.311   -8.001  1.00 47.78 ? 34   PRO B N   1 
ATOM   874  C CA  . PRO B 1 25 ? 7.122   4.387   -8.545  1.00 49.23 ? 34   PRO B CA  1 
ATOM   875  C C   . PRO B 1 25 ? 7.192   5.310   -9.746  1.00 50.91 ? 34   PRO B C   1 
ATOM   876  O O   . PRO B 1 25 ? 6.559   5.049   -10.765 1.00 51.87 ? 34   PRO B O   1 
ATOM   877  C CB  . PRO B 1 25 ? 7.422   2.945   -8.949  1.00 49.06 ? 34   PRO B CB  1 
ATOM   878  C CG  . PRO B 1 25 ? 6.444   2.129   -8.149  1.00 50.24 ? 34   PRO B CG  1 
ATOM   879  C CD  . PRO B 1 25 ? 5.208   2.966   -8.205  1.00 48.94 ? 34   PRO B CD  1 
ATOM   880  N N   . LEU B 1 26 ? 7.961   6.386   -9.628  1.00 53.33 ? 35   LEU B N   1 
ATOM   881  C CA  . LEU B 1 26 ? 8.112   7.320   -10.736 1.00 55.65 ? 35   LEU B CA  1 
ATOM   882  C C   . LEU B 1 26 ? 9.062   6.689   -11.735 1.00 58.37 ? 35   LEU B C   1 
ATOM   883  O O   . LEU B 1 26 ? 9.884   5.857   -11.363 1.00 59.05 ? 35   LEU B O   1 
ATOM   884  C CB  . LEU B 1 26 ? 8.686   8.647   -10.247 1.00 52.73 ? 35   LEU B CB  1 
ATOM   885  C CG  . LEU B 1 26 ? 7.816   9.393   -9.239  1.00 51.40 ? 35   LEU B CG  1 
ATOM   886  C CD1 . LEU B 1 26 ? 8.407   10.761  -8.984  1.00 50.64 ? 35   LEU B CD1 1 
ATOM   887  C CD2 . LEU B 1 26 ? 6.400   9.512   -9.773  1.00 49.91 ? 35   LEU B CD2 1 
ATOM   888  N N   . THR B 1 27 ? 8.951   7.070   -13.001 1.00 62.03 ? 36   THR B N   1 
ATOM   889  C CA  . THR B 1 27 ? 9.831   6.504   -14.013 1.00 66.17 ? 36   THR B CA  1 
ATOM   890  C C   . THR B 1 27 ? 9.554   4.999   -14.091 1.00 68.37 ? 36   THR B C   1 
ATOM   891  O O   . THR B 1 27 ? 10.318  4.237   -14.690 1.00 68.78 ? 36   THR B O   1 
ATOM   892  C CB  . THR B 1 27 ? 11.318  6.773   -13.633 1.00 67.18 ? 36   THR B CB  1 
ATOM   893  O OG1 . THR B 1 27 ? 11.570  8.184   -13.674 1.00 68.15 ? 36   THR B OG1 1 
ATOM   894  C CG2 . THR B 1 27 ? 12.276  6.066   -14.576 1.00 67.53 ? 36   THR B CG2 1 
ATOM   895  N N   . VAL B 1 28 ? 8.443   4.581   -13.490 1.00 70.77 ? 37   VAL B N   1 
ATOM   896  C CA  . VAL B 1 28 ? 8.088   3.172   -13.492 1.00 74.21 ? 37   VAL B CA  1 
ATOM   897  C C   . VAL B 1 28 ? 6.608   2.891   -13.676 1.00 76.66 ? 37   VAL B C   1 
ATOM   898  O O   . VAL B 1 28 ? 6.218   2.210   -14.630 1.00 76.69 ? 37   VAL B O   1 
ATOM   899  N N   . GLU B 1 29 ? 5.785   3.405   -12.761 1.00 78.85 ? 38   GLU B N   1 
ATOM   900  C CA  . GLU B 1 29 ? 4.347   3.196   -12.842 1.00 81.41 ? 38   GLU B CA  1 
ATOM   901  C C   . GLU B 1 29 ? 3.773   3.635   -14.179 1.00 82.98 ? 38   GLU B C   1 
ATOM   902  O O   . GLU B 1 29 ? 3.376   2.802   -15.001 1.00 83.05 ? 38   GLU B O   1 
ATOM   903  N N   . LEU B 1 30 ? 3.721   4.948   -14.392 1.00 84.02 ? 39   LEU B N   1 
ATOM   904  C CA  . LEU B 1 30 ? 3.212   5.478   -15.643 1.00 85.08 ? 39   LEU B CA  1 
ATOM   905  C C   . LEU B 1 30 ? 4.313   5.431   -16.684 1.00 85.96 ? 39   LEU B C   1 
ATOM   906  O O   . LEU B 1 30 ? 5.333   6.111   -16.539 1.00 85.92 ? 39   LEU B O   1 
ATOM   907  N N   . MET B 1 31 ? 4.107   4.622   -17.723 1.00 86.62 ? 40   MET B N   1 
ATOM   908  C CA  . MET B 1 31 ? 5.090   4.476   -18.786 1.00 87.08 ? 40   MET B CA  1 
ATOM   909  C C   . MET B 1 31 ? 5.841   5.749   -19.123 1.00 87.56 ? 40   MET B C   1 
ATOM   910  O O   . MET B 1 31 ? 6.988   5.700   -19.573 1.00 87.51 ? 40   MET B O   1 
ATOM   911  N N   . GLY B 1 32 ? 5.191   6.889   -18.901 1.00 87.90 ? 41   GLY B N   1 
ATOM   912  C CA  . GLY B 1 32 ? 5.800   8.177   -19.175 1.00 87.80 ? 41   GLY B CA  1 
ATOM   913  C C   . GLY B 1 32 ? 7.070   8.428   -18.383 1.00 87.33 ? 41   GLY B C   1 
ATOM   914  O O   . GLY B 1 32 ? 7.182   8.034   -17.217 1.00 87.14 ? 41   GLY B O   1 
ATOM   915  N N   . THR B 1 33 ? 8.026   9.096   -19.025 1.00 86.73 ? 42   THR B N   1 
ATOM   916  C CA  . THR B 1 33 ? 9.312   9.411   -18.417 1.00 86.24 ? 42   THR B CA  1 
ATOM   917  C C   . THR B 1 33 ? 9.869   8.195   -17.686 1.00 85.78 ? 42   THR B C   1 
ATOM   918  O O   . THR B 1 33 ? 9.653   8.026   -16.483 1.00 86.07 ? 42   THR B O   1 
ATOM   919  C CB  . THR B 1 33 ? 9.202   10.592  -17.420 1.00 86.43 ? 42   THR B CB  1 
ATOM   920  O OG1 . THR B 1 33 ? 8.716   11.753  -18.105 1.00 85.66 ? 42   THR B OG1 1 
ATOM   921  C CG2 . THR B 1 33 ? 10.567  10.908  -16.808 1.00 86.42 ? 42   THR B CG2 1 
ATOM   922  N N   . VAL B 1 34 ? 10.571  7.344   -18.426 1.00 84.75 ? 43   VAL B N   1 
ATOM   923  C CA  . VAL B 1 34 ? 11.174  6.151   -17.850 1.00 83.42 ? 43   VAL B CA  1 
ATOM   924  C C   . VAL B 1 34 ? 12.612  6.499   -17.469 1.00 82.51 ? 43   VAL B C   1 
ATOM   925  O O   . VAL B 1 34 ? 13.428  5.620   -17.188 1.00 83.17 ? 43   VAL B O   1 
ATOM   926  C CB  . VAL B 1 34 ? 11.173  4.976   -18.863 1.00 83.16 ? 43   VAL B CB  1 
ATOM   927  C CG1 . VAL B 1 34 ? 11.578  3.680   -18.165 1.00 82.55 ? 43   VAL B CG1 1 
ATOM   928  C CG2 . VAL B 1 34 ? 9.793   4.833   -19.490 1.00 82.72 ? 43   VAL B CG2 1 
ATOM   929  N N   . ALA B 1 35 ? 12.902  7.799   -17.444 1.00 80.85 ? 44   ALA B N   1 
ATOM   930  C CA  . ALA B 1 35 ? 14.234  8.294   -17.101 1.00 78.84 ? 44   ALA B CA  1 
ATOM   931  C C   . ALA B 1 35 ? 14.310  8.782   -15.655 1.00 76.84 ? 44   ALA B C   1 
ATOM   932  O O   . ALA B 1 35 ? 13.284  9.012   -15.008 1.00 76.03 ? 44   ALA B O   1 
ATOM   933  C CB  . ALA B 1 35 ? 14.638  9.419   -18.056 1.00 79.23 ? 44   ALA B CB  1 
ATOM   934  N N   . LYS B 1 36 ? 15.535  8.959   -15.165 1.00 74.29 ? 45   LYS B N   1 
ATOM   935  C CA  . LYS B 1 36 ? 15.731  9.395   -13.795 1.00 70.71 ? 45   LYS B CA  1 
ATOM   936  C C   . LYS B 1 36 ? 16.352  10.762  -13.562 1.00 67.84 ? 45   LYS B C   1 
ATOM   937  O O   . LYS B 1 36 ? 16.589  11.535  -14.493 1.00 68.23 ? 45   LYS B O   1 
ATOM   938  N N   . GLN B 1 37 ? 16.627  11.032  -12.287 1.00 64.50 ? 46   GLN B N   1 
ATOM   939  C CA  . GLN B 1 37 ? 17.192  12.295  -11.855 1.00 58.24 ? 46   GLN B CA  1 
ATOM   940  C C   . GLN B 1 37 ? 16.175  12.897  -10.902 1.00 54.49 ? 46   GLN B C   1 
ATOM   941  O O   . GLN B 1 37 ? 16.302  14.044  -10.477 1.00 54.11 ? 46   GLN B O   1 
ATOM   942  N N   . LEU B 1 38 ? 15.169  12.092  -10.560 1.00 50.76 ? 47   LEU B N   1 
ATOM   943  C CA  . LEU B 1 38 ? 14.078  12.504  -9.681  1.00 47.22 ? 47   LEU B CA  1 
ATOM   944  C C   . LEU B 1 38 ? 14.301  12.191  -8.214  1.00 44.98 ? 47   LEU B C   1 
ATOM   945  O O   . LEU B 1 38 ? 14.764  11.114  -7.860  1.00 46.68 ? 47   LEU B O   1 
ATOM   946  C CB  . LEU B 1 38 ? 12.777  11.840  -10.123 1.00 45.98 ? 47   LEU B CB  1 
ATOM   947  C CG  . LEU B 1 38 ? 12.477  11.934  -11.619 1.00 46.51 ? 47   LEU B CG  1 
ATOM   948  C CD1 . LEU B 1 38 ? 11.163  11.242  -11.916 1.00 46.21 ? 47   LEU B CD1 1 
ATOM   949  C CD2 . LEU B 1 38 ? 12.437  13.394  -12.052 1.00 44.95 ? 47   LEU B CD2 1 
ATOM   950  N N   . VAL B 1 39 ? 13.944  13.138  -7.361  1.00 41.71 ? 48   VAL B N   1 
ATOM   951  C CA  . VAL B 1 39 ? 14.089  12.970  -5.929  1.00 39.14 ? 48   VAL B CA  1 
ATOM   952  C C   . VAL B 1 39 ? 12.835  13.488  -5.244  1.00 37.77 ? 48   VAL B C   1 
ATOM   953  O O   . VAL B 1 39 ? 12.604  14.702  -5.200  1.00 37.66 ? 48   VAL B O   1 
ATOM   954  C CB  . VAL B 1 39 ? 15.301  13.757  -5.396  1.00 39.42 ? 48   VAL B CB  1 
ATOM   955  C CG1 . VAL B 1 39 ? 15.388  13.629  -3.877  1.00 38.55 ? 48   VAL B CG1 1 
ATOM   956  C CG2 . VAL B 1 39 ? 16.567  13.252  -6.050  1.00 39.84 ? 48   VAL B CG2 1 
ATOM   957  N N   . PRO B 1 40 ? 12.008  12.578  -4.692  1.00 35.74 ? 49   PRO B N   1 
ATOM   958  C CA  . PRO B 1 40 ? 12.163  11.120  -4.666  1.00 33.95 ? 49   PRO B CA  1 
ATOM   959  C C   . PRO B 1 40 ? 11.730  10.465  -5.962  1.00 33.26 ? 49   PRO B C   1 
ATOM   960  O O   . PRO B 1 40 ? 10.976  11.062  -6.731  1.00 34.65 ? 49   PRO B O   1 
ATOM   961  C CB  . PRO B 1 40 ? 11.272  10.706  -3.512  1.00 34.88 ? 49   PRO B CB  1 
ATOM   962  C CG  . PRO B 1 40 ? 10.162  11.681  -3.616  1.00 36.11 ? 49   PRO B CG  1 
ATOM   963  C CD  . PRO B 1 40 ? 10.896  12.985  -3.816  1.00 35.16 ? 49   PRO B CD  1 
ATOM   964  N N   . SER B 1 41 ? 12.188  9.236   -6.200  1.00 30.69 ? 50   SER B N   1 
ATOM   965  C CA  . SER B 1 41 ? 11.833  8.520   -7.422  1.00 28.27 ? 50   SER B CA  1 
ATOM   966  C C   . SER B 1 41 ? 10.524  7.756   -7.270  1.00 26.75 ? 50   SER B C   1 
ATOM   967  O O   . SER B 1 41 ? 10.240  6.814   -8.010  1.00 25.62 ? 50   SER B O   1 
ATOM   968  C CB  . SER B 1 41 ? 12.953  7.559   -7.841  1.00 30.37 ? 50   SER B CB  1 
ATOM   969  O OG  . SER B 1 41 ? 13.103  6.494   -6.922  1.00 33.27 ? 50   SER B OG  1 
ATOM   970  N N   . CYS B 1 42 ? 9.720   8.173   -6.304  1.00 24.65 ? 51   CYS B N   1 
ATOM   971  C CA  . CYS B 1 42 ? 8.431   7.548   -6.088  1.00 25.99 ? 51   CYS B CA  1 
ATOM   972  C C   . CYS B 1 42 ? 7.653   8.510   -5.211  1.00 25.50 ? 51   CYS B C   1 
ATOM   973  O O   . CYS B 1 42 ? 8.244   9.407   -4.607  1.00 24.82 ? 51   CYS B O   1 
ATOM   974  C CB  . CYS B 1 42 ? 8.593   6.181   -5.400  1.00 30.50 ? 51   CYS B CB  1 
ATOM   975  S SG  . CYS B 1 42 ? 8.940   6.196   -3.608  1.00 33.19 ? 51   CYS B SG  1 
ATOM   976  N N   . VAL B 1 43 ? 6.333   8.355   -5.156  1.00 24.54 ? 52   VAL B N   1 
ATOM   977  C CA  . VAL B 1 43 ? 5.527   9.254   -4.331  1.00 25.53 ? 52   VAL B CA  1 
ATOM   978  C C   . VAL B 1 43 ? 4.431   8.475   -3.623  1.00 24.72 ? 52   VAL B C   1 
ATOM   979  O O   . VAL B 1 43 ? 4.137   7.345   -3.995  1.00 25.62 ? 52   VAL B O   1 
ATOM   980  C CB  . VAL B 1 43 ? 4.871   10.381  -5.191  1.00 25.37 ? 52   VAL B CB  1 
ATOM   981  C CG1 . VAL B 1 43 ? 5.942   11.168  -5.929  1.00 26.41 ? 52   VAL B CG1 1 
ATOM   982  C CG2 . VAL B 1 43 ? 3.899   9.775   -6.195  1.00 26.13 ? 52   VAL B CG2 1 
ATOM   983  N N   . THR B 1 44 ? 3.830   9.085   -2.609  1.00 24.76 ? 53   THR B N   1 
ATOM   984  C CA  . THR B 1 44 ? 2.760   8.448   -1.858  1.00 27.00 ? 53   THR B CA  1 
ATOM   985  C C   . THR B 1 44 ? 1.460   9.172   -2.189  1.00 28.09 ? 53   THR B C   1 
ATOM   986  O O   . THR B 1 44 ? 1.348   10.387  -1.997  1.00 28.18 ? 53   THR B O   1 
ATOM   987  C CB  . THR B 1 44 ? 3.006   8.545   -0.319  1.00 29.18 ? 53   THR B CB  1 
ATOM   988  O OG1 . THR B 1 44 ? 4.359   8.195   -0.014  1.00 29.52 ? 53   THR B OG1 1 
ATOM   989  C CG2 . THR B 1 44 ? 2.083   7.588   0.428   1.00 29.31 ? 53   THR B CG2 1 
ATOM   990  N N   . VAL B 1 45 ? 0.466   8.428   -2.665  1.00 28.59 ? 54   VAL B N   1 
ATOM   991  C CA  . VAL B 1 45 ? -0.813  9.029   -3.029  1.00 25.33 ? 54   VAL B CA  1 
ATOM   992  C C   . VAL B 1 45 ? -2.008  8.161   -2.627  1.00 24.87 ? 54   VAL B C   1 
ATOM   993  O O   . VAL B 1 45 ? -1.950  6.941   -2.749  1.00 24.62 ? 54   VAL B O   1 
ATOM   994  C CB  . VAL B 1 45 ? -0.853  9.280   -4.562  1.00 25.28 ? 54   VAL B CB  1 
ATOM   995  C CG1 . VAL B 1 45 ? -0.862  7.954   -5.306  1.00 21.88 ? 54   VAL B CG1 1 
ATOM   996  C CG2 . VAL B 1 45 ? -2.061  10.147  -4.931  1.00 24.93 ? 54   VAL B CG2 1 
ATOM   997  N N   . GLN B 1 46 ? -3.085  8.782   -2.136  1.00 25.25 ? 55   GLN B N   1 
ATOM   998  C CA  . GLN B 1 46 ? -4.292  8.025   -1.772  1.00 26.73 ? 55   GLN B CA  1 
ATOM   999  C C   . GLN B 1 46 ? -4.915  7.364   -2.995  1.00 26.65 ? 55   GLN B C   1 
ATOM   1000 O O   . GLN B 1 46 ? -5.002  7.962   -4.061  1.00 27.30 ? 55   GLN B O   1 
ATOM   1001 C CB  . GLN B 1 46 ? -5.371  8.911   -1.186  1.00 29.69 ? 55   GLN B CB  1 
ATOM   1002 C CG  . GLN B 1 46 ? -5.205  9.346   0.231   1.00 34.45 ? 55   GLN B CG  1 
ATOM   1003 C CD  . GLN B 1 46 ? -6.527  9.848   0.768   1.00 38.86 ? 55   GLN B CD  1 
ATOM   1004 O OE1 . GLN B 1 46 ? -7.294  10.504  0.047   1.00 42.06 ? 55   GLN B OE1 1 
ATOM   1005 N NE2 . GLN B 1 46 ? -6.813  9.542   2.029   1.00 41.19 ? 55   GLN B NE2 1 
ATOM   1006 N N   . ARG B 1 47 ? -5.361  6.131   -2.824  1.00 26.51 ? 56   ARG B N   1 
ATOM   1007 C CA  . ARG B 1 47 ? -5.987  5.376   -3.890  1.00 26.51 ? 56   ARG B CA  1 
ATOM   1008 C C   . ARG B 1 47 ? -6.970  4.458   -3.222  1.00 28.22 ? 56   ARG B C   1 
ATOM   1009 O O   . ARG B 1 47 ? -7.023  4.399   -1.992  1.00 31.78 ? 56   ARG B O   1 
ATOM   1010 C CB  . ARG B 1 47 ? -4.959  4.538   -4.645  1.00 25.28 ? 56   ARG B CB  1 
ATOM   1011 C CG  . ARG B 1 47 ? -4.027  5.349   -5.516  1.00 27.25 ? 56   ARG B CG  1 
ATOM   1012 C CD  . ARG B 1 47 ? -4.816  6.176   -6.516  1.00 25.25 ? 56   ARG B CD  1 
ATOM   1013 N NE  . ARG B 1 47 ? -3.951  7.011   -7.326  1.00 25.20 ? 56   ARG B NE  1 
ATOM   1014 C CZ  . ARG B 1 47 ? -3.223  6.563   -8.336  1.00 26.22 ? 56   ARG B CZ  1 
ATOM   1015 N NH1 . ARG B 1 47 ? -3.272  5.277   -8.650  1.00 26.24 ? 56   ARG B NH1 1 
ATOM   1016 N NH2 . ARG B 1 47 ? -2.447  7.397   -9.027  1.00 23.54 ? 56   ARG B NH2 1 
ATOM   1017 N N   . CYS B 1 48 ? -7.750  3.742   -4.017  1.00 27.38 ? 57   CYS B N   1 
ATOM   1018 C CA  . CYS B 1 48 ? -8.698  2.806   -3.460  1.00 28.04 ? 57   CYS B CA  1 
ATOM   1019 C C   . CYS B 1 48 ? -8.003  1.481   -3.330  1.00 28.49 ? 57   CYS B C   1 
ATOM   1020 O O   . CYS B 1 48 ? -7.396  0.996   -4.278  1.00 29.82 ? 57   CYS B O   1 
ATOM   1021 C CB  . CYS B 1 48 ? -9.904  2.636   -4.373  1.00 29.23 ? 57   CYS B CB  1 
ATOM   1022 S SG  . CYS B 1 48 ? -10.896 4.139   -4.468  1.00 30.99 ? 57   CYS B SG  1 
ATOM   1023 N N   . GLY B 1 49 ? -8.079  0.891   -2.152  1.00 27.35 ? 58   GLY B N   1 
ATOM   1024 C CA  . GLY B 1 49 ? -7.449  -0.393  -1.987  1.00 27.89 ? 58   GLY B CA  1 
ATOM   1025 C C   . GLY B 1 49 ? -8.215  -1.168  -0.956  1.00 28.09 ? 58   GLY B C   1 
ATOM   1026 O O   . GLY B 1 49 ? -9.045  -0.612  -0.239  1.00 27.39 ? 58   GLY B O   1 
ATOM   1027 N N   . GLY B 1 50 ? -7.930  -2.457  -0.870  1.00 28.18 ? 59   GLY B N   1 
ATOM   1028 C CA  . GLY B 1 50 ? -8.623  -3.267  0.102   1.00 28.84 ? 59   GLY B CA  1 
ATOM   1029 C C   . GLY B 1 50 ? -9.372  -4.361  -0.598  1.00 27.94 ? 59   GLY B C   1 
ATOM   1030 O O   . GLY B 1 50 ? -9.033  -4.749  -1.713  1.00 28.58 ? 59   GLY B O   1 
ATOM   1031 N N   . CYS B 1 51 ? -10.406 -4.862  0.046   1.00 28.04 ? 60   CYS B N   1 
ATOM   1032 C CA  . CYS B 1 51 ? -11.145 -5.938  -0.562  1.00 32.22 ? 60   CYS B CA  1 
ATOM   1033 C C   . CYS B 1 51 ? -12.643 -5.763  -0.400  1.00 33.38 ? 60   CYS B C   1 
ATOM   1034 O O   . CYS B 1 51 ? -13.114 -4.987  0.437   1.00 31.68 ? 60   CYS B O   1 
ATOM   1035 C CB  . CYS B 1 51 ? -10.659 -7.293  0.007   1.00 32.36 ? 60   CYS B CB  1 
ATOM   1036 S SG  . CYS B 1 51 ? -10.221 -7.294  1.782   1.00 35.69 ? 60   CYS B SG  1 
ATOM   1037 N N   . CYS B 1 52 ? -13.389 -6.478  -1.229  1.00 36.84 ? 61   CYS B N   1 
ATOM   1038 C CA  . CYS B 1 52 ? -14.829 -6.387  -1.183  1.00 42.61 ? 61   CYS B CA  1 
ATOM   1039 C C   . CYS B 1 52 ? -15.467 -7.670  -0.695  1.00 46.57 ? 61   CYS B C   1 
ATOM   1040 O O   . CYS B 1 52 ? -14.992 -8.771  -0.992  1.00 46.86 ? 61   CYS B O   1 
ATOM   1041 C CB  . CYS B 1 52 ? -15.360 -6.001  -2.567  1.00 41.99 ? 61   CYS B CB  1 
ATOM   1042 S SG  . CYS B 1 52 ? -14.892 -4.297  -3.009  1.00 39.19 ? 61   CYS B SG  1 
ATOM   1043 N N   . PRO B 1 53 ? -16.552 -7.540  0.083   1.00 49.70 ? 62   PRO B N   1 
ATOM   1044 C CA  . PRO B 1 53 ? -17.299 -8.669  0.644   1.00 51.89 ? 62   PRO B CA  1 
ATOM   1045 C C   . PRO B 1 53 ? -17.628 -9.731  -0.396  1.00 54.58 ? 62   PRO B C   1 
ATOM   1046 O O   . PRO B 1 53 ? -18.192 -10.774 -0.071  1.00 55.88 ? 62   PRO B O   1 
ATOM   1047 C CB  . PRO B 1 53 ? -18.548 -7.999  1.204   1.00 51.14 ? 62   PRO B CB  1 
ATOM   1048 C CG  . PRO B 1 53 ? -18.012 -6.676  1.685   1.00 51.03 ? 62   PRO B CG  1 
ATOM   1049 C CD  . PRO B 1 53 ? -17.127 -6.256  0.526   1.00 50.04 ? 62   PRO B CD  1 
ATOM   1050 N N   . ASP B 1 54 ? -17.267 -9.473  -1.645  1.00 57.33 ? 63   ASP B N   1 
ATOM   1051 C CA  . ASP B 1 54 ? -17.556 -10.414 -2.716  1.00 60.71 ? 63   ASP B CA  1 
ATOM   1052 C C   . ASP B 1 54 ? -16.372 -10.577 -3.666  1.00 61.73 ? 63   ASP B C   1 
ATOM   1053 O O   . ASP B 1 54 ? -15.782 -9.593  -4.111  1.00 61.99 ? 63   ASP B O   1 
ATOM   1054 C CB  . ASP B 1 54 ? -18.783 -9.936  -3.493  1.00 62.78 ? 63   ASP B CB  1 
ATOM   1055 C CG  . ASP B 1 54 ? -19.315 -10.985 -4.437  1.00 64.68 ? 63   ASP B CG  1 
ATOM   1056 O OD1 . ASP B 1 54 ? -18.552 -11.442 -5.316  1.00 65.50 ? 63   ASP B OD1 1 
ATOM   1057 O OD2 . ASP B 1 54 ? -20.500 -11.352 -4.295  1.00 66.66 ? 63   ASP B OD2 1 
ATOM   1058 N N   . ASP B 1 55 ? -16.040 -11.825 -3.986  1.00 62.75 ? 64   ASP B N   1 
ATOM   1059 C CA  . ASP B 1 55 ? -14.920 -12.113 -4.876  1.00 63.30 ? 64   ASP B CA  1 
ATOM   1060 C C   . ASP B 1 55 ? -15.190 -11.586 -6.283  1.00 62.70 ? 64   ASP B C   1 
ATOM   1061 O O   . ASP B 1 55 ? -14.289 -11.530 -7.128  1.00 62.56 ? 64   ASP B O   1 
ATOM   1062 C CB  . ASP B 1 55 ? -14.658 -13.622 -4.917  1.00 64.88 ? 64   ASP B CB  1 
ATOM   1063 C CG  . ASP B 1 55 ? -13.385 -13.972 -5.667  1.00 66.44 ? 64   ASP B CG  1 
ATOM   1064 O OD1 . ASP B 1 55 ? -13.355 -13.807 -6.905  1.00 67.94 ? 64   ASP B OD1 1 
ATOM   1065 O OD2 . ASP B 1 55 ? -12.411 -14.407 -5.015  1.00 67.07 ? 64   ASP B OD2 1 
ATOM   1066 N N   . GLY B 1 56 ? -16.439 -11.195 -6.524  1.00 61.37 ? 65   GLY B N   1 
ATOM   1067 C CA  . GLY B 1 56 ? -16.816 -10.663 -7.820  1.00 59.46 ? 65   GLY B CA  1 
ATOM   1068 C C   . GLY B 1 56 ? -16.676 -9.152  -7.878  1.00 57.68 ? 65   GLY B C   1 
ATOM   1069 O O   . GLY B 1 56 ? -16.340 -8.592  -8.926  1.00 58.08 ? 65   GLY B O   1 
ATOM   1070 N N   . LEU B 1 57 ? -16.935 -8.489  -6.752  1.00 55.27 ? 66   LEU B N   1 
ATOM   1071 C CA  . LEU B 1 57 ? -16.827 -7.039  -6.686  1.00 52.81 ? 66   LEU B CA  1 
ATOM   1072 C C   . LEU B 1 57 ? -15.383 -6.585  -6.852  1.00 52.14 ? 66   LEU B C   1 
ATOM   1073 O O   . LEU B 1 57 ? -14.456 -7.401  -6.885  1.00 52.96 ? 66   LEU B O   1 
ATOM   1074 C CB  . LEU B 1 57 ? -17.361 -6.513  -5.352  1.00 51.35 ? 66   LEU B CB  1 
ATOM   1075 C CG  . LEU B 1 57 ? -18.840 -6.737  -5.037  1.00 51.69 ? 66   LEU B CG  1 
ATOM   1076 C CD1 . LEU B 1 57 ? -19.226 -5.943  -3.787  1.00 50.86 ? 66   LEU B CD1 1 
ATOM   1077 C CD2 . LEU B 1 57 ? -19.686 -6.300  -6.227  1.00 51.64 ? 66   LEU B CD2 1 
ATOM   1078 N N   . GLU B 1 58 ? -15.210 -5.272  -6.964  1.00 50.30 ? 67   GLU B N   1 
ATOM   1079 C CA  . GLU B 1 58 ? -13.901 -4.653  -7.110  1.00 47.44 ? 67   GLU B CA  1 
ATOM   1080 C C   . GLU B 1 58 ? -13.973 -3.309  -6.396  1.00 45.50 ? 67   GLU B C   1 
ATOM   1081 O O   . GLU B 1 58 ? -15.061 -2.743  -6.227  1.00 45.44 ? 67   GLU B O   1 
ATOM   1082 C CB  . GLU B 1 58 ? -13.563 -4.447  -8.582  1.00 48.45 ? 67   GLU B CB  1 
ATOM   1083 C CG  . GLU B 1 58 ? -14.536 -3.546  -9.310  1.00 51.38 ? 67   GLU B CG  1 
ATOM   1084 C CD  . GLU B 1 58 ? -14.237 -3.449  -10.790 1.00 53.84 ? 67   GLU B CD  1 
ATOM   1085 O OE1 . GLU B 1 58 ? -14.950 -2.699  -11.497 1.00 55.89 ? 67   GLU B OE1 1 
ATOM   1086 O OE2 . GLU B 1 58 ? -13.288 -4.124  -11.247 1.00 54.89 ? 67   GLU B OE2 1 
ATOM   1087 N N   . CYS B 1 59 ? -12.819 -2.814  -5.961  1.00 41.76 ? 68   CYS B N   1 
ATOM   1088 C CA  . CYS B 1 59 ? -12.740 -1.542  -5.252  1.00 37.40 ? 68   CYS B CA  1 
ATOM   1089 C C   . CYS B 1 59 ? -12.345 -0.497  -6.294  1.00 35.19 ? 68   CYS B C   1 
ATOM   1090 O O   . CYS B 1 59 ? -11.315 -0.631  -6.957  1.00 34.79 ? 68   CYS B O   1 
ATOM   1091 C CB  . CYS B 1 59 ? -11.693 -1.651  -4.138  1.00 36.05 ? 68   CYS B CB  1 
ATOM   1092 S SG  . CYS B 1 59 ? -11.594 -0.266  -2.965  1.00 34.44 ? 68   CYS B SG  1 
ATOM   1093 N N   . VAL B 1 60 ? -13.176 0.529   -6.451  1.00 31.30 ? 69   VAL B N   1 
ATOM   1094 C CA  . VAL B 1 60 ? -12.922 1.570   -7.447  1.00 28.10 ? 69   VAL B CA  1 
ATOM   1095 C C   . VAL B 1 60 ? -13.299 2.953   -6.940  1.00 25.43 ? 69   VAL B C   1 
ATOM   1096 O O   . VAL B 1 60 ? -14.143 3.088   -6.047  1.00 27.16 ? 69   VAL B O   1 
ATOM   1097 C CB  . VAL B 1 60 ? -13.708 1.289   -8.737  1.00 28.18 ? 69   VAL B CB  1 
ATOM   1098 C CG1 . VAL B 1 60 ? -13.144 0.051   -9.424  1.00 25.84 ? 69   VAL B CG1 1 
ATOM   1099 C CG2 . VAL B 1 60 ? -15.192 1.089   -8.405  1.00 26.73 ? 69   VAL B CG2 1 
ATOM   1100 N N   . PRO B 1 61 ? -12.666 4.001   -7.491  1.00 22.75 ? 70   PRO B N   1 
ATOM   1101 C CA  . PRO B 1 61 ? -12.952 5.378   -7.076  1.00 22.08 ? 70   PRO B CA  1 
ATOM   1102 C C   . PRO B 1 61 ? -14.329 5.862   -7.510  1.00 22.64 ? 70   PRO B C   1 
ATOM   1103 O O   . PRO B 1 61 ? -14.867 5.422   -8.522  1.00 19.96 ? 70   PRO B O   1 
ATOM   1104 C CB  . PRO B 1 61 ? -11.834 6.176   -7.731  1.00 20.73 ? 70   PRO B CB  1 
ATOM   1105 C CG  . PRO B 1 61 ? -11.596 5.427   -8.989  1.00 22.01 ? 70   PRO B CG  1 
ATOM   1106 C CD  . PRO B 1 61 ? -11.653 3.974   -8.560  1.00 22.31 ? 70   PRO B CD  1 
ATOM   1107 N N   . THR B 1 62 ? -14.889 6.757   -6.705  1.00 25.44 ? 71   THR B N   1 
ATOM   1108 C CA  . THR B 1 62 ? -16.193 7.363   -6.946  1.00 28.93 ? 71   THR B CA  1 
ATOM   1109 C C   . THR B 1 62 ? -16.053 8.829   -6.541  1.00 30.11 ? 71   THR B C   1 
ATOM   1110 O O   . THR B 1 62 ? -17.026 9.525   -6.260  1.00 31.05 ? 71   THR B O   1 
ATOM   1111 C CB  . THR B 1 62 ? -17.284 6.685   -6.096  1.00 28.35 ? 71   THR B CB  1 
ATOM   1112 O OG1 . THR B 1 62 ? -16.993 6.854   -4.700  1.00 28.07 ? 71   THR B OG1 1 
ATOM   1113 C CG2 . THR B 1 62 ? -17.348 5.209   -6.425  1.00 28.87 ? 71   THR B CG2 1 
ATOM   1114 N N   . GLY B 1 63 ? -14.801 9.263   -6.515  1.00 32.03 ? 72   GLY B N   1 
ATOM   1115 C CA  . GLY B 1 63 ? -14.432 10.617  -6.152  1.00 33.43 ? 72   GLY B CA  1 
ATOM   1116 C C   . GLY B 1 63 ? -12.947 10.727  -6.449  1.00 34.59 ? 72   GLY B C   1 
ATOM   1117 O O   . GLY B 1 63 ? -12.140 10.000  -5.856  1.00 34.66 ? 72   GLY B O   1 
ATOM   1118 N N   . GLN B 1 64 ? -12.593 11.612  -7.381  1.00 35.56 ? 73   GLN B N   1 
ATOM   1119 C CA  . GLN B 1 64 ? -11.207 11.816  -7.788  1.00 35.63 ? 73   GLN B CA  1 
ATOM   1120 C C   . GLN B 1 64 ? -10.805 13.269  -7.936  1.00 35.79 ? 73   GLN B C   1 
ATOM   1121 O O   . GLN B 1 64 ? -11.628 14.183  -7.843  1.00 35.63 ? 73   GLN B O   1 
ATOM   1122 C CB  . GLN B 1 64 ? -10.935 11.136  -9.116  1.00 36.17 ? 73   GLN B CB  1 
ATOM   1123 C CG  . GLN B 1 64 ? -11.041 9.656   -9.088  1.00 38.83 ? 73   GLN B CG  1 
ATOM   1124 C CD  . GLN B 1 64 ? -11.021 9.095   -10.478 1.00 41.09 ? 73   GLN B CD  1 
ATOM   1125 O OE1 . GLN B 1 64 ? -10.158 9.452   -11.285 1.00 41.83 ? 73   GLN B OE1 1 
ATOM   1126 N NE2 . GLN B 1 64 ? -11.976 8.215   -10.782 1.00 42.46 ? 73   GLN B NE2 1 
ATOM   1127 N N   . HIS B 1 65 ? -9.511  13.453  -8.177  1.00 35.30 ? 74   HIS B N   1 
ATOM   1128 C CA  . HIS B 1 65 ? -8.909  14.757  -8.360  1.00 33.94 ? 74   HIS B CA  1 
ATOM   1129 C C   . HIS B 1 65 ? -7.410  14.575  -8.502  1.00 32.97 ? 74   HIS B C   1 
ATOM   1130 O O   . HIS B 1 65 ? -6.831  13.646  -7.944  1.00 32.99 ? 74   HIS B O   1 
ATOM   1131 C CB  . HIS B 1 65 ? -9.228  15.665  -7.176  1.00 35.32 ? 74   HIS B CB  1 
ATOM   1132 C CG  . HIS B 1 65 ? -8.706  15.167  -5.866  1.00 39.70 ? 74   HIS B CG  1 
ATOM   1133 N ND1 . HIS B 1 65 ? -9.332  14.557  -4.831  1.00 41.39 ? 74   HIS B ND1 1 
ATOM   1134 C CD2 . HIS B 1 65 ? -7.389  15.310  -5.487  1.00 40.35 ? 74   HIS B CD2 1 
ATOM   1135 C CE1 . HIS B 1 65 ? -8.391  14.351  -3.852  1.00 41.94 ? 74   HIS B CE1 1 
ATOM   1136 N NE2 . HIS B 1 65 ? -7.228  14.814  -4.272  1.00 40.51 ? 74   HIS B NE2 1 
ATOM   1137 N N   . GLN B 1 66 ? -6.791  15.455  -9.277  1.00 30.94 ? 75   GLN B N   1 
ATOM   1138 C CA  . GLN B 1 66 ? -5.359  15.404  -9.498  1.00 27.92 ? 75   GLN B CA  1 
ATOM   1139 C C   . GLN B 1 66 ? -4.647  16.097  -8.347  1.00 24.94 ? 75   GLN B C   1 
ATOM   1140 O O   . GLN B 1 66 ? -5.168  17.046  -7.770  1.00 23.00 ? 75   GLN B O   1 
ATOM   1141 C CB  . GLN B 1 66 ? -5.015  16.098  -10.816 1.00 29.22 ? 75   GLN B CB  1 
ATOM   1142 C CG  . GLN B 1 66 ? -5.581  15.419  -12.055 1.00 31.44 ? 75   GLN B CG  1 
ATOM   1143 C CD  . GLN B 1 66 ? -4.756  14.219  -12.518 1.00 33.77 ? 75   GLN B CD  1 
ATOM   1144 O OE1 . GLN B 1 66 ? -3.568  14.348  -12.820 1.00 35.62 ? 75   GLN B OE1 1 
ATOM   1145 N NE2 . GLN B 1 66 ? -5.389  13.047  -12.585 1.00 33.38 ? 75   GLN B NE2 1 
ATOM   1146 N N   . VAL B 1 67 ? -3.468  15.601  -7.990  1.00 23.65 ? 76   VAL B N   1 
ATOM   1147 C CA  . VAL B 1 67 ? -2.682  16.221  -6.921  1.00 22.17 ? 76   VAL B CA  1 
ATOM   1148 C C   . VAL B 1 67 ? -1.388  16.621  -7.572  1.00 19.65 ? 76   VAL B C   1 
ATOM   1149 O O   . VAL B 1 67 ? -0.850  15.864  -8.372  1.00 18.94 ? 76   VAL B O   1 
ATOM   1150 C CB  . VAL B 1 67 ? -2.304  15.249  -5.778  1.00 22.69 ? 76   VAL B CB  1 
ATOM   1151 C CG1 . VAL B 1 67 ? -2.592  15.897  -4.448  1.00 21.76 ? 76   VAL B CG1 1 
ATOM   1152 C CG2 . VAL B 1 67 ? -3.015  13.933  -5.934  1.00 21.43 ? 76   VAL B CG2 1 
ATOM   1153 N N   . ARG B 1 68 ? -0.898  17.808  -7.256  1.00 20.49 ? 77   ARG B N   1 
ATOM   1154 C CA  . ARG B 1 68 ? 0.369   18.252  -7.821  1.00 23.15 ? 77   ARG B CA  1 
ATOM   1155 C C   . ARG B 1 68 ? 1.425   17.924  -6.768  1.00 21.79 ? 77   ARG B C   1 
ATOM   1156 O O   . ARG B 1 68 ? 1.409   18.439  -5.640  1.00 17.95 ? 77   ARG B O   1 
ATOM   1157 C CB  . ARG B 1 68 ? 0.374   19.763  -8.101  1.00 25.37 ? 77   ARG B CB  1 
ATOM   1158 C CG  . ARG B 1 68 ? -0.865  20.309  -8.785  1.00 34.87 ? 77   ARG B CG  1 
ATOM   1159 C CD  . ARG B 1 68 ? -0.993  19.865  -10.237 1.00 39.46 ? 77   ARG B CD  1 
ATOM   1160 N NE  . ARG B 1 68 ? 0.098   20.350  -11.081 1.00 43.00 ? 77   ARG B NE  1 
ATOM   1161 C CZ  . ARG B 1 68 ? 0.030   20.460  -12.409 1.00 44.13 ? 77   ARG B CZ  1 
ATOM   1162 N NH1 . ARG B 1 68 ? -1.084  20.132  -13.055 1.00 42.74 ? 77   ARG B NH1 1 
ATOM   1163 N NH2 . ARG B 1 68 ? 1.086   20.882  -13.099 1.00 44.65 ? 77   ARG B NH2 1 
ATOM   1164 N N   . MET B 1 69 ? 2.335   17.049  -7.151  1.00 22.85 ? 78   MET B N   1 
ATOM   1165 C CA  . MET B 1 69 ? 3.405   16.621  -6.276  1.00 24.22 ? 78   MET B CA  1 
ATOM   1166 C C   . MET B 1 69 ? 4.699   17.313  -6.677  1.00 23.48 ? 78   MET B C   1 
ATOM   1167 O O   . MET B 1 69 ? 5.189   17.085  -7.774  1.00 22.50 ? 78   MET B O   1 
ATOM   1168 C CB  . MET B 1 69 ? 3.583   15.104  -6.413  1.00 27.26 ? 78   MET B CB  1 
ATOM   1169 C CG  . MET B 1 69 ? 3.463   14.319  -5.123  1.00 27.78 ? 78   MET B CG  1 
ATOM   1170 S SD  . MET B 1 69 ? 1.795   14.205  -4.483  1.00 29.50 ? 78   MET B SD  1 
ATOM   1171 C CE  . MET B 1 69 ? 1.366   12.586  -5.017  1.00 26.72 ? 78   MET B CE  1 
ATOM   1172 N N   . GLN B 1 70 ? 5.247   18.166  -5.815  1.00 24.39 ? 79   GLN B N   1 
ATOM   1173 C CA  . GLN B 1 70 ? 6.523   18.809  -6.141  1.00 27.98 ? 79   GLN B CA  1 
ATOM   1174 C C   . GLN B 1 70 ? 7.628   17.748  -6.095  1.00 30.51 ? 79   GLN B C   1 
ATOM   1175 O O   . GLN B 1 70 ? 7.833   17.087  -5.073  1.00 30.42 ? 79   GLN B O   1 
ATOM   1176 C CB  . GLN B 1 70 ? 6.848   19.932  -5.158  1.00 25.87 ? 79   GLN B CB  1 
ATOM   1177 C CG  . GLN B 1 70 ? 5.786   21.007  -5.108  1.00 27.79 ? 79   GLN B CG  1 
ATOM   1178 C CD  . GLN B 1 70 ? 6.283   22.280  -4.470  1.00 28.27 ? 79   GLN B CD  1 
ATOM   1179 O OE1 . GLN B 1 70 ? 6.942   22.250  -3.434  1.00 28.90 ? 79   GLN B OE1 1 
ATOM   1180 N NE2 . GLN B 1 70 ? 5.965   23.413  -5.083  1.00 28.08 ? 79   GLN B NE2 1 
ATOM   1181 N N   . ILE B 1 71 ? 8.320   17.588  -7.217  1.00 33.67 ? 80   ILE B N   1 
ATOM   1182 C CA  . ILE B 1 71 ? 9.389   16.611  -7.365  1.00 35.94 ? 80   ILE B CA  1 
ATOM   1183 C C   . ILE B 1 71 ? 10.686  17.275  -7.797  1.00 37.86 ? 80   ILE B C   1 
ATOM   1184 O O   . ILE B 1 71 ? 10.722  17.966  -8.811  1.00 37.33 ? 80   ILE B O   1 
ATOM   1185 C CB  . ILE B 1 71 ? 9.027   15.578  -8.431  1.00 36.06 ? 80   ILE B CB  1 
ATOM   1186 C CG1 . ILE B 1 71 ? 7.777   14.821  -8.009  1.00 36.73 ? 80   ILE B CG1 1 
ATOM   1187 C CG2 . ILE B 1 71 ? 10.180  14.625  -8.650  1.00 36.31 ? 80   ILE B CG2 1 
ATOM   1188 C CD1 . ILE B 1 71 ? 7.370   13.760  -9.002  1.00 38.34 ? 80   ILE B CD1 1 
ATOM   1189 N N   . LEU B 1 72 ? 11.757  17.057  -7.038  1.00 40.56 ? 81   LEU B N   1 
ATOM   1190 C CA  . LEU B 1 72 ? 13.042  17.645  -7.386  1.00 42.49 ? 81   LEU B CA  1 
ATOM   1191 C C   . LEU B 1 72 ? 13.680  16.917  -8.553  1.00 43.99 ? 81   LEU B C   1 
ATOM   1192 O O   . LEU B 1 72 ? 13.964  15.727  -8.484  1.00 44.07 ? 81   LEU B O   1 
ATOM   1193 C CB  . LEU B 1 72 ? 13.990  17.631  -6.196  1.00 42.22 ? 81   LEU B CB  1 
ATOM   1194 C CG  . LEU B 1 72 ? 14.608  19.020  -6.040  1.00 43.38 ? 81   LEU B CG  1 
ATOM   1195 C CD1 . LEU B 1 72 ? 15.324  19.135  -4.700  1.00 44.05 ? 81   LEU B CD1 1 
ATOM   1196 C CD2 . LEU B 1 72 ? 15.538  19.285  -7.218  1.00 42.06 ? 81   LEU B CD2 1 
ATOM   1197 N N   . MET B 1 73 ? 13.884  17.647  -9.638  1.00 46.68 ? 82   MET B N   1 
ATOM   1198 C CA  . MET B 1 73 ? 14.487  17.090  -10.836 1.00 48.35 ? 82   MET B CA  1 
ATOM   1199 C C   . MET B 1 73 ? 15.954  17.478  -10.829 1.00 48.99 ? 82   MET B C   1 
ATOM   1200 O O   . MET B 1 73 ? 16.310  18.582  -10.408 1.00 48.56 ? 82   MET B O   1 
ATOM   1201 C CB  . MET B 1 73 ? 13.790  17.653  -12.067 1.00 49.39 ? 82   MET B CB  1 
ATOM   1202 C CG  . MET B 1 73 ? 12.307  17.368  -12.094 1.00 50.16 ? 82   MET B CG  1 
ATOM   1203 S SD  . MET B 1 73 ? 11.463  18.507  -13.178 1.00 52.46 ? 82   MET B SD  1 
ATOM   1204 C CE  . MET B 1 73 ? 11.973  17.887  -14.797 1.00 49.18 ? 82   MET B CE  1 
ATOM   1205 N N   . ILE B 1 74 ? 16.807  16.578  -11.301 1.00 49.71 ? 83   ILE B N   1 
ATOM   1206 C CA  . ILE B 1 74 ? 18.228  16.859  -11.294 1.00 50.62 ? 83   ILE B CA  1 
ATOM   1207 C C   . ILE B 1 74 ? 19.009  16.508  -12.552 1.00 50.21 ? 83   ILE B C   1 
ATOM   1208 O O   . ILE B 1 74 ? 18.783  15.478  -13.187 1.00 49.63 ? 83   ILE B O   1 
ATOM   1209 C CB  . ILE B 1 74 ? 18.902  16.165  -10.084 1.00 51.27 ? 83   ILE B CB  1 
ATOM   1210 C CG1 . ILE B 1 74 ? 18.319  16.720  -8.781  1.00 52.07 ? 83   ILE B CG1 1 
ATOM   1211 C CG2 . ILE B 1 74 ? 20.406  16.392  -10.110 1.00 52.31 ? 83   ILE B CG2 1 
ATOM   1212 C CD1 . ILE B 1 74 ? 18.944  16.146  -7.530  1.00 52.13 ? 83   ILE B CD1 1 
ATOM   1213 N N   . ARG B 1 75 ? 19.915  17.420  -12.901 1.00 49.56 ? 84   ARG B N   1 
ATOM   1214 C CA  . ARG B 1 75 ? 20.845  17.288  -14.021 1.00 50.27 ? 84   ARG B CA  1 
ATOM   1215 C C   . ARG B 1 75 ? 22.044  17.982  -13.370 1.00 51.53 ? 84   ARG B C   1 
ATOM   1216 O O   . ARG B 1 75 ? 22.217  19.206  -13.466 1.00 50.28 ? 84   ARG B O   1 
ATOM   1217 C CB  . ARG B 1 75 ? 20.359  18.052  -15.230 1.00 51.36 ? 84   ARG B CB  1 
ATOM   1218 N N   . TYR B 1 76 ? 22.833  17.157  -12.675 1.00 52.31 ? 85   TYR B N   1 
ATOM   1219 C CA  . TYR B 1 76 ? 23.992  17.562  -11.880 1.00 52.14 ? 85   TYR B CA  1 
ATOM   1220 C C   . TYR B 1 76 ? 24.125  19.011  -11.418 1.00 52.35 ? 85   TYR B C   1 
ATOM   1221 O O   . TYR B 1 76 ? 23.763  19.329  -10.279 1.00 54.27 ? 85   TYR B O   1 
ATOM   1222 C CB  . TYR B 1 76 ? 25.332  17.140  -12.506 1.00 50.92 ? 85   TYR B CB  1 
ATOM   1223 C CG  . TYR B 1 76 ? 26.480  17.832  -11.789 1.00 51.24 ? 85   TYR B CG  1 
ATOM   1224 C CD1 . TYR B 1 76 ? 26.518  17.879  -10.388 1.00 50.74 ? 85   TYR B CD1 1 
ATOM   1225 C CD2 . TYR B 1 76 ? 27.435  18.565  -12.494 1.00 51.85 ? 85   TYR B CD2 1 
ATOM   1226 C CE1 . TYR B 1 76 ? 27.464  18.653  -9.714  1.00 51.11 ? 85   TYR B CE1 1 
ATOM   1227 C CE2 . TYR B 1 76 ? 28.391  19.341  -11.825 1.00 51.17 ? 85   TYR B CE2 1 
ATOM   1228 C CZ  . TYR B 1 76 ? 28.394  19.383  -10.437 1.00 50.50 ? 85   TYR B CZ  1 
ATOM   1229 O OH  . TYR B 1 76 ? 29.311  20.173  -9.776  1.00 49.01 ? 85   TYR B OH  1 
ATOM   1230 N N   . PRO B 1 77 ? 24.647  19.909  -12.273 1.00 50.47 ? 86   PRO B N   1 
ATOM   1231 C CA  . PRO B 1 77 ? 24.761  21.271  -11.752 1.00 48.88 ? 86   PRO B CA  1 
ATOM   1232 C C   . PRO B 1 77 ? 23.445  21.837  -11.243 1.00 48.34 ? 86   PRO B C   1 
ATOM   1233 O O   . PRO B 1 77 ? 23.391  22.451  -10.171 1.00 48.03 ? 86   PRO B O   1 
ATOM   1234 C CB  . PRO B 1 77 ? 25.319  22.044  -12.940 1.00 49.25 ? 86   PRO B CB  1 
ATOM   1235 C CG  . PRO B 1 77 ? 24.684  21.345  -14.102 1.00 49.34 ? 86   PRO B CG  1 
ATOM   1236 C CD  . PRO B 1 77 ? 24.827  19.889  -13.738 1.00 49.03 ? 86   PRO B CD  1 
ATOM   1237 N N   . SER B 1 78 ? 22.374  21.599  -11.992 1.00 46.35 ? 87   SER B N   1 
ATOM   1238 C CA  . SER B 1 78 ? 21.080  22.134  -11.606 1.00 45.04 ? 87   SER B CA  1 
ATOM   1239 C C   . SER B 1 78 ? 20.048  21.129  -11.125 1.00 43.79 ? 87   SER B C   1 
ATOM   1240 O O   . SER B 1 78 ? 19.826  20.085  -11.738 1.00 42.67 ? 87   SER B O   1 
ATOM   1241 C CB  . SER B 1 78 ? 20.502  22.956  -12.765 1.00 45.09 ? 87   SER B CB  1 
ATOM   1242 O OG  . SER B 1 78 ? 20.466  22.201  -13.967 1.00 42.85 ? 87   SER B OG  1 
ATOM   1243 N N   . SER B 1 79 ? 19.429  21.462  -10.001 1.00 43.90 ? 88   SER B N   1 
ATOM   1244 C CA  . SER B 1 79 ? 18.376  20.640  -9.420  1.00 44.61 ? 88   SER B CA  1 
ATOM   1245 C C   . SER B 1 79 ? 17.162  21.560  -9.388  1.00 42.61 ? 88   SER B C   1 
ATOM   1246 O O   . SER B 1 79 ? 17.155  22.592  -8.713  1.00 41.77 ? 88   SER B O   1 
ATOM   1247 C CB  . SER B 1 79 ? 18.748  20.174  -8.000  1.00 45.15 ? 88   SER B CB  1 
ATOM   1248 O OG  . SER B 1 79 ? 18.900  21.266  -7.109  1.00 47.76 ? 88   SER B OG  1 
ATOM   1249 N N   . GLN B 1 80 ? 16.136  21.192  -10.134 1.00 42.18 ? 89   GLN B N   1 
ATOM   1250 C CA  . GLN B 1 80 ? 14.955  22.031  -10.191 1.00 42.21 ? 89   GLN B CA  1 
ATOM   1251 C C   . GLN B 1 80 ? 13.703  21.343  -9.689  1.00 40.07 ? 89   GLN B C   1 
ATOM   1252 O O   . GLN B 1 80 ? 13.370  20.228  -10.095 1.00 38.10 ? 89   GLN B O   1 
ATOM   1253 C CB  . GLN B 1 80 ? 14.739  22.526  -11.622 1.00 43.27 ? 89   GLN B CB  1 
ATOM   1254 C CG  . GLN B 1 80 ? 13.747  23.666  -11.737 1.00 46.60 ? 89   GLN B CG  1 
ATOM   1255 C CD  . GLN B 1 80 ? 13.578  24.140  -13.165 1.00 47.21 ? 89   GLN B CD  1 
ATOM   1256 O OE1 . GLN B 1 80 ? 13.263  23.353  -14.055 1.00 48.59 ? 89   GLN B OE1 1 
ATOM   1257 N NE2 . GLN B 1 80 ? 13.788  25.432  -13.391 1.00 47.88 ? 89   GLN B NE2 1 
ATOM   1258 N N   . LEU B 1 81 ? 13.011  22.040  -8.800  1.00 39.63 ? 90   LEU B N   1 
ATOM   1259 C CA  . LEU B 1 81 ? 11.779  21.545  -8.219  1.00 40.97 ? 90   LEU B CA  1 
ATOM   1260 C C   . LEU B 1 81 ? 10.673  21.617  -9.271  1.00 41.72 ? 90   LEU B C   1 
ATOM   1261 O O   . LEU B 1 81 ? 10.210  22.698  -9.627  1.00 42.70 ? 90   LEU B O   1 
ATOM   1262 C CB  . LEU B 1 81 ? 11.427  22.399  -7.005  1.00 40.28 ? 90   LEU B CB  1 
ATOM   1263 C CG  . LEU B 1 81 ? 10.666  21.753  -5.853  1.00 40.82 ? 90   LEU B CG  1 
ATOM   1264 C CD1 . LEU B 1 81 ? 11.226  20.371  -5.540  1.00 40.81 ? 90   LEU B CD1 1 
ATOM   1265 C CD2 . LEU B 1 81 ? 10.776  22.662  -4.648  1.00 40.51 ? 90   LEU B CD2 1 
ATOM   1266 N N   . GLY B 1 82 ? 10.278  20.458  -9.790  1.00 42.67 ? 91   GLY B N   1 
ATOM   1267 C CA  . GLY B 1 82 ? 9.231   20.398  -10.794 1.00 41.19 ? 91   GLY B CA  1 
ATOM   1268 C C   . GLY B 1 82 ? 7.918   19.973  -10.164 1.00 41.34 ? 91   GLY B C   1 
ATOM   1269 O O   . GLY B 1 82 ? 7.829   19.808  -8.946  1.00 41.09 ? 91   GLY B O   1 
ATOM   1270 N N   . GLU B 1 83 ? 6.893   19.785  -10.984 1.00 40.31 ? 92   GLU B N   1 
ATOM   1271 C CA  . GLU B 1 83 ? 5.599   19.391  -10.452 1.00 39.14 ? 92   GLU B CA  1 
ATOM   1272 C C   . GLU B 1 83 ? 4.949   18.291  -11.255 1.00 38.61 ? 92   GLU B C   1 
ATOM   1273 O O   . GLU B 1 83 ? 4.628   18.469  -12.425 1.00 38.88 ? 92   GLU B O   1 
ATOM   1274 C CB  . GLU B 1 83 ? 4.673   20.598  -10.407 1.00 39.58 ? 92   GLU B CB  1 
ATOM   1275 C CG  . GLU B 1 83 ? 4.018   20.809  -9.067  1.00 37.71 ? 92   GLU B CG  1 
ATOM   1276 C CD  . GLU B 1 83 ? 3.295   22.123  -9.009  1.00 39.20 ? 92   GLU B CD  1 
ATOM   1277 O OE1 . GLU B 1 83 ? 2.371   22.325  -9.832  1.00 39.19 ? 92   GLU B OE1 1 
ATOM   1278 O OE2 . GLU B 1 83 ? 3.653   22.953  -8.144  1.00 39.32 ? 92   GLU B OE2 1 
ATOM   1279 N N   . MET B 1 84 ? 4.762   17.141  -10.625 1.00 37.59 ? 93   MET B N   1 
ATOM   1280 C CA  . MET B 1 84 ? 4.132   16.026  -11.300 1.00 36.79 ? 93   MET B CA  1 
ATOM   1281 C C   . MET B 1 84 ? 2.713   15.924  -10.769 1.00 34.43 ? 93   MET B C   1 
ATOM   1282 O O   . MET B 1 84 ? 2.467   16.129  -9.580  1.00 34.62 ? 93   MET B O   1 
ATOM   1283 C CB  . MET B 1 84 ? 4.896   14.738  -11.028 1.00 40.77 ? 93   MET B CB  1 
ATOM   1284 C CG  . MET B 1 84 ? 4.331   13.534  -11.753 1.00 46.06 ? 93   MET B CG  1 
ATOM   1285 S SD  . MET B 1 84 ? 5.060   12.019  -11.124 1.00 52.02 ? 93   MET B SD  1 
ATOM   1286 C CE  . MET B 1 84 ? 4.311   11.985  -9.483  1.00 50.45 ? 93   MET B CE  1 
ATOM   1287 N N   . SER B 1 85 ? 1.779   15.611  -11.657 1.00 31.52 ? 94   SER B N   1 
ATOM   1288 C CA  . SER B 1 85 ? 0.379   15.515  -11.286 1.00 28.96 ? 94   SER B CA  1 
ATOM   1289 C C   . SER B 1 85 ? -0.163  14.102  -11.416 1.00 27.44 ? 94   SER B C   1 
ATOM   1290 O O   . SER B 1 85 ? 0.220   13.372  -12.315 1.00 26.44 ? 94   SER B O   1 
ATOM   1291 C CB  . SER B 1 85 ? -0.441  16.459  -12.175 1.00 29.74 ? 94   SER B CB  1 
ATOM   1292 O OG  . SER B 1 85 ? -1.835  16.201  -12.085 1.00 29.55 ? 94   SER B OG  1 
ATOM   1293 N N   . LEU B 1 86 ? -1.039  13.704  -10.500 1.00 25.90 ? 95   LEU B N   1 
ATOM   1294 C CA  . LEU B 1 86 ? -1.648  12.388  -10.612 1.00 26.06 ? 95   LEU B CA  1 
ATOM   1295 C C   . LEU B 1 86 ? -2.981  12.260  -9.914  1.00 24.56 ? 95   LEU B C   1 
ATOM   1296 O O   . LEU B 1 86 ? -3.370  13.090  -9.106  1.00 24.51 ? 95   LEU B O   1 
ATOM   1297 C CB  . LEU B 1 86 ? -0.702  11.262  -10.155 1.00 27.39 ? 95   LEU B CB  1 
ATOM   1298 C CG  . LEU B 1 86 ? 0.333   11.480  -9.059  1.00 28.21 ? 95   LEU B CG  1 
ATOM   1299 C CD1 . LEU B 1 86 ? -0.278  12.221  -7.893  1.00 28.98 ? 95   LEU B CD1 1 
ATOM   1300 C CD2 . LEU B 1 86 ? 0.875   10.128  -8.640  1.00 29.23 ? 95   LEU B CD2 1 
ATOM   1301 N N   . GLU B 1 87 ? -3.681  11.198  -10.273 1.00 25.40 ? 96   GLU B N   1 
ATOM   1302 C CA  . GLU B 1 87 ? -4.991  10.887  -9.749  1.00 27.69 ? 96   GLU B CA  1 
ATOM   1303 C C   . GLU B 1 87 ? -4.912  10.406  -8.295  1.00 29.63 ? 96   GLU B C   1 
ATOM   1304 O O   . GLU B 1 87 ? -4.191  9.457   -7.980  1.00 29.33 ? 96   GLU B O   1 
ATOM   1305 C CB  . GLU B 1 87 ? -5.604  9.801   -10.633 1.00 28.73 ? 96   GLU B CB  1 
ATOM   1306 C CG  . GLU B 1 87 ? -7.094  9.598   -10.527 1.00 32.67 ? 96   GLU B CG  1 
ATOM   1307 C CD  . GLU B 1 87 ? -7.532  8.320   -11.249 1.00 37.42 ? 96   GLU B CD  1 
ATOM   1308 O OE1 . GLU B 1 87 ? -6.886  7.955   -12.259 1.00 38.78 ? 96   GLU B OE1 1 
ATOM   1309 O OE2 . GLU B 1 87 ? -8.519  7.677   -10.818 1.00 39.13 ? 96   GLU B OE2 1 
ATOM   1310 N N   . GLU B 1 88 ? -5.652  11.083  -7.423  1.00 30.23 ? 97   GLU B N   1 
ATOM   1311 C CA  . GLU B 1 88 ? -5.740  10.745  -6.013  1.00 29.61 ? 97   GLU B CA  1 
ATOM   1312 C C   . GLU B 1 88 ? -7.217  10.469  -5.742  1.00 29.40 ? 97   GLU B C   1 
ATOM   1313 O O   . GLU B 1 88 ? -8.083  11.225  -6.178  1.00 30.82 ? 97   GLU B O   1 
ATOM   1314 C CB  . GLU B 1 88 ? -5.264  11.913  -5.154  1.00 32.12 ? 97   GLU B CB  1 
ATOM   1315 C CG  . GLU B 1 88 ? -5.236  11.619  -3.658  1.00 36.20 ? 97   GLU B CG  1 
ATOM   1316 C CD  . GLU B 1 88 ? -4.370  12.603  -2.886  1.00 38.69 ? 97   GLU B CD  1 
ATOM   1317 O OE1 . GLU B 1 88 ? -4.758  13.791  -2.773  1.00 40.08 ? 97   GLU B OE1 1 
ATOM   1318 O OE2 . GLU B 1 88 ? -3.293  12.184  -2.401  1.00 37.91 ? 97   GLU B OE2 1 
ATOM   1319 N N   . HIS B 1 89 ? -7.516  9.392   -5.025  1.00 27.25 ? 98   HIS B N   1 
ATOM   1320 C CA  . HIS B 1 89 ? -8.901  9.057   -4.741  1.00 24.14 ? 98   HIS B CA  1 
ATOM   1321 C C   . HIS B 1 89 ? -9.369  9.607   -3.406  1.00 25.54 ? 98   HIS B C   1 
ATOM   1322 O O   . HIS B 1 89 ? -8.581  9.783   -2.472  1.00 28.13 ? 98   HIS B O   1 
ATOM   1323 C CB  . HIS B 1 89 ? -9.088  7.549   -4.801  1.00 20.26 ? 98   HIS B CB  1 
ATOM   1324 C CG  . HIS B 1 89 ? -8.644  6.946   -6.097  1.00 17.63 ? 98   HIS B CG  1 
ATOM   1325 N ND1 . HIS B 1 89 ? -8.634  5.585   -6.323  1.00 18.40 ? 98   HIS B ND1 1 
ATOM   1326 C CD2 . HIS B 1 89 ? -8.181  7.517   -7.235  1.00 17.98 ? 98   HIS B CD2 1 
ATOM   1327 C CE1 . HIS B 1 89 ? -8.182  5.345   -7.543  1.00 18.17 ? 98   HIS B CE1 1 
ATOM   1328 N NE2 . HIS B 1 89 ? -7.900  6.500   -8.117  1.00 17.90 ? 98   HIS B NE2 1 
ATOM   1329 N N   . SER B 1 90 ? -10.661 9.894   -3.322  1.00 26.25 ? 99   SER B N   1 
ATOM   1330 C CA  . SER B 1 90 ? -11.227 10.442  -2.104  1.00 26.07 ? 99   SER B CA  1 
ATOM   1331 C C   . SER B 1 90 ? -12.410 9.623   -1.611  1.00 25.14 ? 99   SER B C   1 
ATOM   1332 O O   . SER B 1 90 ? -12.812 9.754   -0.462  1.00 25.93 ? 99   SER B O   1 
ATOM   1333 C CB  . SER B 1 90 ? -11.661 11.889  -2.345  1.00 28.54 ? 99   SER B CB  1 
ATOM   1334 O OG  . SER B 1 90 ? -12.645 11.947  -3.373  1.00 33.02 ? 99   SER B OG  1 
ATOM   1335 N N   . GLN B 1 91 ? -12.976 8.795   -2.485  1.00 24.44 ? 100  GLN B N   1 
ATOM   1336 C CA  . GLN B 1 91 ? -14.122 7.955   -2.128  1.00 25.80 ? 100  GLN B CA  1 
ATOM   1337 C C   . GLN B 1 91 ? -14.027 6.693   -2.945  1.00 24.51 ? 100  GLN B C   1 
ATOM   1338 O O   . GLN B 1 91 ? -13.646 6.735   -4.107  1.00 24.30 ? 100  GLN B O   1 
ATOM   1339 C CB  . GLN B 1 91 ? -15.471 8.627   -2.445  1.00 29.64 ? 100  GLN B CB  1 
ATOM   1340 C CG  . GLN B 1 91 ? -15.849 9.830   -1.596  1.00 34.27 ? 100  GLN B CG  1 
ATOM   1341 C CD  . GLN B 1 91 ? -17.346 10.138  -1.680  1.00 39.76 ? 100  GLN B CD  1 
ATOM   1342 O OE1 . GLN B 1 91 ? -17.937 10.133  -2.769  1.00 41.78 ? 100  GLN B OE1 1 
ATOM   1343 N NE2 . GLN B 1 91 ? -17.964 10.414  -0.529  1.00 40.46 ? 100  GLN B NE2 1 
ATOM   1344 N N   . CYS B 1 92 ? -14.396 5.572   -2.346  1.00 24.26 ? 101  CYS B N   1 
ATOM   1345 C CA  . CYS B 1 92 ? -14.302 4.306   -3.041  1.00 26.34 ? 101  CYS B CA  1 
ATOM   1346 C C   . CYS B 1 92 ? -15.557 3.517   -2.793  1.00 28.01 ? 101  CYS B C   1 
ATOM   1347 O O   . CYS B 1 92 ? -16.295 3.786   -1.848  1.00 29.70 ? 101  CYS B O   1 
ATOM   1348 C CB  . CYS B 1 92 ? -13.094 3.524   -2.518  1.00 28.66 ? 101  CYS B CB  1 
ATOM   1349 S SG  . CYS B 1 92 ? -11.533 4.460   -2.570  1.00 28.70 ? 101  CYS B SG  1 
ATOM   1350 N N   . GLU B 1 93 ? -15.798 2.526   -3.631  1.00 28.55 ? 102  GLU B N   1 
ATOM   1351 C CA  . GLU B 1 93 ? -16.978 1.717   -3.465  1.00 30.44 ? 102  GLU B CA  1 
ATOM   1352 C C   . GLU B 1 93 ? -16.703 0.361   -4.065  1.00 32.62 ? 102  GLU B C   1 
ATOM   1353 O O   . GLU B 1 93 ? -15.820 0.210   -4.921  1.00 31.36 ? 102  GLU B O   1 
ATOM   1354 C CB  . GLU B 1 93 ? -18.174 2.369   -4.181  1.00 31.96 ? 102  GLU B CB  1 
ATOM   1355 C CG  . GLU B 1 93 ? -19.168 3.088   -3.271  1.00 33.22 ? 102  GLU B CG  1 
ATOM   1356 C CD  . GLU B 1 93 ? -20.356 3.695   -4.037  1.00 35.45 ? 102  GLU B CD  1 
ATOM   1357 O OE1 . GLU B 1 93 ? -20.873 3.047   -4.973  1.00 33.72 ? 102  GLU B OE1 1 
ATOM   1358 O OE2 . GLU B 1 93 ? -20.783 4.817   -3.688  1.00 35.37 ? 102  GLU B OE2 1 
ATOM   1359 N N   . CYS B 1 94 ? -17.455 -0.629  -3.600  1.00 36.04 ? 103  CYS B N   1 
ATOM   1360 C CA  . CYS B 1 94 ? -17.335 -1.984  -4.106  1.00 40.55 ? 103  CYS B CA  1 
ATOM   1361 C C   . CYS B 1 94 ? -18.388 -2.142  -5.205  1.00 44.89 ? 103  CYS B C   1 
ATOM   1362 O O   . CYS B 1 94 ? -19.509 -1.636  -5.083  1.00 44.90 ? 103  CYS B O   1 
ATOM   1363 C CB  . CYS B 1 94 ? -17.572 -2.986  -2.968  1.00 41.27 ? 103  CYS B CB  1 
ATOM   1364 S SG  . CYS B 1 94 ? -16.136 -3.176  -1.857  1.00 38.89 ? 103  CYS B SG  1 
ATOM   1365 N N   . ARG B 1 95 ? -18.035 -2.828  -6.285  1.00 48.81 ? 104  ARG B N   1 
ATOM   1366 C CA  . ARG B 1 95 ? -18.980 -3.002  -7.371  1.00 52.71 ? 104  ARG B CA  1 
ATOM   1367 C C   . ARG B 1 95 ? -18.499 -4.005  -8.404  1.00 55.47 ? 104  ARG B C   1 
ATOM   1368 O O   . ARG B 1 95 ? -17.296 -4.151  -8.621  1.00 55.52 ? 104  ARG B O   1 
ATOM   1369 C CB  . ARG B 1 95 ? -19.238 -1.661  -8.050  1.00 54.55 ? 104  ARG B CB  1 
ATOM   1370 C CG  . ARG B 1 95 ? -17.991 -0.964  -8.551  1.00 55.48 ? 104  ARG B CG  1 
ATOM   1371 C CD  . ARG B 1 95 ? -18.377 0.212   -9.418  1.00 58.25 ? 104  ARG B CD  1 
ATOM   1372 N NE  . ARG B 1 95 ? -19.448 0.993   -8.802  1.00 61.06 ? 104  ARG B NE  1 
ATOM   1373 C CZ  . ARG B 1 95 ? -19.315 1.698   -7.683  1.00 61.95 ? 104  ARG B CZ  1 
ATOM   1374 N NH1 . ARG B 1 95 ? -18.149 1.729   -7.049  1.00 62.18 ? 104  ARG B NH1 1 
ATOM   1375 N NH2 . ARG B 1 95 ? -20.350 2.370   -7.198  1.00 61.68 ? 104  ARG B NH2 1 
ATOM   1376 N N   . PRO B 1 96 ? -19.444 -4.683  -9.080  1.00 57.96 ? 105  PRO B N   1 
ATOM   1377 C CA  . PRO B 1 96 ? -19.189 -5.697  -10.112 1.00 60.36 ? 105  PRO B CA  1 
ATOM   1378 C C   . PRO B 1 96 ? -18.131 -5.327  -11.136 1.00 62.67 ? 105  PRO B C   1 
ATOM   1379 O O   . PRO B 1 96 ? -18.273 -4.346  -11.862 1.00 63.68 ? 105  PRO B O   1 
ATOM   1380 C CB  . PRO B 1 96 ? -20.566 -5.904  -10.747 1.00 60.41 ? 105  PRO B CB  1 
ATOM   1381 C CG  . PRO B 1 96 ? -21.279 -4.600  -10.473 1.00 59.38 ? 105  PRO B CG  1 
ATOM   1382 C CD  . PRO B 1 96 ? -20.871 -4.315  -9.060  1.00 57.99 ? 105  PRO B CD  1 
ATOM   1383 N N   . LYS B 1 97 ? -17.069 -6.122  -11.191 1.00 65.45 ? 106  LYS B N   1 
ATOM   1384 C CA  . LYS B 1 97 ? -15.997 -5.860  -12.132 1.00 68.48 ? 106  LYS B CA  1 
ATOM   1385 C C   . LYS B 1 97 ? -16.333 -6.340  -13.529 1.00 70.77 ? 106  LYS B C   1 
ATOM   1386 O O   . LYS B 1 97 ? -15.513 -6.992  -14.182 1.00 71.37 ? 106  LYS B O   1 
ATOM   1387 N N   . LYS B 1 98 ? -17.543 -6.019  -13.987 1.00 72.33 ? 107  LYS B N   1 
ATOM   1388 C CA  . LYS B 1 98 ? -18.006 -6.413  -15.317 1.00 72.85 ? 107  LYS B CA  1 
ATOM   1389 C C   . LYS B 1 98 ? -17.328 -5.584  -16.412 1.00 73.11 ? 107  LYS B C   1 
ATOM   1390 O O   . LYS B 1 98 ? -16.679 -6.188  -17.295 1.00 72.93 ? 107  LYS B O   1 
ATOM   1391 C CB  . LYS B 1 98 ? -19.527 -6.261  -15.402 1.00 72.65 ? 107  LYS B CB  1 
ATOM   1392 N N   . LYS B 1 99 ? -17.453 -4.339  -16.372 1.00 73.28 ? 108  LYS B N   1 
HETATM 1393 C C1  . MPD C 2 .  ? 9.093   25.055  -6.732  1.00 55.78 ? 1108 MPD B C1  1 
HETATM 1394 C C2  . MPD C 2 .  ? 8.006   26.014  -7.235  1.00 55.67 ? 1108 MPD B C2  1 
HETATM 1395 O O2  . MPD C 2 .  ? 6.728   25.628  -6.707  1.00 56.52 ? 1108 MPD B O2  1 
HETATM 1396 C CM  . MPD C 2 .  ? 8.320   27.425  -6.763  1.00 54.62 ? 1108 MPD B CM  1 
HETATM 1397 C C3  . MPD C 2 .  ? 7.952   26.002  -8.792  1.00 56.04 ? 1108 MPD B C3  1 
HETATM 1398 C C4  . MPD C 2 .  ? 7.651   24.601  -9.387  1.00 54.68 ? 1108 MPD B C4  1 
HETATM 1399 O O4  . MPD C 2 .  ? 6.412   24.079  -8.900  1.00 54.22 ? 1108 MPD B O4  1 
HETATM 1400 C C5  . MPD C 2 .  ? 7.614   24.694  -10.914 1.00 54.44 ? 1108 MPD B C5  1 
HETATM 1401 O O   . HOH D 3 .  ? -3.638  23.191  -10.081 1.00 36.27 ? 2001 HOH A O   1 
HETATM 1402 O O   . HOH D 3 .  ? 0.138   22.150  0.424   1.00 23.78 ? 2002 HOH A O   1 
HETATM 1403 O O   . HOH D 3 .  ? 2.226   19.844  1.586   1.00 23.06 ? 2003 HOH A O   1 
HETATM 1404 O O   . HOH D 3 .  ? 6.017   19.838  6.520   1.00 47.55 ? 2004 HOH A O   1 
HETATM 1405 O O   . HOH D 3 .  ? 2.240   18.426  6.092   1.00 48.57 ? 2005 HOH A O   1 
HETATM 1406 O O   . HOH D 3 .  ? 16.272  10.536  3.306   1.00 38.68 ? 2006 HOH A O   1 
HETATM 1407 O O   . HOH D 3 .  ? 10.325  9.313   7.944   1.00 38.94 ? 2007 HOH A O   1 
HETATM 1408 O O   . HOH D 3 .  ? -1.171  13.538  -0.048  1.00 47.54 ? 2008 HOH A O   1 
HETATM 1409 O O   . HOH D 3 .  ? 12.669  4.920   7.982   1.00 22.59 ? 2009 HOH A O   1 
HETATM 1410 O O   . HOH D 3 .  ? 3.856   6.123   6.227   1.00 30.77 ? 2010 HOH A O   1 
HETATM 1411 O O   . HOH D 3 .  ? -6.745  2.100   7.230   1.00 41.96 ? 2011 HOH A O   1 
HETATM 1412 O O   . HOH D 3 .  ? -1.706  -18.778 -4.096  1.00 38.35 ? 2012 HOH A O   1 
HETATM 1413 O O   . HOH D 3 .  ? 9.149   -6.681  18.448  1.00 39.82 ? 2013 HOH A O   1 
HETATM 1414 O O   . HOH D 3 .  ? -1.100  -18.548 21.096  1.00 43.95 ? 2014 HOH A O   1 
HETATM 1415 O O   . HOH D 3 .  ? -8.472  -25.683 4.000   1.00 43.05 ? 2015 HOH A O   1 
HETATM 1416 O O   . HOH D 3 .  ? -14.315 -23.825 9.514   1.00 48.07 ? 2016 HOH A O   1 
HETATM 1417 O O   . HOH D 3 .  ? 11.140  3.926   12.270  1.00 42.68 ? 2017 HOH A O   1 
HETATM 1418 O O   . HOH D 3 .  ? -6.793  -5.035  8.039   1.00 15.03 ? 2018 HOH A O   1 
HETATM 1419 O O   . HOH D 3 .  ? 5.325   -6.466  0.884   1.00 29.53 ? 2019 HOH A O   1 
HETATM 1420 O O   . HOH D 3 .  ? 3.015   -11.848 2.687   1.00 33.21 ? 2020 HOH A O   1 
HETATM 1421 O O   . HOH D 3 .  ? 7.368   0.544   -1.774  1.00 27.22 ? 2021 HOH A O   1 
HETATM 1422 O O   . HOH D 3 .  ? 13.502  3.405   -5.223  1.00 44.76 ? 2022 HOH A O   1 
HETATM 1423 O O   . HOH D 3 .  ? 15.655  4.334   -6.630  1.00 24.17 ? 2023 HOH A O   1 
HETATM 1424 O O   . HOH D 3 .  ? 15.576  -8.221  10.840  1.00 45.78 ? 2024 HOH A O   1 
HETATM 1425 O O   . HOH D 3 .  ? 10.311  -6.535  16.498  1.00 43.20 ? 2025 HOH A O   1 
HETATM 1426 O O   . HOH D 3 .  ? 2.983   -14.852 16.052  1.00 23.83 ? 2026 HOH A O   1 
HETATM 1427 O O   . HOH D 3 .  ? 0.337   -17.620 19.342  1.00 27.44 ? 2027 HOH A O   1 
HETATM 1428 O O   . HOH D 3 .  ? -11.665 -9.817  19.132  1.00 30.17 ? 2028 HOH A O   1 
HETATM 1429 O O   . HOH D 3 .  ? -14.767 -29.538 0.614   1.00 37.33 ? 2029 HOH A O   1 
HETATM 1430 O O   . HOH D 3 .  ? -18.989 -27.439 1.838   1.00 47.07 ? 2030 HOH A O   1 
HETATM 1431 O O   . HOH D 3 .  ? -31.284 -21.373 8.322   1.00 49.31 ? 2031 HOH A O   1 
HETATM 1432 O O   . HOH D 3 .  ? -19.853 -23.380 11.145  1.00 40.82 ? 2032 HOH A O   1 
HETATM 1433 O O   . HOH D 3 .  ? -15.674 -16.468 16.234  1.00 39.65 ? 2033 HOH A O   1 
HETATM 1434 O O   . HOH D 3 .  ? -6.147  -19.438 15.075  1.00 42.05 ? 2034 HOH A O   1 
HETATM 1435 O O   . HOH D 3 .  ? 4.148   -13.225 6.404   1.00 36.38 ? 2035 HOH A O   1 
HETATM 1436 O O   . HOH D 3 .  ? 16.371  -1.524  17.131  1.00 39.91 ? 2036 HOH A O   1 
HETATM 1437 O O   . HOH D 3 .  ? 12.119  3.091   10.078  1.00 20.29 ? 2037 HOH A O   1 
HETATM 1438 O O   . HOH D 3 .  ? 15.464  3.164   11.000  1.00 38.88 ? 2038 HOH A O   1 
HETATM 1439 O O   . HOH D 3 .  ? 17.413  3.460   5.000   1.00 49.88 ? 2039 HOH A O   1 
HETATM 1440 O O   . HOH D 3 .  ? 25.541  -1.540  7.058   1.00 43.33 ? 2040 HOH A O   1 
HETATM 1441 O O   . HOH E 3 .  ? 2.338   -11.402 21.505  1.00 41.23 ? 2001 HOH B O   1 
HETATM 1442 O O   . HOH E 3 .  ? 4.301   -8.691  20.136  1.00 28.91 ? 2002 HOH B O   1 
HETATM 1443 O O   . HOH E 3 .  ? 2.710   -9.009  22.400  1.00 40.08 ? 2003 HOH B O   1 
HETATM 1444 O O   . HOH E 3 .  ? -7.281  -4.591  18.188  1.00 37.20 ? 2004 HOH B O   1 
HETATM 1445 O O   . HOH E 3 .  ? -13.487 -7.656  16.416  1.00 36.32 ? 2005 HOH B O   1 
HETATM 1446 O O   . HOH E 3 .  ? -5.904  -0.864  17.318  1.00 40.48 ? 2006 HOH B O   1 
HETATM 1447 O O   . HOH E 3 .  ? -8.009  0.679   17.215  1.00 37.92 ? 2007 HOH B O   1 
HETATM 1448 O O   . HOH E 3 .  ? -2.402  -3.288  12.346  1.00 51.14 ? 2008 HOH B O   1 
HETATM 1449 O O   . HOH E 3 .  ? 7.618   9.979   -15.170 1.00 42.26 ? 2009 HOH B O   1 
HETATM 1450 O O   . HOH E 3 .  ? 11.378  13.520  -18.187 1.00 39.08 ? 2010 HOH B O   1 
HETATM 1451 O O   . HOH E 3 .  ? 17.026  13.934  -14.338 1.00 47.20 ? 2011 HOH B O   1 
HETATM 1452 O O   . HOH E 3 .  ? 9.117   22.940  -13.580 1.00 47.17 ? 2012 HOH B O   1 
HETATM 1453 O O   . HOH E 3 .  ? -6.328  17.161  1.897   1.00 51.98 ? 2013 HOH B O   1 
HETATM 1454 O O   . HOH E 3 .  ? 5.062   10.894  -1.149  1.00 17.93 ? 2014 HOH B O   1 
HETATM 1455 O O   . HOH E 3 .  ? -8.899  14.030  -0.085  1.00 40.87 ? 2015 HOH B O   1 
HETATM 1456 O O   . HOH E 3 .  ? -3.182  2.002   -7.781  1.00 33.30 ? 2016 HOH B O   1 
HETATM 1457 O O   . HOH E 3 .  ? -0.323  5.159   -11.190 1.00 40.06 ? 2017 HOH B O   1 
HETATM 1458 O O   . HOH E 3 .  ? -5.217  -2.811  -2.542  1.00 19.89 ? 2018 HOH B O   1 
HETATM 1459 O O   . HOH E 3 .  ? -15.070 -16.727 -4.663  1.00 47.05 ? 2019 HOH B O   1 
HETATM 1460 O O   . HOH E 3 .  ? -16.097 1.673   -12.165 1.00 45.92 ? 2020 HOH B O   1 
HETATM 1461 O O   . HOH E 3 .  ? -15.131 8.503   -10.429 1.00 38.71 ? 2021 HOH B O   1 
HETATM 1462 O O   . HOH E 3 .  ? -12.299 16.583  -6.402  1.00 27.02 ? 2022 HOH B O   1 
HETATM 1463 O O   . HOH E 3 .  ? -3.103  10.657  -13.856 1.00 40.74 ? 2023 HOH B O   1 
HETATM 1464 O O   . HOH E 3 .  ? 1.228   22.599  -16.111 1.00 47.32 ? 2024 HOH B O   1 
HETATM 1465 O O   . HOH E 3 .  ? 7.666   23.811  -1.443  1.00 23.77 ? 2025 HOH B O   1 
HETATM 1466 O O   . HOH E 3 .  ? 22.799  18.774  -7.918  1.00 44.93 ? 2026 HOH B O   1 
HETATM 1467 O O   . HOH E 3 .  ? 5.434   20.620  -15.096 1.00 29.98 ? 2027 HOH B O   1 
HETATM 1468 O O   . HOH E 3 .  ? 6.169   21.858  -12.968 1.00 42.07 ? 2028 HOH B O   1 
HETATM 1469 O O   . HOH E 3 .  ? 2.106   15.405  -14.586 1.00 31.08 ? 2029 HOH B O   1 
HETATM 1470 O O   . HOH E 3 .  ? -9.684  5.702   -11.900 1.00 44.66 ? 2030 HOH B O   1 
HETATM 1471 O O   . HOH E 3 .  ? -3.787  15.644  -0.719  1.00 28.81 ? 2031 HOH B O   1 
HETATM 1472 O O   . HOH E 3 .  ? -14.796 5.822   0.687   1.00 26.76 ? 2032 HOH B O   1 
HETATM 1473 O O   . HOH E 3 .  ? -23.414 5.612   -2.614  1.00 31.17 ? 2033 HOH B O   1 
HETATM 1474 O O   . HOH E 3 .  ? -20.266 3.887   -9.729  1.00 37.55 ? 2034 HOH B O   1 
# 
